data_8Z00
#
_entry.id   8Z00
#
_cell.length_a   1.00
_cell.length_b   1.00
_cell.length_c   1.00
_cell.angle_alpha   90.00
_cell.angle_beta   90.00
_cell.angle_gamma   90.00
#
_symmetry.space_group_name_H-M   'P 1'
#
loop_
_entity.id
_entity.type
_entity.pdbx_description
1 polymer 'ABC transporter G family member 23-like Protein'
2 non-polymer 'Lauryl Maltose Neopentyl Glycol'
3 non-polymer '[(2~{R})-1-[2-azanylethoxy(oxidanyl)phosphoryl]oxy-3-[(5~{Z},8~{Z},11~{E},14~{E},17~{Z})-icosa-5,8,11,14,17-pentaenoxy]propan-2-yl] octadecanoate'
4 non-polymer (~{E})-~{N}-[(2~{S},3~{R})-1,3-bis(oxidanyl)octadecan-2-yl]octadec-9-enamide
#
_entity_poly.entity_id   1
_entity_poly.type   'polypeptide(L)'
_entity_poly.pdbx_seq_one_letter_code
;MGEDDKLKRMFSWSSNALSEGSAMGERVEPVVPGPDLVGVNVERPPAPLVHQQSTVWSKRQHAVCVRHAFKQYGSKKNPN
HVLSDLNMTVAKGTIYGLLGASGCGKTTLLSCIVGRRRLNTGEIWVLGGKPGTKGSGVPGKRVGYMPQEIALYGEFSIKE
TMMYFGWIFGMESSEINERLQFLLNFLDLPSQNRLVKNLSGGQQRRVSFAVALMHDPELLILDEPTVGVDPLLRQSIWNH
LVQITKDGNKTVIITTHYIEEARQAHTIGLMRSGKLLAEESPHVLLSMYGCQSLEEVFLKLSRKQGQANQNDINISNNIS
LATLNWGKKDSISVTEESGVVGLNFHQSKEILIADSTNGHIDLNGLGKPSSSKSSMADACDDCSCSDMTSWGKIKALLQK
NFLRMWRNVGVMLFIFALPVMQVILFCLAIGRDPTGLKLAIVNHEKNYTNQSYQECSFDYGCKFSYLSCRYLNNLRNSTI
LKEYYPDPESAVDAVKQGHAWGALYFTENFTDALVARMALGKDADPETLDQSEVRVWLDMSNQQIGIILQRDLQLSYQDF
AKDLLGACEQNPDLAEIPISFKEPIYGSNKPSFTDFVAPGVILTIVFFLAVALTSSALIIERMEGLLDRSWVAGVTPGEI
LFSHVVTQFVVMCGQTALVLIFMILVFGVQCKGDIGWVIVLTILQGLCGMCFGFVISAICELERNAIQLALGSFYPTLLL
SGVIWPIEGMPTVLRYVSTFLPLTLATTSLRAMLTRGWSIAEPAVYYGFLATIIWIVAFLTISMLVLRFKR
;
_entity_poly.pdbx_strand_id   A,B
#
loop_
_chem_comp.id
_chem_comp.type
_chem_comp.name
_chem_comp.formula
A1D7S non-polymer '[(2~{R})-1-[2-azanylethoxy(oxidanyl)phosphoryl]oxy-3-[(5~{Z},8~{Z},11~{E},14~{E},17~{Z})-icosa-5,8,11,14,17-pentaenoxy]propan-2-yl] octadecanoate' 'C43 H78 N O7 P'
A1D7T non-polymer (~{E})-~{N}-[(2~{S},3~{R})-1,3-bis(oxidanyl)octadecan-2-yl]octadec-9-enamide 'C36 H71 N O3'
AV0 non-polymer 'Lauryl Maltose Neopentyl Glycol' 'C47 H88 O22'
#
# COMPACT_ATOMS: atom_id res chain seq x y z
N HIS A 62 -0.43 -54.18 -4.91
CA HIS A 62 -1.12 -53.10 -4.21
C HIS A 62 -0.38 -51.77 -4.41
N ALA A 63 -1.09 -50.80 -5.00
CA ALA A 63 -0.48 -49.50 -5.25
C ALA A 63 -0.58 -48.59 -4.03
N VAL A 64 -1.75 -48.53 -3.40
CA VAL A 64 -1.99 -47.65 -2.27
C VAL A 64 -2.57 -48.47 -1.12
N CYS A 65 -2.03 -48.29 0.08
CA CYS A 65 -2.56 -48.90 1.29
C CYS A 65 -2.59 -47.86 2.39
N VAL A 66 -3.78 -47.66 2.98
CA VAL A 66 -3.98 -46.68 4.04
C VAL A 66 -4.59 -47.39 5.24
N ARG A 67 -4.04 -47.13 6.43
CA ARG A 67 -4.49 -47.81 7.64
C ARG A 67 -4.64 -46.80 8.77
N HIS A 68 -5.86 -46.69 9.31
CA HIS A 68 -6.14 -45.92 10.51
C HIS A 68 -5.72 -44.45 10.38
N ALA A 69 -6.16 -43.82 9.30
CA ALA A 69 -5.76 -42.45 8.98
C ALA A 69 -6.70 -41.46 9.66
N PHE A 70 -6.22 -40.79 10.70
CA PHE A 70 -6.98 -39.80 11.43
C PHE A 70 -6.60 -38.39 10.98
N LYS A 71 -7.60 -37.56 10.71
CA LYS A 71 -7.37 -36.18 10.30
C LYS A 71 -8.58 -35.33 10.68
N GLN A 72 -8.31 -34.09 11.08
CA GLN A 72 -9.37 -33.16 11.45
C GLN A 72 -8.94 -31.75 11.11
N TYR A 73 -9.93 -30.86 10.98
CA TYR A 73 -9.69 -29.47 10.55
C TYR A 73 -10.60 -28.57 11.37
N GLY A 74 -10.04 -27.92 12.38
CA GLY A 74 -10.80 -26.98 13.18
C GLY A 74 -10.11 -26.71 14.50
N SER A 75 -10.87 -26.10 15.40
CA SER A 75 -10.39 -25.77 16.74
C SER A 75 -10.75 -26.87 17.73
N LYS A 76 -10.08 -26.84 18.88
CA LYS A 76 -10.31 -27.88 19.90
C LYS A 76 -11.71 -27.79 20.49
N LYS A 77 -12.28 -26.59 20.54
CA LYS A 77 -13.61 -26.42 21.12
C LYS A 77 -14.67 -27.17 20.31
N ASN A 78 -14.65 -26.99 18.99
CA ASN A 78 -15.61 -27.62 18.09
C ASN A 78 -14.85 -28.23 16.91
N PRO A 79 -14.18 -29.36 17.13
CA PRO A 79 -13.42 -29.98 16.04
C PRO A 79 -14.32 -30.48 14.93
N ASN A 80 -13.80 -30.43 13.71
CA ASN A 80 -14.48 -30.94 12.52
C ASN A 80 -13.69 -32.14 12.04
N HIS A 81 -14.17 -33.34 12.38
CA HIS A 81 -13.45 -34.59 12.11
C HIS A 81 -13.62 -34.95 10.64
N VAL A 82 -12.65 -34.54 9.83
CA VAL A 82 -12.68 -34.88 8.41
C VAL A 82 -12.44 -36.37 8.21
N LEU A 83 -11.52 -36.95 8.98
CA LEU A 83 -11.18 -38.36 8.86
C LEU A 83 -11.29 -39.04 10.20
N SER A 84 -11.50 -40.36 10.15
CA SER A 84 -11.54 -41.22 11.33
C SER A 84 -10.80 -42.50 10.97
N ASP A 85 -10.98 -43.55 11.77
CA ASP A 85 -10.34 -44.82 11.48
C ASP A 85 -10.77 -45.29 10.09
N LEU A 86 -9.83 -45.28 9.14
CA LEU A 86 -10.13 -45.51 7.74
C LEU A 86 -9.10 -46.46 7.15
N ASN A 87 -9.58 -47.48 6.43
CA ASN A 87 -8.73 -48.43 5.72
C ASN A 87 -9.10 -48.41 4.25
N MET A 88 -8.09 -48.25 3.40
CA MET A 88 -8.30 -48.15 1.96
C MET A 88 -7.21 -48.94 1.25
N THR A 89 -7.61 -49.74 0.27
CA THR A 89 -6.69 -50.61 -0.47
C THR A 89 -6.98 -50.50 -1.95
N VAL A 90 -5.97 -50.09 -2.73
CA VAL A 90 -6.09 -49.92 -4.17
C VAL A 90 -5.17 -50.92 -4.85
N ALA A 91 -5.72 -51.71 -5.76
CA ALA A 91 -4.96 -52.75 -6.44
C ALA A 91 -4.32 -52.20 -7.70
N LYS A 92 -3.24 -52.84 -8.12
CA LYS A 92 -2.49 -52.42 -9.29
C LYS A 92 -3.19 -52.86 -10.56
N GLY A 93 -3.47 -51.90 -11.45
CA GLY A 93 -4.06 -52.21 -12.74
C GLY A 93 -5.56 -52.07 -12.84
N THR A 94 -6.21 -51.43 -11.86
CA THR A 94 -7.66 -51.28 -11.86
C THR A 94 -8.03 -49.81 -11.72
N ILE A 95 -9.32 -49.53 -11.84
CA ILE A 95 -9.89 -48.21 -11.59
C ILE A 95 -10.58 -48.23 -10.24
N TYR A 96 -10.24 -47.28 -9.39
CA TYR A 96 -10.83 -47.15 -8.06
C TYR A 96 -11.61 -45.85 -7.98
N GLY A 97 -12.88 -45.95 -7.59
CA GLY A 97 -13.73 -44.78 -7.49
C GLY A 97 -14.15 -44.45 -6.07
N LEU A 98 -13.85 -43.23 -5.63
CA LEU A 98 -14.23 -42.75 -4.31
C LEU A 98 -15.51 -41.95 -4.44
N LEU A 99 -16.54 -42.33 -3.69
CA LEU A 99 -17.89 -41.80 -3.86
C LEU A 99 -18.43 -41.26 -2.54
N GLY A 100 -17.62 -40.46 -1.85
CA GLY A 100 -18.06 -39.86 -0.62
C GLY A 100 -19.14 -38.81 -0.83
N ALA A 101 -19.90 -38.57 0.23
CA ALA A 101 -20.99 -37.60 0.17
C ALA A 101 -20.48 -36.17 0.15
N SER A 102 -19.46 -35.87 0.95
CA SER A 102 -18.89 -34.53 1.04
C SER A 102 -17.52 -34.51 0.40
N GLY A 103 -17.18 -33.40 -0.26
CA GLY A 103 -15.90 -33.27 -0.94
C GLY A 103 -14.73 -32.94 -0.03
N CYS A 104 -14.98 -32.66 1.25
CA CYS A 104 -13.88 -32.36 2.16
C CYS A 104 -13.06 -33.60 2.48
N GLY A 105 -13.72 -34.72 2.76
CA GLY A 105 -13.00 -35.94 3.07
C GLY A 105 -12.20 -36.49 1.90
N LYS A 106 -12.82 -36.51 0.72
CA LYS A 106 -12.13 -37.03 -0.46
C LYS A 106 -10.93 -36.18 -0.83
N THR A 107 -11.08 -34.86 -0.79
CA THR A 107 -9.97 -33.97 -1.11
C THR A 107 -8.83 -34.14 -0.13
N THR A 108 -9.14 -34.23 1.16
CA THR A 108 -8.10 -34.43 2.18
C THR A 108 -7.41 -35.77 1.99
N LEU A 109 -8.16 -36.82 1.69
CA LEU A 109 -7.55 -38.13 1.48
C LEU A 109 -6.62 -38.12 0.28
N LEU A 110 -7.05 -37.50 -0.83
CA LEU A 110 -6.20 -37.42 -2.01
C LEU A 110 -4.95 -36.59 -1.74
N SER A 111 -5.11 -35.48 -1.01
CA SER A 111 -3.95 -34.64 -0.68
C SER A 111 -2.96 -35.37 0.21
N CYS A 112 -3.46 -36.17 1.16
CA CYS A 112 -2.57 -36.96 1.99
C CYS A 112 -1.90 -38.07 1.18
N ILE A 113 -2.59 -38.63 0.19
CA ILE A 113 -1.99 -39.64 -0.65
C ILE A 113 -0.85 -39.05 -1.49
N VAL A 114 -1.08 -37.88 -2.09
CA VAL A 114 -0.04 -37.28 -2.93
C VAL A 114 1.06 -36.58 -2.13
N GLY A 115 0.90 -36.47 -0.81
CA GLY A 115 1.96 -35.97 0.05
C GLY A 115 1.94 -34.49 0.34
N ARG A 116 1.05 -33.72 -0.28
CA ARG A 116 1.00 -32.29 -0.04
C ARG A 116 0.38 -31.92 1.29
N ARG A 117 -0.26 -32.88 1.98
CA ARG A 117 -0.76 -32.67 3.33
C ARG A 117 -0.44 -33.90 4.16
N ARG A 118 -0.35 -33.69 5.47
CA ARG A 118 -0.04 -34.75 6.42
C ARG A 118 -1.17 -34.87 7.44
N LEU A 119 -1.56 -36.11 7.73
CA LEU A 119 -2.64 -36.41 8.66
C LEU A 119 -2.09 -36.74 10.05
N ASN A 120 -2.95 -36.60 11.06
CA ASN A 120 -2.50 -36.61 12.44
C ASN A 120 -1.91 -37.95 12.85
N THR A 121 -2.63 -39.04 12.60
CA THR A 121 -2.16 -40.36 12.99
C THR A 121 -2.66 -41.40 12.00
N GLY A 122 -1.74 -42.19 11.46
CA GLY A 122 -2.09 -43.19 10.47
C GLY A 122 -0.88 -43.63 9.68
N GLU A 123 -1.16 -44.37 8.61
CA GLU A 123 -0.11 -44.91 7.76
C GLU A 123 -0.54 -44.82 6.31
N ILE A 124 0.35 -44.33 5.45
CA ILE A 124 0.11 -44.26 4.02
C ILE A 124 1.28 -44.93 3.30
N TRP A 125 0.97 -45.81 2.36
CA TRP A 125 1.97 -46.56 1.60
C TRP A 125 1.59 -46.48 0.13
N VAL A 126 2.33 -45.70 -0.66
CA VAL A 126 2.04 -45.49 -2.07
C VAL A 126 3.28 -45.80 -2.89
N LEU A 127 3.17 -46.76 -3.80
CA LEU A 127 4.17 -47.05 -4.81
C LEU A 127 5.54 -47.40 -4.22
N GLY A 128 5.60 -47.85 -2.98
CA GLY A 128 6.87 -48.28 -2.42
C GLY A 128 7.12 -47.85 -0.99
N GLY A 129 6.46 -46.80 -0.54
CA GLY A 129 6.68 -46.33 0.81
C GLY A 129 5.88 -45.08 1.09
N LYS A 130 6.23 -44.43 2.20
CA LYS A 130 5.55 -43.21 2.60
C LYS A 130 5.82 -42.11 1.58
N PRO A 131 4.81 -41.36 1.17
CA PRO A 131 5.04 -40.28 0.20
C PRO A 131 6.02 -39.25 0.72
N GLY A 132 6.86 -38.74 -0.17
CA GLY A 132 7.85 -37.75 0.16
C GLY A 132 9.19 -38.29 0.60
N THR A 133 9.31 -39.60 0.82
CA THR A 133 10.54 -40.24 1.22
C THR A 133 11.06 -41.12 0.09
N LYS A 134 12.18 -41.80 0.36
CA LYS A 134 12.76 -42.69 -0.63
C LYS A 134 11.95 -43.98 -0.73
N GLY A 135 12.17 -44.71 -1.81
CA GLY A 135 11.35 -45.89 -2.08
C GLY A 135 10.05 -45.58 -2.76
N SER A 136 9.27 -44.67 -2.19
CA SER A 136 8.03 -44.24 -2.83
C SER A 136 8.33 -43.35 -4.02
N GLY A 137 7.49 -43.42 -5.04
CA GLY A 137 7.64 -42.58 -6.20
C GLY A 137 6.53 -41.55 -6.34
N VAL A 138 6.07 -41.02 -5.22
CA VAL A 138 4.93 -40.10 -5.22
C VAL A 138 5.36 -38.73 -5.75
N PRO A 139 6.36 -38.05 -5.17
CA PRO A 139 6.70 -36.74 -5.74
C PRO A 139 7.63 -36.87 -6.95
N GLY A 140 7.03 -37.16 -8.10
CA GLY A 140 7.81 -37.34 -9.30
C GLY A 140 6.94 -37.57 -10.52
N LYS A 141 7.57 -38.07 -11.56
CA LYS A 141 6.91 -38.31 -12.84
C LYS A 141 6.20 -39.65 -12.90
N ARG A 142 6.22 -40.43 -11.82
CA ARG A 142 5.48 -41.69 -11.77
C ARG A 142 4.01 -41.50 -11.41
N VAL A 143 3.58 -40.28 -11.09
CA VAL A 143 2.21 -40.00 -10.72
C VAL A 143 1.71 -38.82 -11.53
N GLY A 144 0.38 -38.76 -11.70
CA GLY A 144 -0.27 -37.64 -12.36
C GLY A 144 -1.41 -37.11 -11.52
N TYR A 145 -1.33 -35.85 -11.10
CA TYR A 145 -2.26 -35.26 -10.15
C TYR A 145 -3.07 -34.16 -10.82
N MET A 146 -4.39 -34.24 -10.68
CA MET A 146 -5.30 -33.18 -11.11
C MET A 146 -5.95 -32.57 -9.88
N PRO A 147 -5.52 -31.39 -9.44
CA PRO A 147 -6.03 -30.84 -8.18
C PRO A 147 -7.48 -30.39 -8.30
N GLN A 148 -8.09 -30.13 -7.15
CA GLN A 148 -9.49 -29.72 -7.11
C GLN A 148 -9.70 -28.39 -7.80
N GLU A 149 -8.82 -27.43 -7.58
CA GLU A 149 -8.89 -26.12 -8.20
C GLU A 149 -8.00 -26.04 -9.43
N ILE A 150 -8.28 -25.06 -10.28
CA ILE A 150 -7.47 -24.86 -11.47
C ILE A 150 -6.13 -24.26 -11.04
N ALA A 151 -5.05 -25.00 -11.30
CA ALA A 151 -3.73 -24.58 -10.87
C ALA A 151 -2.83 -24.32 -12.07
N LEU A 152 -3.35 -23.63 -13.07
CA LEU A 152 -2.61 -23.30 -14.27
C LEU A 152 -2.20 -21.83 -14.25
N TYR A 153 -1.08 -21.53 -14.91
CA TYR A 153 -0.61 -20.15 -15.04
C TYR A 153 -1.35 -19.45 -16.16
N GLY A 154 -1.84 -18.25 -15.89
CA GLY A 154 -2.39 -17.41 -16.93
C GLY A 154 -1.30 -16.92 -17.86
N GLU A 155 -1.69 -15.99 -18.72
CA GLU A 155 -0.79 -15.33 -19.67
C GLU A 155 0.15 -16.31 -20.37
N PHE A 156 -0.28 -17.56 -20.49
CA PHE A 156 0.49 -18.62 -21.15
C PHE A 156 -0.43 -19.37 -22.09
N SER A 157 0.05 -19.67 -23.28
CA SER A 157 -0.76 -20.44 -24.21
C SER A 157 -0.80 -21.90 -23.75
N ILE A 158 -1.67 -22.67 -24.41
CA ILE A 158 -1.78 -24.09 -24.08
C ILE A 158 -0.45 -24.80 -24.39
N LYS A 159 0.11 -24.52 -25.57
CA LYS A 159 1.34 -25.17 -25.99
C LYS A 159 2.48 -24.85 -25.03
N GLU A 160 2.60 -23.59 -24.61
CA GLU A 160 3.67 -23.22 -23.70
C GLU A 160 3.51 -23.89 -22.34
N THR A 161 2.26 -24.03 -21.86
CA THR A 161 2.02 -24.76 -20.62
C THR A 161 2.48 -26.20 -20.72
N MET A 162 2.11 -26.87 -21.82
CA MET A 162 2.51 -28.27 -21.98
C MET A 162 4.03 -28.40 -22.10
N MET A 163 4.68 -27.50 -22.83
CA MET A 163 6.13 -27.57 -22.93
C MET A 163 6.81 -27.32 -21.59
N TYR A 164 6.31 -26.37 -20.80
CA TYR A 164 6.89 -26.11 -19.50
C TYR A 164 6.76 -27.33 -18.59
N PHE A 165 5.57 -27.93 -18.55
CA PHE A 165 5.38 -29.09 -17.67
C PHE A 165 6.16 -30.30 -18.18
N GLY A 166 6.29 -30.46 -19.50
CA GLY A 166 7.12 -31.54 -20.03
C GLY A 166 8.58 -31.36 -19.71
N TRP A 167 9.06 -30.10 -19.75
CA TRP A 167 10.43 -29.83 -19.35
C TRP A 167 10.64 -30.14 -17.87
N ILE A 168 9.63 -29.87 -17.04
CA ILE A 168 9.73 -30.22 -15.63
C ILE A 168 9.92 -31.72 -15.46
N PHE A 169 9.19 -32.52 -16.24
CA PHE A 169 9.25 -33.97 -16.14
C PHE A 169 10.43 -34.57 -16.90
N GLY A 170 11.21 -33.76 -17.61
CA GLY A 170 12.38 -34.26 -18.31
C GLY A 170 12.14 -34.82 -19.69
N MET A 171 10.93 -34.69 -20.23
CA MET A 171 10.64 -35.20 -21.55
C MET A 171 11.27 -34.31 -22.62
N GLU A 172 11.57 -34.92 -23.76
CA GLU A 172 12.13 -34.20 -24.89
C GLU A 172 11.05 -33.38 -25.58
N SER A 173 11.48 -32.28 -26.23
CA SER A 173 10.52 -31.39 -26.88
C SER A 173 9.82 -32.03 -28.07
N SER A 174 10.42 -33.06 -28.67
CA SER A 174 9.79 -33.73 -29.81
C SER A 174 8.62 -34.61 -29.40
N GLU A 175 8.71 -35.29 -28.26
CA GLU A 175 7.63 -36.16 -27.82
C GLU A 175 6.50 -35.40 -27.14
N ILE A 176 6.75 -34.17 -26.69
CA ILE A 176 5.68 -33.36 -26.12
C ILE A 176 4.68 -32.96 -27.20
N ASN A 177 5.16 -32.71 -28.43
CA ASN A 177 4.27 -32.27 -29.50
C ASN A 177 3.22 -33.33 -29.83
N GLU A 178 3.63 -34.60 -29.90
CA GLU A 178 2.68 -35.66 -30.23
C GLU A 178 1.61 -35.79 -29.17
N ARG A 179 2.01 -35.75 -27.89
CA ARG A 179 1.04 -35.79 -26.81
C ARG A 179 0.11 -34.59 -26.84
N LEU A 180 0.65 -33.41 -27.14
CA LEU A 180 -0.18 -32.22 -27.24
C LEU A 180 -1.22 -32.35 -28.35
N GLN A 181 -0.80 -32.83 -29.51
CA GLN A 181 -1.75 -33.01 -30.62
C GLN A 181 -2.82 -34.03 -30.27
N PHE A 182 -2.42 -35.16 -29.68
CA PHE A 182 -3.38 -36.19 -29.31
C PHE A 182 -4.39 -35.66 -28.30
N LEU A 183 -3.92 -34.94 -27.28
CA LEU A 183 -4.81 -34.43 -26.25
C LEU A 183 -5.70 -33.31 -26.78
N LEU A 184 -5.20 -32.48 -27.68
CA LEU A 184 -6.03 -31.45 -28.29
C LEU A 184 -7.16 -32.08 -29.10
N ASN A 185 -6.86 -33.14 -29.85
CA ASN A 185 -7.91 -33.82 -30.60
C ASN A 185 -8.88 -34.52 -29.66
N PHE A 186 -8.36 -35.12 -28.57
CA PHE A 186 -9.18 -35.96 -27.71
C PHE A 186 -10.13 -35.14 -26.84
N LEU A 187 -9.66 -34.02 -26.30
CA LEU A 187 -10.43 -33.25 -25.34
C LEU A 187 -11.22 -32.11 -25.98
N ASP A 188 -11.19 -31.98 -27.30
CA ASP A 188 -11.95 -30.96 -28.02
C ASP A 188 -11.59 -29.55 -27.53
N LEU A 189 -10.30 -29.32 -27.36
CA LEU A 189 -9.79 -28.04 -26.88
C LEU A 189 -9.59 -27.07 -28.03
N PRO A 190 -9.57 -25.76 -27.75
CA PRO A 190 -9.30 -24.78 -28.81
C PRO A 190 -7.88 -24.84 -29.32
N SER A 191 -7.51 -23.92 -30.22
CA SER A 191 -6.18 -23.94 -30.80
C SER A 191 -5.11 -23.77 -29.72
N GLN A 192 -3.95 -24.37 -29.98
CA GLN A 192 -2.88 -24.44 -28.99
C GLN A 192 -2.28 -23.08 -28.65
N ASN A 193 -2.56 -22.04 -29.43
CA ASN A 193 -1.97 -20.73 -29.21
C ASN A 193 -2.84 -19.81 -28.36
N ARG A 194 -4.00 -20.27 -27.90
CA ARG A 194 -4.88 -19.44 -27.09
C ARG A 194 -4.35 -19.36 -25.66
N LEU A 195 -4.41 -18.16 -25.09
CA LEU A 195 -3.96 -17.97 -23.71
C LEU A 195 -4.94 -18.62 -22.74
N VAL A 196 -4.40 -19.13 -21.63
CA VAL A 196 -5.21 -19.83 -20.65
C VAL A 196 -6.20 -18.88 -19.98
N LYS A 197 -5.77 -17.64 -19.73
CA LYS A 197 -6.65 -16.66 -19.09
C LYS A 197 -7.79 -16.22 -19.99
N ASN A 198 -7.75 -16.53 -21.29
CA ASN A 198 -8.78 -16.11 -22.23
C ASN A 198 -9.81 -17.20 -22.49
N LEU A 199 -9.73 -18.33 -21.80
CA LEU A 199 -10.67 -19.43 -21.97
C LEU A 199 -11.73 -19.39 -20.87
N SER A 200 -12.78 -20.17 -21.07
CA SER A 200 -13.85 -20.26 -20.09
C SER A 200 -13.46 -21.23 -18.97
N GLY A 201 -14.36 -21.38 -18.00
CA GLY A 201 -14.07 -22.20 -16.84
C GLY A 201 -14.00 -23.68 -17.11
N GLY A 202 -14.61 -24.14 -18.20
CA GLY A 202 -14.57 -25.56 -18.55
C GLY A 202 -13.34 -25.93 -19.35
N GLN A 203 -12.96 -25.07 -20.29
CA GLN A 203 -11.76 -25.30 -21.07
C GLN A 203 -10.51 -25.28 -20.19
N GLN A 204 -10.49 -24.44 -19.17
CA GLN A 204 -9.36 -24.45 -18.23
C GLN A 204 -9.27 -25.77 -17.49
N ARG A 205 -10.41 -26.32 -17.08
CA ARG A 205 -10.41 -27.62 -16.41
C ARG A 205 -9.95 -28.73 -17.37
N ARG A 206 -10.36 -28.65 -18.64
CA ARG A 206 -9.92 -29.65 -19.61
C ARG A 206 -8.41 -29.55 -19.85
N VAL A 207 -7.87 -28.32 -19.88
CA VAL A 207 -6.43 -28.15 -20.01
C VAL A 207 -5.71 -28.70 -18.79
N SER A 208 -6.30 -28.52 -17.61
CA SER A 208 -5.72 -29.10 -16.39
C SER A 208 -5.69 -30.62 -16.45
N PHE A 209 -6.78 -31.23 -16.94
CA PHE A 209 -6.81 -32.68 -17.11
C PHE A 209 -5.76 -33.14 -18.11
N ALA A 210 -5.60 -32.39 -19.21
CA ALA A 210 -4.58 -32.72 -20.19
C ALA A 210 -3.18 -32.64 -19.59
N VAL A 211 -2.94 -31.63 -18.75
CA VAL A 211 -1.65 -31.50 -18.08
C VAL A 211 -1.42 -32.68 -17.14
N ALA A 212 -2.48 -33.13 -16.46
CA ALA A 212 -2.36 -34.31 -15.60
C ALA A 212 -2.01 -35.55 -16.41
N LEU A 213 -2.59 -35.68 -17.60
CA LEU A 213 -2.44 -36.90 -18.40
C LEU A 213 -1.22 -36.90 -19.33
N MET A 214 -0.57 -35.76 -19.56
CA MET A 214 0.33 -35.64 -20.70
C MET A 214 1.57 -36.52 -20.57
N HIS A 215 2.17 -36.57 -19.38
CA HIS A 215 3.47 -37.22 -19.24
C HIS A 215 3.36 -38.74 -19.07
N ASP A 216 2.17 -39.31 -19.24
CA ASP A 216 1.94 -40.74 -19.21
C ASP A 216 2.43 -41.36 -17.91
N PRO A 217 1.80 -41.07 -16.78
CA PRO A 217 2.21 -41.70 -15.51
C PRO A 217 1.57 -43.07 -15.33
N GLU A 218 2.06 -43.79 -14.33
CA GLU A 218 1.55 -45.11 -13.99
C GLU A 218 0.49 -45.07 -12.90
N LEU A 219 0.18 -43.90 -12.36
CA LEU A 219 -0.85 -43.76 -11.33
C LEU A 219 -1.50 -42.39 -11.48
N LEU A 220 -2.81 -42.36 -11.65
CA LEU A 220 -3.54 -41.12 -11.88
C LEU A 220 -4.44 -40.83 -10.68
N ILE A 221 -4.22 -39.68 -10.05
CA ILE A 221 -5.07 -39.20 -8.97
C ILE A 221 -5.85 -38.01 -9.51
N LEU A 222 -7.16 -38.16 -9.64
CA LEU A 222 -8.01 -37.16 -10.29
C LEU A 222 -9.09 -36.70 -9.33
N ASP A 223 -9.26 -35.39 -9.22
CA ASP A 223 -10.25 -34.76 -8.35
C ASP A 223 -11.31 -34.13 -9.23
N GLU A 224 -12.44 -34.83 -9.39
CA GLU A 224 -13.55 -34.40 -10.22
C GLU A 224 -13.10 -34.02 -11.64
N PRO A 225 -12.60 -34.99 -12.42
CA PRO A 225 -12.20 -34.67 -13.79
C PRO A 225 -13.36 -34.23 -14.66
N THR A 226 -14.56 -34.75 -14.41
CA THR A 226 -15.75 -34.43 -15.18
C THR A 226 -16.81 -33.89 -14.22
N VAL A 227 -17.04 -32.58 -14.27
CA VAL A 227 -18.05 -31.93 -13.46
C VAL A 227 -19.07 -31.19 -14.32
N GLY A 228 -18.60 -30.32 -15.22
CA GLY A 228 -19.47 -29.62 -16.14
C GLY A 228 -19.30 -30.11 -17.56
N VAL A 229 -18.71 -31.29 -17.71
CA VAL A 229 -18.42 -31.84 -19.03
C VAL A 229 -19.69 -32.42 -19.62
N ASP A 230 -19.82 -32.30 -20.95
CA ASP A 230 -20.97 -32.86 -21.64
C ASP A 230 -20.96 -34.39 -21.52
N PRO A 231 -22.12 -35.03 -21.42
CA PRO A 231 -22.14 -36.50 -21.32
C PRO A 231 -21.52 -37.19 -22.51
N LEU A 232 -21.61 -36.60 -23.70
CA LEU A 232 -20.97 -37.18 -24.88
C LEU A 232 -19.45 -37.25 -24.70
N LEU A 233 -18.85 -36.19 -24.14
CA LEU A 233 -17.42 -36.22 -23.85
C LEU A 233 -17.13 -37.07 -22.62
N ARG A 234 -18.07 -37.14 -21.68
CA ARG A 234 -17.87 -37.96 -20.48
C ARG A 234 -17.75 -39.44 -20.84
N GLN A 235 -18.58 -39.91 -21.77
CA GLN A 235 -18.51 -41.30 -22.20
C GLN A 235 -17.16 -41.59 -22.83
N SER A 236 -16.66 -40.69 -23.69
CA SER A 236 -15.36 -40.90 -24.31
C SER A 236 -14.24 -40.89 -23.27
N ILE A 237 -14.33 -39.99 -22.29
CA ILE A 237 -13.29 -39.91 -21.25
C ILE A 237 -13.25 -41.21 -20.46
N TRP A 238 -14.42 -41.71 -20.06
CA TRP A 238 -14.44 -42.95 -19.29
C TRP A 238 -13.99 -44.14 -20.13
N ASN A 239 -14.34 -44.15 -21.42
CA ASN A 239 -13.85 -45.20 -22.31
C ASN A 239 -12.34 -45.17 -22.42
N HIS A 240 -11.76 -43.97 -22.53
CA HIS A 240 -10.30 -43.85 -22.59
C HIS A 240 -9.65 -44.33 -21.31
N LEU A 241 -10.24 -43.97 -20.16
CA LEU A 241 -9.69 -44.44 -18.88
C LEU A 241 -9.73 -45.96 -18.79
N VAL A 242 -10.84 -46.56 -19.19
CA VAL A 242 -10.95 -48.02 -19.17
C VAL A 242 -9.94 -48.66 -20.11
N GLN A 243 -9.74 -48.05 -21.28
CA GLN A 243 -8.84 -48.65 -22.27
C GLN A 243 -7.39 -48.55 -21.84
N ILE A 244 -6.99 -47.42 -21.24
CA ILE A 244 -5.62 -47.33 -20.75
C ILE A 244 -5.41 -48.24 -19.54
N THR A 245 -6.43 -48.38 -18.69
CA THR A 245 -6.34 -49.31 -17.56
C THR A 245 -6.95 -50.66 -17.98
N LYS A 246 -6.18 -51.39 -18.78
CA LYS A 246 -6.61 -52.68 -19.32
C LYS A 246 -5.41 -53.63 -19.24
N ASP A 247 -5.29 -54.35 -18.12
CA ASP A 247 -4.22 -55.30 -17.88
C ASP A 247 -2.85 -54.65 -18.08
N GLY A 248 -2.58 -53.64 -17.25
CA GLY A 248 -1.32 -52.94 -17.33
C GLY A 248 -0.82 -52.47 -15.97
N ASN A 249 0.13 -51.54 -15.96
CA ASN A 249 0.65 -50.96 -14.73
C ASN A 249 -0.12 -49.71 -14.32
N LYS A 250 -1.09 -49.27 -15.11
CA LYS A 250 -1.80 -48.03 -14.83
C LYS A 250 -2.85 -48.24 -13.75
N THR A 251 -2.92 -47.30 -12.81
CA THR A 251 -3.94 -47.27 -11.79
C THR A 251 -4.58 -45.88 -11.78
N VAL A 252 -5.90 -45.83 -11.69
CA VAL A 252 -6.64 -44.58 -11.69
C VAL A 252 -7.46 -44.49 -10.41
N ILE A 253 -7.30 -43.40 -9.68
CA ILE A 253 -8.14 -43.07 -8.53
C ILE A 253 -8.89 -41.80 -8.88
N ILE A 254 -10.22 -41.88 -8.91
CA ILE A 254 -11.06 -40.79 -9.38
C ILE A 254 -12.24 -40.63 -8.44
N THR A 255 -12.56 -39.38 -8.11
CA THR A 255 -13.77 -39.03 -7.37
C THR A 255 -14.70 -38.27 -8.29
N THR A 256 -15.95 -38.73 -8.39
CA THR A 256 -16.92 -38.15 -9.29
C THR A 256 -18.25 -37.96 -8.58
N HIS A 257 -19.00 -36.95 -9.02
CA HIS A 257 -20.34 -36.68 -8.47
C HIS A 257 -21.36 -37.69 -9.01
N TYR A 258 -21.26 -38.05 -10.28
CA TYR A 258 -22.21 -38.97 -10.91
C TYR A 258 -21.88 -40.38 -10.47
N ILE A 259 -22.69 -40.91 -9.55
CA ILE A 259 -22.42 -42.25 -8.99
C ILE A 259 -22.58 -43.32 -10.06
N GLU A 260 -23.62 -43.20 -10.90
CA GLU A 260 -23.87 -44.22 -11.91
C GLU A 260 -22.79 -44.28 -12.98
N GLU A 261 -22.03 -43.19 -13.17
CA GLU A 261 -20.92 -43.22 -14.11
C GLU A 261 -19.80 -44.12 -13.65
N ALA A 262 -19.75 -44.44 -12.36
CA ALA A 262 -18.70 -45.29 -11.80
C ALA A 262 -19.00 -46.78 -11.97
N ARG A 263 -19.99 -47.13 -12.78
CA ARG A 263 -20.28 -48.54 -13.03
C ARG A 263 -19.11 -49.23 -13.73
N GLN A 264 -18.34 -48.48 -14.52
CA GLN A 264 -17.19 -49.04 -15.22
C GLN A 264 -15.97 -49.19 -14.31
N ALA A 265 -15.97 -48.58 -13.14
CA ALA A 265 -14.86 -48.74 -12.21
C ALA A 265 -14.81 -50.16 -11.67
N HIS A 266 -13.60 -50.64 -11.42
CA HIS A 266 -13.43 -52.00 -10.91
C HIS A 266 -13.76 -52.10 -9.43
N THR A 267 -13.50 -51.04 -8.66
CA THR A 267 -13.74 -51.04 -7.23
C THR A 267 -14.42 -49.73 -6.84
N ILE A 268 -15.27 -49.79 -5.81
CA ILE A 268 -16.03 -48.64 -5.34
C ILE A 268 -15.75 -48.47 -3.85
N GLY A 269 -15.47 -47.24 -3.44
CA GLY A 269 -15.31 -46.92 -2.05
C GLY A 269 -16.29 -45.87 -1.57
N LEU A 270 -17.23 -46.27 -0.70
CA LEU A 270 -18.25 -45.37 -0.20
C LEU A 270 -17.77 -44.75 1.11
N MET A 271 -17.73 -43.42 1.14
CA MET A 271 -17.17 -42.67 2.26
C MET A 271 -18.28 -41.96 3.02
N ARG A 272 -18.31 -42.13 4.34
CA ARG A 272 -19.29 -41.44 5.17
C ARG A 272 -18.77 -41.40 6.60
N SER A 273 -18.91 -40.24 7.24
CA SER A 273 -18.48 -40.03 8.63
C SER A 273 -17.00 -40.31 8.83
N GLY A 274 -16.18 -39.99 7.82
CA GLY A 274 -14.75 -40.15 7.95
C GLY A 274 -14.24 -41.56 7.89
N LYS A 275 -14.96 -42.47 7.23
CA LYS A 275 -14.52 -43.85 7.07
C LYS A 275 -15.22 -44.42 5.85
N LEU A 276 -15.01 -45.71 5.59
CA LEU A 276 -15.58 -46.38 4.43
C LEU A 276 -16.69 -47.32 4.88
N LEU A 277 -17.90 -47.06 4.41
CA LEU A 277 -19.01 -47.98 4.69
C LEU A 277 -18.78 -49.34 4.05
N ALA A 278 -18.31 -49.35 2.81
CA ALA A 278 -18.04 -50.59 2.10
C ALA A 278 -17.02 -50.32 1.00
N GLU A 279 -16.35 -51.39 0.57
CA GLU A 279 -15.36 -51.27 -0.51
C GLU A 279 -15.39 -52.58 -1.29
N GLU A 280 -16.13 -52.59 -2.40
CA GLU A 280 -16.27 -53.79 -3.21
C GLU A 280 -16.53 -53.37 -4.66
N SER A 281 -16.58 -54.37 -5.55
CA SER A 281 -16.87 -54.12 -6.94
C SER A 281 -18.32 -53.64 -7.11
N PRO A 282 -18.59 -52.79 -8.10
CA PRO A 282 -19.96 -52.28 -8.26
C PRO A 282 -21.00 -53.36 -8.48
N HIS A 283 -20.67 -54.40 -9.25
CA HIS A 283 -21.64 -55.43 -9.55
C HIS A 283 -21.91 -56.32 -8.34
N VAL A 284 -20.86 -56.63 -7.57
CA VAL A 284 -21.06 -57.40 -6.34
C VAL A 284 -21.89 -56.61 -5.34
N LEU A 285 -21.60 -55.31 -5.21
CA LEU A 285 -22.38 -54.46 -4.32
C LEU A 285 -23.84 -54.40 -4.76
N LEU A 286 -24.08 -54.27 -6.06
CA LEU A 286 -25.45 -54.23 -6.56
C LEU A 286 -26.17 -55.55 -6.31
N SER A 287 -25.49 -56.67 -6.51
CA SER A 287 -26.08 -57.99 -6.29
C SER A 287 -25.95 -58.43 -4.83
N MET A 288 -26.41 -57.59 -3.91
CA MET A 288 -26.47 -57.93 -2.50
C MET A 288 -27.90 -58.16 -2.01
N TYR A 289 -28.87 -57.42 -2.55
CA TYR A 289 -30.28 -57.66 -2.25
C TYR A 289 -31.16 -57.46 -3.48
N GLY A 290 -30.58 -57.41 -4.67
CA GLY A 290 -31.36 -57.20 -5.87
C GLY A 290 -31.50 -55.77 -6.32
N CYS A 291 -30.70 -54.85 -5.78
CA CYS A 291 -30.76 -53.46 -6.21
C CYS A 291 -30.29 -53.32 -7.65
N GLN A 292 -30.95 -52.42 -8.37
CA GLN A 292 -30.65 -52.17 -9.78
C GLN A 292 -29.93 -50.84 -10.01
N SER A 293 -29.59 -50.12 -8.94
CA SER A 293 -28.87 -48.86 -9.08
C SER A 293 -28.09 -48.61 -7.80
N LEU A 294 -27.07 -47.76 -7.91
CA LEU A 294 -26.20 -47.43 -6.79
C LEU A 294 -26.77 -46.35 -5.89
N GLU A 295 -27.90 -45.75 -6.25
CA GLU A 295 -28.51 -44.75 -5.38
C GLU A 295 -28.95 -45.35 -4.06
N GLU A 296 -29.61 -46.52 -4.11
CA GLU A 296 -30.09 -47.17 -2.90
C GLU A 296 -28.99 -47.86 -2.12
N VAL A 297 -27.88 -48.24 -2.78
CA VAL A 297 -26.79 -48.88 -2.07
C VAL A 297 -26.15 -47.90 -1.09
N PHE A 298 -25.94 -46.65 -1.52
CA PHE A 298 -25.38 -45.63 -0.64
C PHE A 298 -26.35 -45.20 0.45
N LEU A 299 -27.62 -45.59 0.36
CA LEU A 299 -28.60 -45.28 1.40
C LEU A 299 -28.45 -46.28 2.55
N LYS A 300 -27.41 -46.04 3.35
CA LYS A 300 -27.11 -46.86 4.53
C LYS A 300 -27.16 -45.98 5.77
N LEU A 301 -27.64 -46.56 6.88
CA LEU A 301 -27.77 -45.84 8.14
C LEU A 301 -26.60 -46.09 9.09
N SER A 302 -25.59 -46.84 8.66
CA SER A 302 -24.43 -47.12 9.51
C SER A 302 -23.22 -47.48 8.66
N SER A 390 18.51 -31.57 -11.62
CA SER A 390 18.40 -30.22 -11.08
C SER A 390 18.84 -29.16 -12.09
N TRP A 391 19.58 -29.56 -13.12
CA TRP A 391 19.99 -28.66 -14.20
C TRP A 391 19.01 -28.84 -15.34
N GLY A 392 17.95 -28.04 -15.33
CA GLY A 392 16.87 -28.17 -16.28
C GLY A 392 15.53 -27.89 -15.64
N LYS A 393 15.48 -28.00 -14.31
CA LYS A 393 14.32 -27.57 -13.55
C LYS A 393 14.47 -26.13 -13.05
N ILE A 394 15.69 -25.74 -12.71
CA ILE A 394 15.96 -24.35 -12.34
C ILE A 394 15.87 -23.46 -13.58
N LYS A 395 16.37 -23.94 -14.71
CA LYS A 395 16.31 -23.17 -15.96
C LYS A 395 14.86 -22.96 -16.39
N ALA A 396 14.02 -23.99 -16.24
CA ALA A 396 12.61 -23.85 -16.60
C ALA A 396 11.90 -22.86 -15.69
N LEU A 397 12.22 -22.90 -14.38
CA LEU A 397 11.60 -21.96 -13.45
C LEU A 397 12.10 -20.53 -13.68
N LEU A 398 13.38 -20.37 -14.02
CA LEU A 398 13.92 -19.04 -14.27
C LEU A 398 13.30 -18.41 -15.51
N GLN A 399 13.15 -19.19 -16.58
CA GLN A 399 12.53 -18.68 -17.80
C GLN A 399 11.06 -18.33 -17.58
N LYS A 400 10.35 -19.16 -16.81
CA LYS A 400 8.95 -18.89 -16.53
C LYS A 400 8.77 -17.61 -15.71
N ASN A 401 9.67 -17.38 -14.74
CA ASN A 401 9.55 -16.21 -13.88
C ASN A 401 9.73 -14.92 -14.66
N PHE A 402 10.69 -14.89 -15.60
CA PHE A 402 10.91 -13.68 -16.37
C PHE A 402 9.81 -13.45 -17.40
N LEU A 403 9.19 -14.52 -17.89
CA LEU A 403 8.12 -14.38 -18.87
C LEU A 403 6.83 -13.88 -18.24
N ARG A 404 6.57 -14.24 -16.98
CA ARG A 404 5.36 -13.77 -16.31
C ARG A 404 5.43 -12.27 -16.04
N MET A 405 6.61 -11.77 -15.67
CA MET A 405 6.75 -10.34 -15.42
C MET A 405 6.68 -9.53 -16.70
N TRP A 406 7.29 -10.03 -17.77
CA TRP A 406 7.29 -9.30 -19.04
C TRP A 406 5.89 -9.21 -19.64
N ARG A 407 5.04 -10.20 -19.40
CA ARG A 407 3.70 -10.23 -19.98
C ARG A 407 2.66 -9.57 -19.08
N ASN A 408 3.07 -8.97 -17.98
CA ASN A 408 2.18 -8.21 -17.10
C ASN A 408 2.64 -6.75 -17.16
N VAL A 409 1.97 -5.95 -17.97
CA VAL A 409 2.39 -4.56 -18.18
C VAL A 409 2.28 -3.76 -16.89
N GLY A 410 1.19 -3.95 -16.15
CA GLY A 410 1.01 -3.22 -14.91
C GLY A 410 2.04 -3.56 -13.85
N VAL A 411 2.60 -4.77 -13.90
CA VAL A 411 3.64 -5.16 -12.95
C VAL A 411 4.93 -4.39 -13.24
N MET A 412 5.31 -4.28 -14.51
CA MET A 412 6.55 -3.59 -14.85
C MET A 412 6.43 -2.08 -14.67
N LEU A 413 5.23 -1.51 -14.75
CA LEU A 413 5.07 -0.09 -14.49
C LEU A 413 5.28 0.25 -13.03
N PHE A 414 4.89 -0.66 -12.12
CA PHE A 414 4.99 -0.37 -10.70
C PHE A 414 6.42 -0.52 -10.18
N ILE A 415 7.19 -1.45 -10.73
CA ILE A 415 8.51 -1.74 -10.18
C ILE A 415 9.64 -1.15 -11.02
N PHE A 416 9.35 -0.60 -12.19
CA PHE A 416 10.41 -0.05 -13.03
C PHE A 416 10.15 1.39 -13.46
N ALA A 417 8.90 1.74 -13.73
CA ALA A 417 8.58 3.10 -14.16
C ALA A 417 8.24 4.02 -12.99
N LEU A 418 7.62 3.48 -11.95
CA LEU A 418 7.33 4.30 -10.76
C LEU A 418 8.58 4.82 -10.06
N PRO A 419 9.61 4.00 -9.78
CA PRO A 419 10.80 4.56 -9.12
C PRO A 419 11.53 5.61 -9.94
N VAL A 420 11.54 5.48 -11.27
CA VAL A 420 12.26 6.42 -12.11
C VAL A 420 11.64 7.81 -12.03
N MET A 421 10.32 7.89 -12.15
CA MET A 421 9.63 9.16 -12.07
C MET A 421 9.50 9.68 -10.64
N GLN A 422 9.68 8.81 -9.65
CA GLN A 422 9.75 9.28 -8.26
C GLN A 422 11.05 10.02 -8.00
N VAL A 423 12.16 9.54 -8.59
CA VAL A 423 13.44 10.22 -8.44
C VAL A 423 13.44 11.55 -9.18
N ILE A 424 12.82 11.59 -10.36
CA ILE A 424 12.79 12.82 -11.16
C ILE A 424 12.05 13.92 -10.43
N LEU A 425 10.89 13.59 -9.86
CA LEU A 425 10.10 14.61 -9.16
C LEU A 425 10.78 15.06 -7.87
N PHE A 426 11.51 14.18 -7.21
CA PHE A 426 12.24 14.57 -6.01
C PHE A 426 13.37 15.53 -6.34
N CYS A 427 14.12 15.27 -7.41
CA CYS A 427 15.24 16.11 -7.79
C CYS A 427 14.81 17.46 -8.34
N LEU A 428 13.54 17.63 -8.71
CA LEU A 428 13.06 18.88 -9.28
C LEU A 428 12.30 19.74 -8.28
N ALA A 429 11.78 19.16 -7.20
CA ALA A 429 10.91 19.90 -6.28
C ALA A 429 11.45 20.02 -4.87
N ILE A 430 12.26 19.07 -4.40
CA ILE A 430 12.68 19.02 -3.00
C ILE A 430 14.14 19.42 -2.91
N GLY A 431 14.43 20.36 -2.01
CA GLY A 431 15.79 20.74 -1.67
C GLY A 431 16.27 22.04 -2.29
N ARG A 432 15.59 22.54 -3.31
CA ARG A 432 16.04 23.75 -3.99
C ARG A 432 15.64 24.99 -3.18
N ASP A 433 16.29 26.11 -3.50
CA ASP A 433 16.14 27.39 -2.84
C ASP A 433 15.05 28.22 -3.50
N PRO A 434 14.20 28.88 -2.71
CA PRO A 434 13.18 29.76 -3.28
C PRO A 434 13.81 30.89 -4.08
N THR A 435 13.18 31.25 -5.21
CA THR A 435 13.81 32.17 -6.15
C THR A 435 12.81 33.17 -6.73
N GLY A 436 11.74 33.48 -6.00
CA GLY A 436 10.77 34.45 -6.49
C GLY A 436 10.21 35.36 -5.41
N LEU A 437 10.97 35.55 -4.34
CA LEU A 437 10.45 36.28 -3.19
C LEU A 437 10.41 37.77 -3.47
N LYS A 438 9.34 38.42 -3.02
CA LYS A 438 9.11 39.83 -3.27
C LYS A 438 9.32 40.64 -2.00
N LEU A 439 9.92 41.82 -2.16
CA LEU A 439 10.15 42.74 -1.04
C LEU A 439 9.63 44.12 -1.41
N ALA A 440 8.99 44.76 -0.45
CA ALA A 440 8.45 46.11 -0.63
C ALA A 440 9.50 47.12 -0.17
N ILE A 441 9.91 48.00 -1.08
CA ILE A 441 10.99 48.95 -0.81
C ILE A 441 10.39 50.35 -0.66
N VAL A 442 10.78 51.04 0.40
CA VAL A 442 10.47 52.44 0.59
C VAL A 442 11.79 53.19 0.58
N ASN A 443 11.99 54.03 -0.43
CA ASN A 443 13.24 54.77 -0.61
C ASN A 443 12.89 56.26 -0.70
N HIS A 444 13.03 56.96 0.42
CA HIS A 444 12.66 58.37 0.47
C HIS A 444 13.77 59.29 -0.02
N GLU A 445 14.92 58.75 -0.40
CA GLU A 445 15.97 59.55 -1.02
C GLU A 445 15.73 59.77 -2.50
N LYS A 446 14.72 59.13 -3.09
CA LYS A 446 14.39 59.28 -4.49
C LYS A 446 12.88 59.49 -4.64
N ASN A 447 12.49 60.00 -5.80
CA ASN A 447 11.08 60.21 -6.07
C ASN A 447 10.37 58.89 -6.33
N TYR A 448 9.06 58.88 -6.09
CA TYR A 448 8.22 57.72 -6.30
C TYR A 448 7.51 57.83 -7.64
N THR A 449 7.66 56.81 -8.49
CA THR A 449 7.06 56.81 -9.81
C THR A 449 6.02 55.72 -9.96
N ASN A 450 6.37 54.46 -9.71
CA ASN A 450 5.49 53.33 -9.97
C ASN A 450 5.75 52.27 -8.92
N GLN A 451 5.09 51.12 -9.06
CA GLN A 451 5.40 49.94 -8.27
C GLN A 451 6.43 49.04 -8.94
N SER A 452 6.84 49.36 -10.16
CA SER A 452 7.83 48.58 -10.87
C SER A 452 9.05 49.38 -11.30
N TYR A 453 9.04 50.70 -11.12
CA TYR A 453 10.15 51.56 -11.49
C TYR A 453 10.47 52.52 -10.35
N GLN A 454 11.75 52.80 -10.15
CA GLN A 454 12.19 53.70 -9.09
C GLN A 454 13.20 54.74 -9.54
N GLU A 455 13.91 54.54 -10.64
CA GLU A 455 14.98 55.43 -11.09
C GLU A 455 16.08 55.49 -10.02
N CYS A 456 16.75 54.36 -9.88
CA CYS A 456 17.88 54.21 -8.96
C CYS A 456 19.15 54.56 -9.71
N SER A 457 19.73 55.72 -9.41
CA SER A 457 20.96 56.18 -10.06
C SER A 457 21.93 56.70 -9.02
N PHE A 458 23.21 56.41 -9.21
CA PHE A 458 24.25 56.81 -8.27
C PHE A 458 25.58 56.80 -9.00
N ASP A 459 26.56 57.49 -8.41
CA ASP A 459 27.92 57.49 -8.94
C ASP A 459 28.72 56.33 -8.35
N TYR A 460 29.68 55.85 -9.14
CA TYR A 460 30.42 54.64 -8.80
C TYR A 460 31.76 54.91 -8.13
N GLY A 461 32.38 56.06 -8.39
CA GLY A 461 33.70 56.32 -7.85
C GLY A 461 33.75 56.59 -6.36
N CYS A 462 33.23 57.74 -5.95
CA CYS A 462 33.37 58.20 -4.56
C CYS A 462 32.28 59.24 -4.29
N LYS A 463 32.45 60.00 -3.21
CA LYS A 463 31.62 61.13 -2.82
C LYS A 463 30.26 60.70 -2.26
N PHE A 464 29.96 59.40 -2.35
CA PHE A 464 28.79 58.81 -1.68
C PHE A 464 27.51 59.60 -1.99
N SER A 465 27.12 59.52 -3.26
CA SER A 465 25.98 60.29 -3.75
C SER A 465 24.70 59.90 -3.03
N TYR A 466 24.27 58.64 -3.19
CA TYR A 466 23.00 58.21 -2.64
C TYR A 466 23.13 57.07 -1.65
N LEU A 467 23.89 56.02 -1.99
CA LEU A 467 24.26 54.96 -1.06
C LEU A 467 23.06 54.10 -0.65
N SER A 468 21.86 54.47 -1.08
CA SER A 468 20.67 53.64 -0.87
C SER A 468 20.33 52.82 -2.10
N CYS A 469 20.50 53.41 -3.28
CA CYS A 469 20.46 52.65 -4.53
C CYS A 469 21.74 51.87 -4.76
N ARG A 470 22.83 52.23 -4.08
CA ARG A 470 24.07 51.48 -4.16
C ARG A 470 23.98 50.17 -3.37
N TYR A 471 23.30 50.18 -2.23
CA TYR A 471 23.07 48.96 -1.48
C TYR A 471 22.09 48.05 -2.22
N LEU A 472 21.00 48.61 -2.75
CA LEU A 472 20.05 47.82 -3.51
C LEU A 472 20.67 47.26 -4.79
N ASN A 473 21.77 47.84 -5.26
CA ASN A 473 22.48 47.30 -6.41
C ASN A 473 23.23 46.02 -6.08
N ASN A 474 23.51 45.78 -4.80
CA ASN A 474 24.23 44.59 -4.37
C ASN A 474 23.29 43.45 -3.98
N LEU A 475 21.98 43.64 -4.06
CA LEU A 475 21.05 42.58 -3.77
C LEU A 475 21.06 41.52 -4.87
N ARG A 476 20.84 40.27 -4.47
CA ARG A 476 20.85 39.16 -5.41
C ARG A 476 19.55 39.11 -6.17
N ASN A 477 19.62 39.26 -7.50
CA ASN A 477 18.42 39.29 -8.33
C ASN A 477 17.81 37.91 -8.53
N SER A 478 18.58 36.84 -8.31
CA SER A 478 18.09 35.49 -8.57
C SER A 478 17.02 35.03 -7.59
N THR A 479 16.87 35.70 -6.45
CA THR A 479 15.92 35.25 -5.44
C THR A 479 15.04 36.35 -4.87
N ILE A 480 15.33 37.63 -5.11
CA ILE A 480 14.58 38.74 -4.53
C ILE A 480 14.03 39.60 -5.66
N LEU A 481 12.73 39.85 -5.64
CA LEU A 481 12.06 40.75 -6.57
C LEU A 481 11.70 42.03 -5.85
N LYS A 482 12.03 43.17 -6.45
CA LYS A 482 11.89 44.48 -5.80
C LYS A 482 10.60 45.15 -6.26
N GLU A 483 9.75 45.48 -5.29
CA GLU A 483 8.55 46.27 -5.51
C GLU A 483 8.65 47.55 -4.70
N TYR A 484 8.07 48.63 -5.22
CA TYR A 484 8.25 49.96 -4.65
C TYR A 484 6.91 50.50 -4.15
N TYR A 485 6.93 51.05 -2.94
CA TYR A 485 5.78 51.63 -2.27
C TYR A 485 6.12 53.03 -1.79
N PRO A 486 5.14 53.94 -1.72
CA PRO A 486 5.47 55.34 -1.44
C PRO A 486 5.64 55.67 0.04
N ASP A 487 5.10 54.87 0.95
CA ASP A 487 5.11 55.20 2.37
C ASP A 487 5.41 53.94 3.17
N PRO A 488 6.07 54.08 4.33
CA PRO A 488 6.36 52.87 5.14
C PRO A 488 5.12 52.14 5.62
N GLU A 489 4.02 52.86 5.87
CA GLU A 489 2.82 52.20 6.38
C GLU A 489 2.14 51.38 5.30
N SER A 490 2.19 51.85 4.04
CA SER A 490 1.60 51.09 2.95
C SER A 490 2.40 49.85 2.59
N ALA A 491 3.71 49.85 2.87
CA ALA A 491 4.52 48.68 2.60
C ALA A 491 4.29 47.57 3.62
N VAL A 492 3.99 47.93 4.87
CA VAL A 492 3.65 46.92 5.87
C VAL A 492 2.30 46.27 5.54
N ASP A 493 1.36 47.04 5.00
CA ASP A 493 0.08 46.48 4.60
C ASP A 493 0.23 45.44 3.50
N ALA A 494 1.22 45.61 2.62
CA ALA A 494 1.51 44.60 1.61
C ALA A 494 1.97 43.30 2.24
N VAL A 495 2.81 43.39 3.28
CA VAL A 495 3.26 42.19 3.98
C VAL A 495 2.11 41.56 4.76
N LYS A 496 1.22 42.37 5.34
CA LYS A 496 0.07 41.82 6.04
C LYS A 496 -0.88 41.08 5.11
N GLN A 497 -0.80 41.33 3.81
CA GLN A 497 -1.45 40.52 2.79
C GLN A 497 -0.41 39.60 2.16
N GLY A 498 -0.82 38.83 1.17
CA GLY A 498 0.10 37.92 0.53
C GLY A 498 0.86 38.55 -0.62
N HIS A 499 1.24 39.81 -0.47
CA HIS A 499 1.82 40.58 -1.57
C HIS A 499 3.32 40.79 -1.42
N ALA A 500 3.88 40.59 -0.23
CA ALA A 500 5.31 40.78 -0.03
C ALA A 500 5.76 39.95 1.16
N TRP A 501 7.08 39.75 1.25
CA TRP A 501 7.69 39.03 2.36
C TRP A 501 8.36 39.96 3.37
N GLY A 502 8.58 41.22 3.01
CA GLY A 502 9.25 42.13 3.92
C GLY A 502 9.21 43.56 3.42
N ALA A 503 9.75 44.46 4.23
CA ALA A 503 9.84 45.88 3.91
C ALA A 503 11.22 46.39 4.29
N LEU A 504 11.65 47.47 3.63
CA LEU A 504 13.01 47.97 3.81
C LEU A 504 13.07 49.38 4.39
N TYR A 505 12.39 50.35 3.78
CA TYR A 505 12.24 51.70 4.34
C TYR A 505 13.59 52.37 4.61
N PHE A 506 14.27 52.73 3.53
CA PHE A 506 15.37 53.68 3.64
C PHE A 506 14.84 55.06 4.00
N THR A 507 15.52 55.74 4.92
CA THR A 507 15.13 57.07 5.36
C THR A 507 15.74 58.13 4.45
N GLU A 508 15.06 59.26 4.33
CA GLU A 508 15.53 60.34 3.46
C GLU A 508 16.87 60.91 3.91
N ASN A 509 17.27 60.66 5.15
CA ASN A 509 18.55 61.12 5.68
C ASN A 509 19.59 60.00 5.76
N PHE A 510 19.42 58.94 4.94
CA PHE A 510 20.28 57.77 5.07
C PHE A 510 21.71 58.05 4.62
N THR A 511 21.87 58.78 3.51
CA THR A 511 23.21 58.97 2.95
C THR A 511 24.07 59.85 3.86
N ASP A 512 23.51 60.95 4.36
CA ASP A 512 24.28 61.86 5.20
C ASP A 512 24.62 61.22 6.54
N ALA A 513 23.69 60.44 7.10
CA ALA A 513 23.93 59.82 8.40
C ALA A 513 24.89 58.64 8.31
N LEU A 514 24.84 57.89 7.22
CA LEU A 514 25.72 56.73 7.09
C LEU A 514 27.19 57.15 6.98
N VAL A 515 27.48 58.21 6.23
CA VAL A 515 28.85 58.66 6.10
C VAL A 515 29.34 59.30 7.41
N ALA A 516 28.44 59.96 8.15
CA ALA A 516 28.81 60.51 9.43
C ALA A 516 29.02 59.42 10.47
N ARG A 517 28.20 58.36 10.40
CA ARG A 517 28.37 57.24 11.33
C ARG A 517 29.69 56.54 11.12
N MET A 518 30.10 56.34 9.86
CA MET A 518 31.34 55.65 9.57
C MET A 518 32.57 56.54 9.65
N ALA A 519 32.39 57.86 9.83
CA ALA A 519 33.50 58.78 9.99
C ALA A 519 33.72 59.20 11.45
N LEU A 520 32.79 58.89 12.33
CA LEU A 520 32.93 59.21 13.75
C LEU A 520 33.48 58.03 14.55
N GLY A 521 32.99 56.84 14.27
CA GLY A 521 33.44 55.65 14.98
C GLY A 521 32.74 55.50 16.32
N LYS A 522 33.54 55.46 17.40
CA LYS A 522 32.98 55.36 18.74
C LYS A 522 32.33 56.65 19.21
N ASP A 523 32.56 57.76 18.50
CA ASP A 523 32.01 59.06 18.88
C ASP A 523 30.76 59.42 18.08
N ALA A 524 29.95 58.43 17.76
CA ALA A 524 28.72 58.64 17.00
C ALA A 524 27.56 58.86 17.94
N ASP A 525 26.86 59.98 17.76
CA ASP A 525 25.71 60.31 18.60
C ASP A 525 24.52 59.42 18.24
N PRO A 526 23.57 59.28 19.15
CA PRO A 526 22.39 58.44 18.85
C PRO A 526 21.54 58.94 17.70
N GLU A 527 21.65 60.22 17.32
CA GLU A 527 20.86 60.73 16.22
C GLU A 527 21.30 60.12 14.89
N THR A 528 22.61 60.08 14.63
CA THR A 528 23.11 59.47 13.41
C THR A 528 23.05 57.95 13.46
N LEU A 529 23.00 57.36 14.65
CA LEU A 529 22.85 55.91 14.77
C LEU A 529 21.44 55.45 14.45
N ASP A 530 20.46 56.35 14.50
CA ASP A 530 19.08 56.00 14.20
C ASP A 530 18.70 56.28 12.75
N GLN A 531 19.30 57.29 12.15
CA GLN A 531 18.95 57.67 10.79
C GLN A 531 19.75 56.90 9.75
N SER A 532 20.80 56.21 10.16
CA SER A 532 21.68 55.48 9.23
C SER A 532 21.35 54.00 9.17
N GLU A 533 20.25 53.57 9.77
CA GLU A 533 19.88 52.16 9.80
C GLU A 533 18.76 51.88 8.80
N VAL A 534 18.72 50.63 8.33
CA VAL A 534 17.65 50.14 7.47
C VAL A 534 16.72 49.29 8.31
N ARG A 535 15.43 49.64 8.32
CA ARG A 535 14.44 49.01 9.17
C ARG A 535 13.70 47.94 8.38
N VAL A 536 13.90 46.68 8.76
CA VAL A 536 13.35 45.53 8.03
C VAL A 536 12.26 44.90 8.90
N TRP A 537 11.06 44.81 8.35
CA TRP A 537 9.96 44.04 8.92
C TRP A 537 9.73 42.81 8.05
N LEU A 538 9.91 41.63 8.64
CA LEU A 538 9.89 40.39 7.88
C LEU A 538 8.71 39.51 8.27
N ASP A 539 8.34 38.64 7.35
CA ASP A 539 7.36 37.60 7.59
C ASP A 539 8.13 36.32 7.94
N MET A 540 8.08 35.93 9.21
CA MET A 540 8.89 34.83 9.73
C MET A 540 8.08 33.55 9.94
N SER A 541 6.88 33.47 9.37
CA SER A 541 6.07 32.26 9.53
C SER A 541 6.67 31.06 8.80
N ASN A 542 7.46 31.30 7.76
CA ASN A 542 8.14 30.24 7.03
C ASN A 542 9.60 30.19 7.48
N GLN A 543 10.04 29.00 7.91
CA GLN A 543 11.39 28.89 8.46
C GLN A 543 12.45 28.97 7.36
N GLN A 544 12.24 28.26 6.25
CA GLN A 544 13.25 28.22 5.20
C GLN A 544 13.28 29.52 4.40
N ILE A 545 12.16 30.21 4.26
CA ILE A 545 12.16 31.51 3.60
C ILE A 545 12.85 32.55 4.46
N GLY A 546 12.62 32.51 5.78
CA GLY A 546 13.23 33.48 6.67
C GLY A 546 14.74 33.35 6.73
N ILE A 547 15.25 32.13 6.62
CA ILE A 547 16.71 31.94 6.59
C ILE A 547 17.31 32.58 5.34
N ILE A 548 16.67 32.37 4.19
CA ILE A 548 17.18 32.91 2.93
C ILE A 548 17.11 34.43 2.93
N LEU A 549 15.99 34.99 3.37
CA LEU A 549 15.82 36.45 3.33
C LEU A 549 16.81 37.15 4.24
N GLN A 550 17.02 36.62 5.45
CA GLN A 550 17.95 37.24 6.39
C GLN A 550 19.39 37.07 5.92
N ARG A 551 19.72 35.91 5.35
CA ARG A 551 21.08 35.65 4.88
C ARG A 551 21.45 36.57 3.72
N ASP A 552 20.52 36.76 2.78
CA ASP A 552 20.83 37.56 1.60
C ASP A 552 20.90 39.05 1.93
N LEU A 553 20.09 39.50 2.88
CA LEU A 553 20.12 40.91 3.26
C LEU A 553 21.41 41.28 3.97
N GLN A 554 22.01 40.34 4.71
CA GLN A 554 23.24 40.60 5.43
C GLN A 554 24.48 40.39 4.58
N LEU A 555 24.47 39.45 3.63
CA LEU A 555 25.61 39.27 2.75
C LEU A 555 25.69 40.37 1.70
N SER A 556 24.55 40.94 1.31
CA SER A 556 24.57 42.04 0.36
C SER A 556 25.17 43.30 0.99
N TYR A 557 25.07 43.43 2.31
CA TYR A 557 25.71 44.55 2.98
C TYR A 557 27.21 44.37 3.10
N GLN A 558 27.68 43.11 3.18
CA GLN A 558 29.11 42.85 3.21
C GLN A 558 29.77 43.27 1.89
N ASP A 559 29.14 42.94 0.76
CA ASP A 559 29.64 43.41 -0.52
C ASP A 559 29.55 44.92 -0.63
N PHE A 560 28.47 45.51 -0.09
CA PHE A 560 28.33 46.96 -0.10
C PHE A 560 29.43 47.63 0.71
N ALA A 561 29.76 47.08 1.88
CA ALA A 561 30.80 47.68 2.71
C ALA A 561 32.17 47.46 2.11
N LYS A 562 32.42 46.30 1.49
CA LYS A 562 33.69 46.06 0.84
C LYS A 562 33.85 46.92 -0.42
N ASP A 563 32.73 47.31 -1.04
CA ASP A 563 32.81 48.16 -2.22
C ASP A 563 33.16 49.60 -1.85
N LEU A 564 32.66 50.09 -0.71
CA LEU A 564 32.99 51.44 -0.28
C LEU A 564 34.48 51.56 -0.01
N LEU A 565 35.07 50.57 0.65
CA LEU A 565 36.53 50.49 0.73
C LEU A 565 37.08 50.01 -0.61
N GLY A 566 38.38 50.20 -0.78
CA GLY A 566 38.97 49.92 -2.10
C GLY A 566 38.69 51.02 -3.10
N ALA A 567 37.44 51.44 -3.22
CA ALA A 567 37.13 52.66 -3.97
C ALA A 567 37.75 53.89 -3.29
N CYS A 568 37.94 53.82 -1.97
CA CYS A 568 38.64 54.84 -1.22
C CYS A 568 40.09 54.47 -0.94
N GLU A 569 40.60 53.43 -1.61
CA GLU A 569 41.97 52.94 -1.42
C GLU A 569 42.22 52.56 0.04
N GLN A 570 41.32 51.75 0.58
CA GLN A 570 41.42 51.24 1.94
C GLN A 570 41.40 49.72 1.93
N ASN A 571 41.82 49.14 3.04
CA ASN A 571 41.86 47.68 3.16
C ASN A 571 40.45 47.12 3.29
N PRO A 572 40.02 46.21 2.41
CA PRO A 572 38.69 45.62 2.55
C PRO A 572 38.53 44.77 3.81
N ASP A 573 39.63 44.35 4.43
CA ASP A 573 39.55 43.52 5.63
C ASP A 573 39.04 44.28 6.85
N LEU A 574 38.92 45.61 6.77
CA LEU A 574 38.41 46.39 7.89
C LEU A 574 36.93 46.17 8.15
N ALA A 575 36.20 45.58 7.20
CA ALA A 575 34.78 45.32 7.34
C ALA A 575 34.48 43.87 7.70
N GLU A 576 35.35 43.24 8.48
CA GLU A 576 35.23 41.83 8.83
C GLU A 576 34.99 41.69 10.32
N ILE A 577 33.98 40.91 10.68
CA ILE A 577 33.78 40.53 12.09
C ILE A 577 34.94 39.62 12.52
N PRO A 578 35.46 39.76 13.75
CA PRO A 578 36.60 38.92 14.15
C PRO A 578 36.36 37.42 14.05
N ILE A 579 35.13 36.97 13.81
CA ILE A 579 34.85 35.56 13.55
C ILE A 579 35.01 35.35 12.05
N SER A 580 36.09 34.71 11.65
CA SER A 580 36.42 34.49 10.25
C SER A 580 36.33 33.01 9.92
N PHE A 581 35.49 32.67 8.94
CA PHE A 581 35.31 31.27 8.53
C PHE A 581 36.29 30.96 7.41
N LYS A 582 37.13 29.95 7.62
CA LYS A 582 38.12 29.55 6.64
C LYS A 582 37.48 28.64 5.59
N GLU A 583 38.31 28.01 4.77
CA GLU A 583 37.80 27.08 3.76
C GLU A 583 37.21 25.86 4.45
N PRO A 584 36.00 25.43 4.07
CA PRO A 584 35.38 24.28 4.74
C PRO A 584 36.20 23.01 4.59
N ILE A 585 36.22 22.20 5.65
CA ILE A 585 36.90 20.91 5.59
C ILE A 585 36.13 19.94 4.70
N TYR A 586 34.81 19.91 4.84
CA TYR A 586 33.94 19.10 3.99
C TYR A 586 32.82 19.98 3.46
N GLY A 587 32.41 19.69 2.23
CA GLY A 587 31.34 20.47 1.61
C GLY A 587 31.85 21.79 1.06
N SER A 588 30.90 22.69 0.81
CA SER A 588 31.18 24.01 0.27
C SER A 588 30.44 25.05 1.10
N ASN A 589 30.56 26.31 0.68
CA ASN A 589 29.91 27.41 1.38
C ASN A 589 28.42 27.49 1.10
N LYS A 590 27.90 26.73 0.15
CA LYS A 590 26.49 26.71 -0.19
C LYS A 590 25.99 25.28 -0.19
N PRO A 591 25.70 24.72 0.98
CA PRO A 591 25.18 23.35 1.05
C PRO A 591 23.76 23.26 0.50
N SER A 592 23.40 22.06 0.06
CA SER A 592 22.09 21.79 -0.51
C SER A 592 21.35 20.78 0.34
N PHE A 593 20.04 21.01 0.52
CA PHE A 593 19.21 20.06 1.25
C PHE A 593 18.89 18.82 0.40
N THR A 594 18.82 18.96 -0.92
CA THR A 594 18.58 17.82 -1.78
C THR A 594 19.73 16.83 -1.77
N ASP A 595 20.93 17.27 -1.37
CA ASP A 595 22.06 16.37 -1.22
C ASP A 595 22.03 15.62 0.11
N PHE A 596 21.19 16.05 1.05
CA PHE A 596 21.05 15.37 2.33
C PHE A 596 19.99 14.26 2.27
N VAL A 597 18.90 14.49 1.54
CA VAL A 597 17.83 13.51 1.46
C VAL A 597 18.05 12.47 0.36
N ALA A 598 18.87 12.78 -0.64
CA ALA A 598 19.17 11.79 -1.68
C ALA A 598 19.77 10.50 -1.14
N PRO A 599 20.75 10.51 -0.22
CA PRO A 599 21.18 9.25 0.40
C PRO A 599 20.19 8.76 1.44
N GLY A 600 19.15 8.06 1.00
CA GLY A 600 18.08 7.65 1.88
C GLY A 600 16.75 7.59 1.15
N VAL A 601 16.68 8.29 0.02
CA VAL A 601 15.60 8.06 -0.93
C VAL A 601 15.94 6.86 -1.82
N ILE A 602 17.23 6.70 -2.15
CA ILE A 602 17.67 5.53 -2.92
C ILE A 602 17.42 4.26 -2.13
N LEU A 603 17.78 4.26 -0.84
CA LEU A 603 17.66 3.05 -0.03
C LEU A 603 16.19 2.73 0.25
N THR A 604 15.36 3.74 0.47
CA THR A 604 13.96 3.50 0.77
C THR A 604 13.24 2.87 -0.42
N ILE A 605 13.52 3.35 -1.64
CA ILE A 605 12.86 2.82 -2.82
C ILE A 605 13.23 1.36 -3.04
N VAL A 606 14.52 1.03 -2.92
CA VAL A 606 14.97 -0.32 -3.21
C VAL A 606 14.51 -1.29 -2.14
N PHE A 607 14.52 -0.87 -0.88
CA PHE A 607 14.14 -1.76 0.22
C PHE A 607 12.66 -2.14 0.13
N PHE A 608 11.78 -1.14 0.01
CA PHE A 608 10.35 -1.40 0.10
C PHE A 608 9.75 -1.90 -1.20
N LEU A 609 10.47 -1.83 -2.32
CA LEU A 609 10.00 -2.44 -3.55
C LEU A 609 10.27 -3.94 -3.60
N ALA A 610 11.18 -4.43 -2.75
CA ALA A 610 11.41 -5.86 -2.63
C ALA A 610 10.47 -6.52 -1.63
N VAL A 611 10.02 -5.77 -0.62
CA VAL A 611 9.03 -6.31 0.32
C VAL A 611 7.70 -6.56 -0.38
N ALA A 612 7.28 -5.62 -1.22
CA ALA A 612 5.98 -5.74 -1.88
C ALA A 612 6.00 -6.81 -2.97
N LEU A 613 7.10 -6.90 -3.72
CA LEU A 613 7.16 -7.86 -4.82
C LEU A 613 7.32 -9.29 -4.31
N THR A 614 8.15 -9.50 -3.31
CA THR A 614 8.37 -10.84 -2.79
C THR A 614 7.14 -11.37 -2.07
N SER A 615 6.53 -10.55 -1.21
CA SER A 615 5.37 -10.99 -0.45
C SER A 615 4.20 -11.33 -1.36
N SER A 616 3.93 -10.47 -2.35
CA SER A 616 2.79 -10.70 -3.24
C SER A 616 2.99 -11.95 -4.09
N ALA A 617 4.19 -12.14 -4.63
CA ALA A 617 4.44 -13.27 -5.52
C ALA A 617 4.31 -14.60 -4.78
N LEU A 618 4.83 -14.68 -3.56
CA LEU A 618 4.81 -15.93 -2.82
C LEU A 618 3.43 -16.23 -2.24
N ILE A 619 2.71 -15.21 -1.79
CA ILE A 619 1.39 -15.44 -1.20
C ILE A 619 0.39 -15.84 -2.27
N ILE A 620 0.42 -15.19 -3.42
CA ILE A 620 -0.52 -15.49 -4.49
C ILE A 620 -0.33 -16.91 -4.99
N GLU A 621 0.93 -17.32 -5.20
CA GLU A 621 1.20 -18.64 -5.77
C GLU A 621 0.84 -19.76 -4.82
N ARG A 622 0.94 -19.53 -3.52
CA ARG A 622 0.58 -20.56 -2.55
C ARG A 622 -0.93 -20.73 -2.45
N MET A 623 -1.68 -19.62 -2.47
CA MET A 623 -3.14 -19.70 -2.38
C MET A 623 -3.74 -20.40 -3.60
N GLU A 624 -3.26 -20.09 -4.80
CA GLU A 624 -3.83 -20.65 -6.01
C GLU A 624 -3.49 -22.12 -6.21
N GLY A 625 -2.61 -22.69 -5.40
CA GLY A 625 -2.23 -24.07 -5.53
C GLY A 625 -1.17 -24.36 -6.58
N LEU A 626 -0.60 -23.32 -7.20
CA LEU A 626 0.46 -23.53 -8.17
C LEU A 626 1.71 -24.07 -7.52
N LEU A 627 2.02 -23.59 -6.30
CA LEU A 627 3.19 -24.07 -5.58
C LEU A 627 3.06 -25.55 -5.23
N ASP A 628 1.87 -25.98 -4.80
CA ASP A 628 1.66 -27.38 -4.46
C ASP A 628 1.67 -28.27 -5.68
N ARG A 629 1.15 -27.78 -6.82
CA ARG A 629 1.13 -28.57 -8.03
C ARG A 629 2.54 -28.87 -8.53
N SER A 630 3.44 -27.88 -8.44
CA SER A 630 4.81 -28.08 -8.88
C SER A 630 5.62 -28.94 -7.93
N TRP A 631 5.19 -29.05 -6.66
CA TRP A 631 5.89 -29.91 -5.72
C TRP A 631 5.64 -31.38 -6.02
N VAL A 632 4.41 -31.73 -6.40
CA VAL A 632 4.10 -33.12 -6.75
C VAL A 632 4.75 -33.52 -8.06
N ALA A 633 5.16 -32.56 -8.89
CA ALA A 633 5.83 -32.87 -10.14
C ALA A 633 7.32 -33.16 -9.95
N GLY A 634 7.85 -33.01 -8.74
CA GLY A 634 9.24 -33.31 -8.47
C GLY A 634 10.16 -32.11 -8.36
N VAL A 635 9.64 -30.94 -8.03
CA VAL A 635 10.45 -29.73 -7.86
C VAL A 635 10.64 -29.52 -6.36
N THR A 636 11.87 -29.64 -5.89
CA THR A 636 12.15 -29.53 -4.47
C THR A 636 12.04 -28.08 -4.01
N PRO A 637 11.77 -27.85 -2.72
CA PRO A 637 11.69 -26.48 -2.22
C PRO A 637 13.00 -25.72 -2.32
N GLY A 638 14.13 -26.41 -2.45
CA GLY A 638 15.40 -25.71 -2.61
C GLY A 638 15.49 -24.96 -3.93
N GLU A 639 15.04 -25.58 -5.03
CA GLU A 639 15.10 -24.93 -6.33
C GLU A 639 14.02 -23.87 -6.51
N ILE A 640 12.89 -24.00 -5.83
CA ILE A 640 11.88 -22.94 -5.87
C ILE A 640 12.42 -21.67 -5.21
N LEU A 641 13.10 -21.82 -4.07
CA LEU A 641 13.67 -20.66 -3.40
C LEU A 641 14.87 -20.10 -4.15
N PHE A 642 15.68 -20.98 -4.76
CA PHE A 642 16.85 -20.51 -5.48
C PHE A 642 16.46 -19.68 -6.70
N SER A 643 15.44 -20.13 -7.44
CA SER A 643 15.02 -19.41 -8.64
C SER A 643 14.34 -18.09 -8.29
N HIS A 644 13.71 -18.01 -7.12
CA HIS A 644 13.08 -16.76 -6.70
C HIS A 644 14.11 -15.72 -6.31
N VAL A 645 15.22 -16.15 -5.71
CA VAL A 645 16.26 -15.21 -5.29
C VAL A 645 16.97 -14.63 -6.50
N VAL A 646 17.26 -15.46 -7.51
CA VAL A 646 17.94 -14.98 -8.70
C VAL A 646 17.06 -14.00 -9.47
N THR A 647 15.75 -14.28 -9.53
CA THR A 647 14.84 -13.37 -10.22
C THR A 647 14.75 -12.02 -9.52
N GLN A 648 14.67 -12.02 -8.19
CA GLN A 648 14.61 -10.77 -7.44
C GLN A 648 15.93 -10.02 -7.50
N PHE A 649 17.06 -10.75 -7.51
CA PHE A 649 18.36 -10.11 -7.58
C PHE A 649 18.54 -9.33 -8.89
N VAL A 650 18.08 -9.91 -10.00
CA VAL A 650 18.20 -9.25 -11.29
C VAL A 650 17.28 -8.03 -11.35
N VAL A 651 16.08 -8.15 -10.78
CA VAL A 651 15.14 -7.02 -10.76
C VAL A 651 15.71 -5.87 -9.96
N MET A 652 16.29 -6.16 -8.78
CA MET A 652 16.84 -5.11 -7.95
C MET A 652 18.11 -4.52 -8.52
N CYS A 653 18.82 -5.24 -9.40
CA CYS A 653 19.98 -4.67 -10.07
C CYS A 653 19.55 -3.65 -11.12
N GLY A 654 18.46 -3.92 -11.82
CA GLY A 654 17.95 -2.96 -12.78
C GLY A 654 17.43 -1.69 -12.12
N GLN A 655 16.76 -1.85 -10.97
CA GLN A 655 16.28 -0.69 -10.22
C GLN A 655 17.44 0.18 -9.75
N THR A 656 18.50 -0.46 -9.25
CA THR A 656 19.65 0.29 -8.74
C THR A 656 20.32 1.10 -9.84
N ALA A 657 20.48 0.50 -11.03
CA ALA A 657 21.12 1.20 -12.13
C ALA A 657 20.30 2.40 -12.59
N LEU A 658 18.98 2.24 -12.69
CA LEU A 658 18.13 3.33 -13.14
C LEU A 658 18.13 4.49 -12.14
N VAL A 659 18.06 4.17 -10.84
CA VAL A 659 18.03 5.22 -9.82
C VAL A 659 19.33 6.01 -9.82
N LEU A 660 20.47 5.32 -9.87
CA LEU A 660 21.75 6.02 -9.79
C LEU A 660 22.07 6.78 -11.08
N ILE A 661 21.59 6.31 -12.22
CA ILE A 661 21.86 7.00 -13.48
C ILE A 661 21.15 8.34 -13.52
N PHE A 662 19.87 8.36 -13.15
CA PHE A 662 19.11 9.61 -13.20
C PHE A 662 19.54 10.56 -12.09
N MET A 663 19.86 10.03 -10.91
CA MET A 663 20.14 10.89 -9.77
C MET A 663 21.50 11.57 -9.90
N ILE A 664 22.50 10.86 -10.40
CA ILE A 664 23.87 11.34 -10.44
C ILE A 664 24.25 11.88 -11.81
N LEU A 665 24.00 11.10 -12.86
CA LEU A 665 24.43 11.50 -14.20
C LEU A 665 23.55 12.57 -14.80
N VAL A 666 22.26 12.57 -14.50
CA VAL A 666 21.33 13.50 -15.12
C VAL A 666 21.12 14.74 -14.25
N PHE A 667 20.84 14.56 -12.96
CA PHE A 667 20.51 15.67 -12.07
C PHE A 667 21.71 16.18 -11.29
N GLY A 668 22.89 15.61 -11.50
CA GLY A 668 24.10 16.15 -10.90
C GLY A 668 24.17 16.10 -9.39
N VAL A 669 23.79 14.96 -8.80
CA VAL A 669 24.01 14.75 -7.37
C VAL A 669 25.45 14.28 -7.16
N GLN A 670 26.15 14.94 -6.25
CA GLN A 670 27.58 14.69 -6.10
C GLN A 670 27.84 13.30 -5.53
N CYS A 671 28.96 12.71 -5.96
CA CYS A 671 29.42 11.41 -5.47
C CYS A 671 30.94 11.50 -5.31
N LYS A 672 31.39 11.82 -4.11
CA LYS A 672 32.81 12.03 -3.84
C LYS A 672 33.54 10.76 -3.45
N GLY A 673 32.83 9.66 -3.23
CA GLY A 673 33.44 8.42 -2.81
C GLY A 673 33.56 7.42 -3.94
N ASP A 674 33.70 6.15 -3.56
CA ASP A 674 33.79 5.06 -4.54
C ASP A 674 32.39 4.65 -4.96
N ILE A 675 32.12 4.71 -6.26
CA ILE A 675 30.80 4.34 -6.76
C ILE A 675 30.57 2.84 -6.62
N GLY A 676 31.63 2.04 -6.72
CA GLY A 676 31.47 0.60 -6.59
C GLY A 676 30.96 0.19 -5.22
N TRP A 677 31.45 0.84 -4.16
CA TRP A 677 30.97 0.53 -2.82
C TRP A 677 29.56 1.07 -2.59
N VAL A 678 29.16 2.11 -3.31
CA VAL A 678 27.79 2.59 -3.24
C VAL A 678 26.83 1.57 -3.83
N ILE A 679 27.24 0.90 -4.91
CA ILE A 679 26.40 -0.10 -5.55
C ILE A 679 26.20 -1.30 -4.64
N VAL A 680 27.27 -1.73 -3.95
CA VAL A 680 27.19 -2.92 -3.10
C VAL A 680 26.19 -2.71 -1.97
N LEU A 681 26.24 -1.55 -1.32
CA LEU A 681 25.35 -1.28 -0.20
C LEU A 681 23.89 -1.19 -0.65
N THR A 682 23.65 -0.63 -1.83
CA THR A 682 22.27 -0.54 -2.33
C THR A 682 21.69 -1.92 -2.60
N ILE A 683 22.49 -2.82 -3.18
CA ILE A 683 22.01 -4.19 -3.43
C ILE A 683 21.82 -4.93 -2.11
N LEU A 684 22.70 -4.69 -1.13
CA LEU A 684 22.57 -5.32 0.17
C LEU A 684 21.27 -4.94 0.86
N GLN A 685 20.85 -3.68 0.73
CA GLN A 685 19.57 -3.27 1.30
C GLN A 685 18.39 -3.88 0.55
N GLY A 686 18.56 -4.16 -0.75
CA GLY A 686 17.50 -4.84 -1.48
C GLY A 686 17.29 -6.26 -1.01
N LEU A 687 18.38 -6.99 -0.76
CA LEU A 687 18.25 -8.35 -0.24
C LEU A 687 17.70 -8.36 1.18
N CYS A 688 17.96 -7.29 1.95
CA CYS A 688 17.39 -7.19 3.28
C CYS A 688 15.87 -7.08 3.22
N GLY A 689 15.35 -6.31 2.27
CA GLY A 689 13.91 -6.22 2.10
C GLY A 689 13.29 -7.48 1.55
N MET A 690 14.05 -8.25 0.77
CA MET A 690 13.55 -9.52 0.28
C MET A 690 13.34 -10.51 1.43
N CYS A 691 14.26 -10.53 2.39
CA CYS A 691 14.11 -11.41 3.55
C CYS A 691 12.99 -10.97 4.47
N PHE A 692 12.71 -9.66 4.51
CA PHE A 692 11.55 -9.18 5.26
C PHE A 692 10.25 -9.61 4.59
N GLY A 693 10.23 -9.69 3.26
CA GLY A 693 9.07 -10.21 2.57
C GLY A 693 8.89 -11.71 2.74
N PHE A 694 9.97 -12.43 3.06
CA PHE A 694 9.85 -13.84 3.40
C PHE A 694 9.10 -14.02 4.71
N VAL A 695 9.35 -13.15 5.69
CA VAL A 695 8.67 -13.24 6.97
C VAL A 695 7.19 -12.93 6.82
N ILE A 696 6.86 -11.89 6.04
CA ILE A 696 5.47 -11.50 5.86
C ILE A 696 4.68 -12.59 5.16
N SER A 697 5.26 -13.18 4.11
CA SER A 697 4.55 -14.23 3.37
C SER A 697 4.36 -15.49 4.21
N ALA A 698 5.31 -15.79 5.10
CA ALA A 698 5.16 -16.95 5.97
C ALA A 698 4.14 -16.73 7.08
N ILE A 699 3.80 -15.48 7.38
CA ILE A 699 2.86 -15.15 8.44
C ILE A 699 1.46 -14.92 7.91
N CYS A 700 1.32 -14.10 6.87
CA CYS A 700 0.03 -13.72 6.36
C CYS A 700 -0.51 -14.76 5.38
N GLU A 701 -1.81 -14.80 5.11
CA GLU A 701 -2.35 -15.72 4.08
C GLU A 701 -3.19 -14.95 3.05
N LEU A 702 -3.47 -13.68 3.29
CA LEU A 702 -4.15 -12.90 2.26
C LEU A 702 -3.28 -11.72 1.85
N GLU A 703 -3.47 -11.28 0.61
CA GLU A 703 -2.69 -10.14 0.12
C GLU A 703 -3.06 -8.86 0.84
N ARG A 704 -4.32 -8.71 1.25
CA ARG A 704 -4.72 -7.49 1.95
C ARG A 704 -4.16 -7.43 3.35
N ASN A 705 -3.86 -8.58 3.96
CA ASN A 705 -3.20 -8.59 5.26
C ASN A 705 -1.72 -8.29 5.14
N ALA A 706 -1.07 -8.73 4.05
CA ALA A 706 0.34 -8.46 3.86
C ALA A 706 0.60 -7.00 3.55
N ILE A 707 -0.31 -6.36 2.81
CA ILE A 707 -0.14 -4.94 2.48
C ILE A 707 -0.20 -4.08 3.75
N GLN A 708 -1.13 -4.39 4.65
CA GLN A 708 -1.23 -3.64 5.89
C GLN A 708 -0.02 -3.87 6.78
N LEU A 709 0.56 -5.07 6.75
CA LEU A 709 1.77 -5.33 7.53
C LEU A 709 2.97 -4.56 6.98
N ALA A 710 3.08 -4.48 5.64
CA ALA A 710 4.18 -3.74 5.04
C ALA A 710 4.03 -2.24 5.25
N LEU A 711 2.82 -1.72 5.04
CA LEU A 711 2.59 -0.29 5.25
C LEU A 711 2.66 0.08 6.73
N GLY A 712 2.30 -0.85 7.61
CA GLY A 712 2.40 -0.59 9.04
C GLY A 712 3.80 -0.48 9.57
N SER A 713 4.79 -0.95 8.81
CA SER A 713 6.20 -0.80 9.17
C SER A 713 6.93 0.21 8.29
N PHE A 714 6.37 0.55 7.13
CA PHE A 714 7.01 1.52 6.25
C PHE A 714 6.90 2.93 6.80
N TYR A 715 5.73 3.29 7.31
CA TYR A 715 5.54 4.63 7.89
C TYR A 715 6.41 4.88 9.12
N PRO A 716 6.46 4.00 10.13
CA PRO A 716 7.23 4.35 11.34
C PRO A 716 8.72 4.39 11.11
N THR A 717 9.28 3.43 10.38
CA THR A 717 10.73 3.39 10.20
C THR A 717 11.24 4.55 9.37
N LEU A 718 10.43 5.03 8.42
CA LEU A 718 10.85 6.16 7.59
C LEU A 718 11.04 7.42 8.43
N LEU A 719 10.16 7.66 9.39
CA LEU A 719 10.26 8.84 10.25
C LEU A 719 11.35 8.73 11.29
N LEU A 720 11.90 7.53 11.52
CA LEU A 720 12.87 7.30 12.57
C LEU A 720 14.25 6.93 12.05
N SER A 721 14.46 6.98 10.72
CA SER A 721 15.73 6.59 10.13
C SER A 721 16.55 7.76 9.65
N GLY A 722 16.15 8.99 9.97
CA GLY A 722 16.94 10.16 9.61
C GLY A 722 17.05 10.40 8.11
N VAL A 723 15.96 10.21 7.37
CA VAL A 723 15.96 10.41 5.93
C VAL A 723 15.65 11.86 5.57
N ILE A 724 14.59 12.43 6.14
CA ILE A 724 14.18 13.79 5.81
C ILE A 724 14.66 14.82 6.82
N TRP A 725 15.14 14.40 7.99
CA TRP A 725 15.67 15.32 8.98
C TRP A 725 16.90 14.69 9.63
N PRO A 726 17.85 15.51 10.08
CA PRO A 726 19.03 14.96 10.76
C PRO A 726 18.66 14.16 12.00
N ILE A 727 19.43 13.09 12.24
CA ILE A 727 19.22 12.23 13.39
C ILE A 727 19.50 12.92 14.72
N GLU A 728 20.13 14.08 14.69
CA GLU A 728 20.52 14.79 15.91
C GLU A 728 19.40 15.64 16.49
N GLY A 729 18.22 15.66 15.87
CA GLY A 729 17.12 16.45 16.37
C GLY A 729 16.25 15.73 17.40
N MET A 730 16.20 14.40 17.33
CA MET A 730 15.38 13.64 18.25
C MET A 730 16.03 13.53 19.62
N PRO A 731 15.24 13.25 20.66
CA PRO A 731 15.82 13.06 22.00
C PRO A 731 16.77 11.87 22.05
N THR A 732 17.61 11.87 23.09
CA THR A 732 18.66 10.86 23.19
C THR A 732 18.08 9.46 23.32
N VAL A 733 17.01 9.30 24.10
CA VAL A 733 16.41 7.98 24.26
C VAL A 733 15.86 7.47 22.94
N LEU A 734 15.20 8.34 22.18
CA LEU A 734 14.66 7.94 20.89
C LEU A 734 15.77 7.71 19.86
N ARG A 735 16.89 8.42 20.00
CA ARG A 735 18.01 8.22 19.08
C ARG A 735 18.70 6.89 19.31
N TYR A 736 18.79 6.44 20.57
CA TYR A 736 19.39 5.14 20.85
C TYR A 736 18.58 4.01 20.23
N VAL A 737 17.26 4.08 20.33
CA VAL A 737 16.40 3.02 19.78
C VAL A 737 16.47 3.01 18.26
N SER A 738 16.51 4.19 17.64
CA SER A 738 16.47 4.28 16.19
C SER A 738 17.72 3.71 15.52
N THR A 739 18.84 3.66 16.22
CA THR A 739 20.08 3.17 15.60
C THR A 739 20.01 1.68 15.29
N PHE A 740 19.10 0.94 15.90
CA PHE A 740 18.96 -0.49 15.66
C PHE A 740 17.95 -0.81 14.57
N LEU A 741 17.35 0.20 13.94
CA LEU A 741 16.41 -0.01 12.85
C LEU A 741 17.15 -0.41 11.58
N PRO A 742 16.47 -1.12 10.67
CA PRO A 742 17.18 -1.66 9.49
C PRO A 742 17.86 -0.61 8.62
N LEU A 743 17.26 0.57 8.46
CA LEU A 743 17.74 1.53 7.48
C LEU A 743 18.49 2.72 8.09
N THR A 744 18.69 2.74 9.40
CA THR A 744 19.28 3.92 10.04
C THR A 744 20.79 3.99 9.80
N LEU A 745 21.51 2.90 10.08
CA LEU A 745 22.95 2.92 9.91
C LEU A 745 23.36 2.85 8.44
N ALA A 746 22.53 2.25 7.59
CA ALA A 746 22.83 2.21 6.16
C ALA A 746 22.67 3.58 5.51
N THR A 747 21.69 4.37 5.96
CA THR A 747 21.52 5.71 5.44
C THR A 747 22.71 6.60 5.81
N THR A 748 23.21 6.48 7.04
CA THR A 748 24.38 7.25 7.46
C THR A 748 25.62 6.85 6.66
N SER A 749 25.80 5.55 6.41
CA SER A 749 26.96 5.09 5.67
C SER A 749 26.94 5.59 4.23
N LEU A 750 25.77 5.57 3.58
CA LEU A 750 25.68 6.02 2.20
C LEU A 750 25.91 7.54 2.11
N ARG A 751 25.38 8.30 3.07
CA ARG A 751 25.55 9.74 3.07
C ARG A 751 27.01 10.12 3.22
N ALA A 752 27.75 9.40 4.06
CA ALA A 752 29.17 9.69 4.24
C ALA A 752 29.95 9.47 2.96
N MET A 753 29.65 8.39 2.23
CA MET A 753 30.37 8.11 0.99
C MET A 753 30.07 9.15 -0.08
N LEU A 754 28.80 9.55 -0.21
CA LEU A 754 28.40 10.47 -1.27
C LEU A 754 28.84 11.89 -0.99
N THR A 755 28.71 12.35 0.25
CA THR A 755 28.94 13.76 0.58
C THR A 755 30.34 14.06 1.09
N ARG A 756 31.04 13.06 1.64
CA ARG A 756 32.38 13.28 2.16
C ARG A 756 33.47 12.50 1.42
N GLY A 757 33.12 11.46 0.68
CA GLY A 757 34.13 10.67 0.01
C GLY A 757 34.87 9.71 0.91
N TRP A 758 34.27 9.32 2.03
CA TRP A 758 34.94 8.42 2.97
C TRP A 758 35.01 7.01 2.39
N SER A 759 36.00 6.25 2.85
CA SER A 759 36.26 4.90 2.36
C SER A 759 35.62 3.86 3.26
N ILE A 760 35.72 2.60 2.82
CA ILE A 760 35.15 1.49 3.57
C ILE A 760 35.86 1.30 4.91
N ALA A 761 37.07 1.81 5.06
CA ALA A 761 37.84 1.64 6.29
C ALA A 761 37.36 2.53 7.43
N GLU A 762 36.54 3.54 7.15
CA GLU A 762 36.05 4.41 8.21
C GLU A 762 34.95 3.70 9.00
N PRO A 763 34.98 3.80 10.33
CA PRO A 763 33.93 3.15 11.13
C PRO A 763 32.52 3.61 10.80
N ALA A 764 32.33 4.89 10.46
CA ALA A 764 31.00 5.36 10.12
C ALA A 764 30.50 4.79 8.81
N VAL A 765 31.38 4.22 7.99
CA VAL A 765 30.98 3.67 6.69
C VAL A 765 30.69 2.18 6.77
N TYR A 766 31.51 1.41 7.48
CA TYR A 766 31.33 -0.03 7.53
C TYR A 766 30.37 -0.48 8.64
N TYR A 767 29.87 0.45 9.46
CA TYR A 767 28.80 0.08 10.38
C TYR A 767 27.49 -0.17 9.65
N GLY A 768 27.26 0.54 8.54
CA GLY A 768 26.07 0.29 7.76
C GLY A 768 26.14 -1.00 6.97
N PHE A 769 27.35 -1.47 6.68
CA PHE A 769 27.49 -2.78 6.04
C PHE A 769 27.24 -3.91 7.03
N LEU A 770 27.74 -3.77 8.26
CA LEU A 770 27.53 -4.80 9.26
C LEU A 770 26.09 -4.81 9.76
N ALA A 771 25.47 -3.65 9.89
CA ALA A 771 24.09 -3.58 10.36
C ALA A 771 23.13 -4.20 9.36
N THR A 772 23.42 -4.11 8.06
CA THR A 772 22.56 -4.70 7.05
C THR A 772 22.69 -6.22 7.02
N ILE A 773 23.91 -6.74 7.19
CA ILE A 773 24.12 -8.18 7.16
C ILE A 773 23.46 -8.84 8.36
N ILE A 774 23.56 -8.22 9.54
CA ILE A 774 22.95 -8.79 10.74
C ILE A 774 21.44 -8.86 10.60
N TRP A 775 20.83 -7.85 9.98
CA TRP A 775 19.39 -7.87 9.76
C TRP A 775 18.96 -8.93 8.75
N ILE A 776 19.84 -9.28 7.82
CA ILE A 776 19.52 -10.37 6.88
C ILE A 776 19.47 -11.70 7.62
N VAL A 777 20.42 -11.94 8.52
CA VAL A 777 20.43 -13.18 9.29
C VAL A 777 19.22 -13.26 10.21
N ALA A 778 18.86 -12.14 10.85
CA ALA A 778 17.72 -12.12 11.74
C ALA A 778 16.42 -12.37 10.99
N PHE A 779 16.28 -11.82 9.78
CA PHE A 779 15.06 -12.03 9.01
C PHE A 779 14.95 -13.45 8.50
N LEU A 780 16.08 -14.07 8.14
CA LEU A 780 16.06 -15.46 7.70
C LEU A 780 15.82 -16.41 8.87
N THR A 781 16.22 -16.02 10.08
CA THR A 781 16.00 -16.86 11.25
C THR A 781 14.53 -16.84 11.67
N ILE A 782 13.90 -15.67 11.64
CA ILE A 782 12.50 -15.57 12.06
C ILE A 782 11.59 -16.36 11.13
N SER A 783 11.81 -16.24 9.81
CA SER A 783 10.96 -16.95 8.86
C SER A 783 11.10 -18.46 9.00
N MET A 784 12.32 -18.95 9.25
CA MET A 784 12.51 -20.38 9.45
C MET A 784 11.82 -20.86 10.72
N LEU A 785 11.85 -20.05 11.78
CA LEU A 785 11.15 -20.42 13.02
C LEU A 785 9.65 -20.41 12.84
N VAL A 786 9.12 -19.48 12.03
CA VAL A 786 7.67 -19.41 11.82
C VAL A 786 7.16 -20.68 11.15
N LEU A 787 7.88 -21.17 10.13
CA LEU A 787 7.44 -22.35 9.41
C LEU A 787 7.69 -23.63 10.21
N ARG A 788 8.55 -23.58 11.23
CA ARG A 788 8.89 -24.80 11.96
C ARG A 788 7.71 -25.32 12.77
N PHE A 789 6.98 -24.43 13.44
CA PHE A 789 5.86 -24.83 14.29
C PHE A 789 4.56 -24.14 13.88
N LYS A 790 4.41 -23.84 12.60
CA LYS A 790 3.17 -23.24 12.09
C LYS A 790 3.03 -23.50 10.59
N HIS B 62 -47.36 -18.62 -16.20
CA HIS B 62 -47.99 -18.02 -15.02
C HIS B 62 -46.97 -17.27 -14.16
N ALA B 63 -45.89 -17.96 -13.78
CA ALA B 63 -44.88 -17.38 -12.91
C ALA B 63 -43.73 -16.74 -13.69
N VAL B 64 -43.05 -17.51 -14.53
CA VAL B 64 -41.90 -17.02 -15.30
C VAL B 64 -42.14 -17.35 -16.77
N CYS B 65 -41.77 -16.41 -17.64
CA CYS B 65 -41.85 -16.62 -19.08
C CYS B 65 -40.65 -15.95 -19.73
N VAL B 66 -39.85 -16.74 -20.45
CA VAL B 66 -38.66 -16.25 -21.13
C VAL B 66 -38.80 -16.55 -22.62
N ARG B 67 -38.54 -15.54 -23.45
CA ARG B 67 -38.67 -15.68 -24.90
C ARG B 67 -37.49 -14.99 -25.58
N HIS B 68 -36.74 -15.74 -26.38
CA HIS B 68 -35.69 -15.22 -27.25
C HIS B 68 -34.63 -14.46 -26.43
N ALA B 69 -33.94 -15.21 -25.59
CA ALA B 69 -32.97 -14.66 -24.64
C ALA B 69 -31.56 -15.00 -25.10
N PHE B 70 -30.78 -13.99 -25.49
CA PHE B 70 -29.41 -14.16 -25.95
C PHE B 70 -28.44 -13.56 -24.95
N LYS B 71 -27.27 -14.19 -24.83
CA LYS B 71 -26.20 -13.68 -23.98
C LYS B 71 -24.90 -14.39 -24.36
N GLN B 72 -23.80 -13.64 -24.35
CA GLN B 72 -22.49 -14.18 -24.71
C GLN B 72 -21.42 -13.50 -23.87
N TYR B 73 -20.27 -14.17 -23.78
CA TYR B 73 -19.11 -13.66 -23.04
C TYR B 73 -17.87 -13.78 -23.90
N GLY B 74 -16.88 -12.96 -23.59
CA GLY B 74 -15.61 -12.98 -24.29
C GLY B 74 -15.53 -11.93 -25.38
N SER B 75 -14.41 -11.97 -26.10
CA SER B 75 -14.15 -11.03 -27.18
C SER B 75 -15.01 -11.36 -28.40
N LYS B 76 -15.05 -10.40 -29.34
CA LYS B 76 -15.81 -10.62 -30.56
C LYS B 76 -15.20 -11.72 -31.42
N LYS B 77 -13.87 -11.79 -31.46
CA LYS B 77 -13.21 -12.81 -32.28
C LYS B 77 -13.52 -14.21 -31.77
N ASN B 78 -13.49 -14.41 -30.44
CA ASN B 78 -13.71 -15.72 -29.82
C ASN B 78 -14.75 -15.57 -28.72
N PRO B 79 -16.03 -15.47 -29.09
CA PRO B 79 -17.07 -15.28 -28.07
C PRO B 79 -17.57 -16.60 -27.50
N ASN B 80 -17.73 -16.61 -26.18
CA ASN B 80 -18.30 -17.76 -25.47
C ASN B 80 -19.80 -17.56 -25.36
N HIS B 81 -20.54 -18.14 -26.30
CA HIS B 81 -21.99 -18.00 -26.33
C HIS B 81 -22.59 -18.89 -25.24
N VAL B 82 -23.10 -18.27 -24.18
CA VAL B 82 -23.71 -19.02 -23.10
C VAL B 82 -25.21 -19.23 -23.32
N LEU B 83 -25.89 -18.26 -23.94
CA LEU B 83 -27.33 -18.35 -24.17
C LEU B 83 -27.64 -17.96 -25.61
N SER B 84 -28.52 -18.74 -26.24
CA SER B 84 -29.06 -18.45 -27.55
C SER B 84 -30.58 -18.47 -27.46
N ASP B 85 -31.25 -18.46 -28.61
CA ASP B 85 -32.71 -18.38 -28.67
C ASP B 85 -33.35 -19.36 -27.70
N LEU B 86 -34.04 -18.84 -26.68
CA LEU B 86 -34.47 -19.62 -25.53
C LEU B 86 -35.94 -19.37 -25.24
N ASN B 87 -36.65 -20.43 -24.85
CA ASN B 87 -38.05 -20.34 -24.44
C ASN B 87 -38.23 -21.11 -23.15
N MET B 88 -38.84 -20.47 -22.15
CA MET B 88 -39.12 -21.09 -20.88
C MET B 88 -40.50 -20.67 -20.39
N THR B 89 -41.25 -21.62 -19.85
CA THR B 89 -42.55 -21.36 -19.25
C THR B 89 -42.66 -22.15 -17.97
N VAL B 90 -42.74 -21.46 -16.84
CA VAL B 90 -42.85 -22.08 -15.52
C VAL B 90 -44.26 -21.85 -15.01
N ALA B 91 -44.99 -22.92 -14.76
CA ALA B 91 -46.33 -22.82 -14.21
C ALA B 91 -46.28 -22.46 -12.73
N LYS B 92 -47.36 -21.85 -12.25
CA LYS B 92 -47.42 -21.41 -10.87
C LYS B 92 -47.89 -22.55 -9.98
N GLY B 93 -47.11 -22.86 -8.94
CA GLY B 93 -47.44 -23.92 -8.02
C GLY B 93 -46.76 -25.25 -8.31
N THR B 94 -45.63 -25.26 -8.99
CA THR B 94 -44.94 -26.50 -9.34
C THR B 94 -43.43 -26.32 -9.13
N ILE B 95 -42.75 -27.45 -8.99
CA ILE B 95 -41.29 -27.49 -8.98
C ILE B 95 -40.83 -27.74 -10.42
N TYR B 96 -39.90 -26.92 -10.90
CA TYR B 96 -39.50 -27.01 -12.32
C TYR B 96 -38.30 -27.92 -12.51
N GLY B 97 -37.14 -27.53 -11.98
CA GLY B 97 -35.96 -28.34 -12.18
C GLY B 97 -35.25 -28.01 -13.48
N LEU B 98 -34.03 -27.51 -13.40
CA LEU B 98 -33.28 -27.06 -14.57
C LEU B 98 -31.94 -27.81 -14.61
N LEU B 99 -31.83 -28.77 -15.52
CA LEU B 99 -30.63 -29.58 -15.67
C LEU B 99 -29.90 -29.18 -16.95
N GLY B 100 -28.59 -28.98 -16.84
CA GLY B 100 -27.79 -28.59 -17.98
C GLY B 100 -26.42 -29.21 -17.94
N ALA B 101 -25.79 -29.28 -19.10
CA ALA B 101 -24.45 -29.85 -19.20
C ALA B 101 -23.43 -29.01 -18.44
N SER B 102 -23.54 -27.69 -18.54
CA SER B 102 -22.61 -26.77 -17.91
C SER B 102 -23.33 -25.93 -16.87
N GLY B 103 -22.61 -25.59 -15.80
CA GLY B 103 -23.16 -24.79 -14.72
C GLY B 103 -23.14 -23.30 -14.94
N CYS B 104 -22.59 -22.83 -16.06
CA CYS B 104 -22.55 -21.41 -16.36
C CYS B 104 -23.84 -20.90 -17.01
N GLY B 105 -24.41 -21.68 -17.93
CA GLY B 105 -25.64 -21.27 -18.57
C GLY B 105 -26.81 -21.18 -17.60
N LYS B 106 -26.93 -22.18 -16.72
CA LYS B 106 -27.99 -22.16 -15.72
C LYS B 106 -27.82 -20.99 -14.76
N THR B 107 -26.59 -20.73 -14.33
CA THR B 107 -26.34 -19.60 -13.44
C THR B 107 -26.68 -18.28 -14.11
N THR B 108 -26.30 -18.12 -15.38
CA THR B 108 -26.64 -16.90 -16.11
C THR B 108 -28.14 -16.76 -16.26
N LEU B 109 -28.84 -17.85 -16.55
CA LEU B 109 -30.29 -17.79 -16.70
C LEU B 109 -30.96 -17.39 -15.39
N LEU B 110 -30.52 -17.98 -14.27
CA LEU B 110 -31.10 -17.62 -12.97
C LEU B 110 -30.81 -16.17 -12.61
N SER B 111 -29.60 -15.70 -12.89
CA SER B 111 -29.24 -14.32 -12.60
C SER B 111 -30.07 -13.35 -13.45
N CYS B 112 -30.34 -13.71 -14.70
CA CYS B 112 -31.21 -12.88 -15.52
C CYS B 112 -32.65 -12.93 -15.03
N ILE B 113 -33.10 -14.08 -14.51
CA ILE B 113 -34.46 -14.20 -13.99
C ILE B 113 -34.65 -13.28 -12.78
N VAL B 114 -33.69 -13.30 -11.85
CA VAL B 114 -33.79 -12.42 -10.68
C VAL B 114 -33.49 -10.97 -11.01
N GLY B 115 -32.91 -10.70 -12.17
CA GLY B 115 -32.73 -9.32 -12.61
C GLY B 115 -31.42 -8.67 -12.24
N ARG B 116 -30.32 -9.42 -12.25
CA ARG B 116 -29.03 -8.87 -11.87
C ARG B 116 -27.96 -9.04 -12.94
N ARG B 117 -28.32 -9.39 -14.17
CA ARG B 117 -27.31 -9.54 -15.20
C ARG B 117 -27.69 -8.79 -16.49
N ARG B 118 -28.99 -8.70 -16.79
CA ARG B 118 -29.49 -7.91 -17.92
C ARG B 118 -28.87 -8.38 -19.25
N LEU B 119 -29.24 -9.60 -19.62
CA LEU B 119 -28.75 -10.17 -20.88
C LEU B 119 -29.29 -9.37 -22.07
N ASN B 120 -28.52 -9.37 -23.15
CA ASN B 120 -28.82 -8.52 -24.30
C ASN B 120 -29.84 -9.18 -25.22
N THR B 121 -30.77 -8.36 -25.73
CA THR B 121 -31.78 -8.78 -26.71
C THR B 121 -32.56 -9.99 -26.21
N GLY B 122 -33.29 -9.76 -25.12
CA GLY B 122 -34.10 -10.81 -24.53
C GLY B 122 -35.48 -10.35 -24.11
N GLU B 123 -36.22 -11.23 -23.44
CA GLU B 123 -37.57 -10.90 -22.95
C GLU B 123 -37.86 -11.79 -21.76
N ILE B 124 -37.88 -11.20 -20.56
CA ILE B 124 -38.13 -11.93 -19.33
C ILE B 124 -39.38 -11.34 -18.68
N TRP B 125 -40.36 -12.20 -18.42
CA TRP B 125 -41.59 -11.83 -17.71
C TRP B 125 -41.69 -12.72 -16.48
N VAL B 126 -41.70 -12.11 -15.30
CA VAL B 126 -41.71 -12.88 -14.06
C VAL B 126 -42.51 -12.15 -12.99
N LEU B 127 -43.57 -12.81 -12.51
CA LEU B 127 -44.38 -12.30 -11.39
C LEU B 127 -44.92 -10.90 -11.65
N GLY B 128 -45.40 -10.67 -12.88
CA GLY B 128 -46.05 -9.43 -13.25
C GLY B 128 -45.38 -8.70 -14.40
N GLY B 129 -44.06 -8.75 -14.47
CA GLY B 129 -43.36 -8.05 -15.52
C GLY B 129 -41.86 -8.21 -15.40
N LYS B 130 -41.15 -7.30 -16.07
CA LYS B 130 -39.69 -7.34 -16.06
C LYS B 130 -39.16 -7.14 -14.65
N PRO B 131 -38.08 -7.83 -14.26
CA PRO B 131 -37.51 -7.60 -12.93
C PRO B 131 -37.08 -6.15 -12.76
N GLY B 132 -37.42 -5.58 -11.60
CA GLY B 132 -37.05 -4.21 -11.31
C GLY B 132 -37.66 -3.18 -12.24
N THR B 133 -38.94 -3.36 -12.61
CA THR B 133 -39.63 -2.44 -13.49
C THR B 133 -40.79 -1.72 -12.82
N LYS B 134 -41.01 -1.94 -11.53
CA LYS B 134 -42.10 -1.38 -10.74
C LYS B 134 -43.46 -1.96 -11.13
N GLY B 135 -43.49 -2.99 -11.96
CA GLY B 135 -44.72 -3.67 -12.29
C GLY B 135 -44.73 -5.10 -11.78
N SER B 136 -43.55 -5.59 -11.40
CA SER B 136 -43.38 -6.92 -10.84
C SER B 136 -42.94 -6.81 -9.39
N GLY B 137 -42.66 -7.96 -8.78
CA GLY B 137 -42.19 -7.99 -7.41
C GLY B 137 -40.93 -8.81 -7.24
N VAL B 138 -40.12 -8.88 -8.30
CA VAL B 138 -38.90 -9.68 -8.22
C VAL B 138 -37.91 -9.15 -7.18
N PRO B 139 -37.56 -7.85 -7.15
CA PRO B 139 -36.74 -7.36 -6.04
C PRO B 139 -37.61 -7.06 -4.84
N GLY B 140 -37.51 -7.88 -3.81
CA GLY B 140 -38.26 -7.68 -2.60
C GLY B 140 -38.50 -9.00 -1.88
N LYS B 141 -39.54 -9.00 -1.06
CA LYS B 141 -39.86 -10.12 -0.19
C LYS B 141 -40.72 -11.18 -0.87
N ARG B 142 -41.05 -11.00 -2.14
CA ARG B 142 -41.87 -11.97 -2.86
C ARG B 142 -41.05 -13.09 -3.49
N VAL B 143 -39.72 -13.03 -3.42
CA VAL B 143 -38.86 -14.06 -3.98
C VAL B 143 -37.78 -14.40 -2.97
N GLY B 144 -37.32 -15.65 -3.03
CA GLY B 144 -36.22 -16.10 -2.20
C GLY B 144 -35.09 -16.68 -3.02
N TYR B 145 -33.93 -16.04 -2.97
CA TYR B 145 -32.82 -16.33 -3.86
C TYR B 145 -31.66 -16.94 -3.11
N MET B 146 -31.18 -18.08 -3.59
CA MET B 146 -29.97 -18.72 -3.08
C MET B 146 -28.89 -18.66 -4.14
N PRO B 147 -27.86 -17.83 -3.99
CA PRO B 147 -26.84 -17.71 -5.03
C PRO B 147 -25.93 -18.93 -5.08
N GLN B 148 -25.11 -18.98 -6.13
CA GLN B 148 -24.16 -20.07 -6.27
C GLN B 148 -23.07 -20.02 -5.21
N GLU B 149 -22.63 -18.82 -4.86
CA GLU B 149 -21.61 -18.64 -3.84
C GLU B 149 -22.25 -18.42 -2.47
N ILE B 150 -21.43 -18.59 -1.43
CA ILE B 150 -21.88 -18.36 -0.07
C ILE B 150 -21.75 -16.87 0.24
N ALA B 151 -22.81 -16.12 -0.06
CA ALA B 151 -22.80 -14.67 0.11
C ALA B 151 -23.25 -14.29 1.52
N LEU B 152 -22.48 -14.77 2.50
CA LEU B 152 -22.78 -14.53 3.90
C LEU B 152 -21.68 -13.68 4.54
N TYR B 153 -22.07 -12.89 5.53
CA TYR B 153 -21.11 -12.10 6.29
C TYR B 153 -20.51 -12.95 7.39
N GLY B 154 -19.18 -12.93 7.48
CA GLY B 154 -18.51 -13.52 8.62
C GLY B 154 -18.77 -12.71 9.88
N GLU B 155 -18.06 -13.08 10.94
CA GLU B 155 -18.14 -12.43 12.25
C GLU B 155 -19.58 -12.18 12.69
N PHE B 156 -20.53 -12.96 12.18
CA PHE B 156 -21.93 -12.86 12.54
C PHE B 156 -22.45 -14.25 12.87
N SER B 157 -23.17 -14.37 13.99
CA SER B 157 -23.75 -15.65 14.34
C SER B 157 -24.95 -15.94 13.46
N ILE B 158 -25.47 -17.17 13.57
CA ILE B 158 -26.62 -17.58 12.77
C ILE B 158 -27.84 -16.73 13.13
N LYS B 159 -28.06 -16.52 14.43
CA LYS B 159 -29.18 -15.71 14.88
C LYS B 159 -29.06 -14.27 14.39
N GLU B 160 -27.84 -13.72 14.40
CA GLU B 160 -27.65 -12.36 13.92
C GLU B 160 -27.93 -12.25 12.43
N THR B 161 -27.50 -13.23 11.65
CA THR B 161 -27.80 -13.23 10.21
C THR B 161 -29.30 -13.32 9.96
N MET B 162 -29.98 -14.20 10.70
CA MET B 162 -31.42 -14.31 10.55
C MET B 162 -32.11 -13.00 10.91
N MET B 163 -31.69 -12.36 12.00
CA MET B 163 -32.30 -11.10 12.42
C MET B 163 -32.07 -10.01 11.39
N TYR B 164 -30.84 -9.92 10.85
CA TYR B 164 -30.54 -8.90 9.85
C TYR B 164 -31.42 -9.08 8.62
N PHE B 165 -31.47 -10.30 8.08
CA PHE B 165 -32.25 -10.51 6.86
C PHE B 165 -33.75 -10.37 7.12
N GLY B 166 -34.21 -10.71 8.32
CA GLY B 166 -35.61 -10.49 8.65
C GLY B 166 -35.96 -9.02 8.75
N TRP B 167 -35.06 -8.23 9.36
CA TRP B 167 -35.28 -6.78 9.41
C TRP B 167 -35.27 -6.17 8.02
N ILE B 168 -34.46 -6.73 7.11
CA ILE B 168 -34.49 -6.25 5.73
C ILE B 168 -35.86 -6.51 5.10
N PHE B 169 -36.43 -7.68 5.34
CA PHE B 169 -37.72 -8.06 4.78
C PHE B 169 -38.90 -7.57 5.59
N GLY B 170 -38.66 -6.85 6.69
CA GLY B 170 -39.74 -6.27 7.44
C GLY B 170 -40.53 -7.21 8.32
N MET B 171 -39.95 -8.36 8.67
CA MET B 171 -40.61 -9.28 9.59
C MET B 171 -40.44 -8.80 11.03
N GLU B 172 -41.43 -9.11 11.86
CA GLU B 172 -41.35 -8.77 13.28
C GLU B 172 -40.36 -9.69 13.99
N SER B 173 -39.69 -9.14 15.00
CA SER B 173 -38.69 -9.90 15.73
C SER B 173 -39.28 -11.10 16.44
N SER B 174 -40.57 -11.06 16.78
CA SER B 174 -41.20 -12.17 17.48
C SER B 174 -41.46 -13.35 16.57
N GLU B 175 -41.68 -13.12 15.28
CA GLU B 175 -41.95 -14.19 14.33
C GLU B 175 -40.70 -14.66 13.59
N ILE B 176 -39.54 -14.09 13.89
CA ILE B 176 -38.29 -14.58 13.31
C ILE B 176 -37.73 -15.75 14.12
N ASN B 177 -37.97 -15.76 15.44
CA ASN B 177 -37.43 -16.82 16.28
C ASN B 177 -38.03 -18.18 15.93
N GLU B 178 -39.34 -18.22 15.65
CA GLU B 178 -39.97 -19.49 15.28
C GLU B 178 -39.37 -20.06 14.00
N ARG B 179 -39.19 -19.20 12.99
CA ARG B 179 -38.57 -19.65 11.76
C ARG B 179 -37.14 -20.10 12.00
N LEU B 180 -36.40 -19.37 12.85
CA LEU B 180 -35.02 -19.73 13.13
C LEU B 180 -34.93 -21.10 13.78
N GLN B 181 -35.76 -21.37 14.79
CA GLN B 181 -35.73 -22.68 15.44
C GLN B 181 -36.17 -23.79 14.49
N PHE B 182 -37.22 -23.53 13.69
CA PHE B 182 -37.66 -24.55 12.75
C PHE B 182 -36.57 -24.90 11.76
N LEU B 183 -35.88 -23.89 11.21
CA LEU B 183 -34.83 -24.15 10.24
C LEU B 183 -33.61 -24.79 10.89
N LEU B 184 -33.28 -24.42 12.13
CA LEU B 184 -32.19 -25.06 12.84
C LEU B 184 -32.47 -26.55 13.05
N ASN B 185 -33.69 -26.89 13.40
CA ASN B 185 -34.04 -28.30 13.58
C ASN B 185 -34.08 -29.03 12.24
N PHE B 186 -34.62 -28.40 11.20
CA PHE B 186 -34.85 -29.08 9.93
C PHE B 186 -33.56 -29.29 9.16
N LEU B 187 -32.69 -28.29 9.11
CA LEU B 187 -31.50 -28.36 8.26
C LEU B 187 -30.27 -28.90 8.97
N ASP B 188 -30.41 -29.35 10.22
CA ASP B 188 -29.33 -30.00 10.97
C ASP B 188 -28.14 -29.03 11.04
N LEU B 189 -28.37 -27.95 11.79
CA LEU B 189 -27.39 -26.90 11.94
C LEU B 189 -26.88 -26.84 13.38
N PRO B 190 -25.66 -26.33 13.59
CA PRO B 190 -25.14 -26.22 14.97
C PRO B 190 -25.82 -25.12 15.76
N SER B 191 -25.30 -24.83 16.95
CA SER B 191 -25.92 -23.84 17.82
C SER B 191 -26.00 -22.48 17.13
N GLN B 192 -27.06 -21.74 17.44
CA GLN B 192 -27.32 -20.46 16.79
C GLN B 192 -26.34 -19.37 17.20
N ASN B 193 -25.50 -19.61 18.21
CA ASN B 193 -24.53 -18.62 18.66
C ASN B 193 -23.17 -18.79 18.00
N ARG B 194 -23.03 -19.74 17.08
CA ARG B 194 -21.74 -19.96 16.42
C ARG B 194 -21.53 -18.95 15.30
N LEU B 195 -20.31 -18.44 15.21
CA LEU B 195 -19.96 -17.50 14.16
C LEU B 195 -19.93 -18.20 12.81
N VAL B 196 -20.34 -17.48 11.77
CA VAL B 196 -20.43 -18.07 10.43
C VAL B 196 -19.05 -18.43 9.91
N LYS B 197 -18.06 -17.57 10.17
CA LYS B 197 -16.70 -17.82 9.71
C LYS B 197 -16.06 -19.02 10.38
N ASN B 198 -16.64 -19.53 11.46
CA ASN B 198 -16.12 -20.69 12.16
C ASN B 198 -16.76 -22.00 11.73
N LEU B 199 -17.63 -21.96 10.71
CA LEU B 199 -18.29 -23.15 10.20
C LEU B 199 -17.55 -23.70 9.00
N SER B 200 -17.96 -24.89 8.57
CA SER B 200 -17.40 -25.53 7.39
C SER B 200 -18.19 -25.11 6.16
N GLY B 201 -17.78 -25.64 4.99
CA GLY B 201 -18.46 -25.27 3.75
C GLY B 201 -19.89 -25.76 3.69
N GLY B 202 -20.13 -27.00 4.07
CA GLY B 202 -21.49 -27.53 4.03
C GLY B 202 -22.42 -26.83 5.00
N GLN B 203 -21.93 -26.55 6.21
CA GLN B 203 -22.74 -25.84 7.19
C GLN B 203 -23.06 -24.43 6.71
N GLN B 204 -22.08 -23.76 6.09
CA GLN B 204 -22.32 -22.42 5.56
C GLN B 204 -23.33 -22.45 4.42
N ARG B 205 -23.25 -23.45 3.55
CA ARG B 205 -24.24 -23.57 2.48
C ARG B 205 -25.63 -23.82 3.04
N ARG B 206 -25.74 -24.65 4.08
CA ARG B 206 -27.04 -24.88 4.70
C ARG B 206 -27.58 -23.62 5.37
N VAL B 207 -26.69 -22.81 5.97
CA VAL B 207 -27.13 -21.55 6.56
C VAL B 207 -27.63 -20.60 5.48
N SER B 208 -26.96 -20.58 4.32
CA SER B 208 -27.43 -19.77 3.20
C SER B 208 -28.80 -20.25 2.72
N PHE B 209 -29.00 -21.56 2.66
CA PHE B 209 -30.30 -22.11 2.30
C PHE B 209 -31.38 -21.68 3.29
N ALA B 210 -31.06 -21.75 4.58
CA ALA B 210 -32.01 -21.31 5.60
C ALA B 210 -32.35 -19.84 5.47
N VAL B 211 -31.36 -19.01 5.12
CA VAL B 211 -31.61 -17.60 4.87
C VAL B 211 -32.55 -17.44 3.69
N ALA B 212 -32.34 -18.21 2.62
CA ALA B 212 -33.22 -18.11 1.46
C ALA B 212 -34.63 -18.57 1.76
N LEU B 213 -34.82 -19.48 2.71
CA LEU B 213 -36.13 -20.04 3.01
C LEU B 213 -36.88 -19.31 4.13
N MET B 214 -36.28 -18.28 4.72
CA MET B 214 -36.80 -17.77 6.00
C MET B 214 -38.11 -17.01 5.83
N HIS B 215 -38.20 -16.14 4.83
CA HIS B 215 -39.30 -15.18 4.75
C HIS B 215 -40.54 -15.71 4.04
N ASP B 216 -40.55 -16.99 3.65
CA ASP B 216 -41.70 -17.63 3.01
C ASP B 216 -42.11 -16.92 1.73
N PRO B 217 -41.29 -16.94 0.68
CA PRO B 217 -41.67 -16.28 -0.56
C PRO B 217 -42.49 -17.19 -1.47
N GLU B 218 -43.23 -16.56 -2.38
CA GLU B 218 -44.03 -17.30 -3.34
C GLU B 218 -43.22 -17.83 -4.52
N LEU B 219 -41.96 -17.42 -4.63
CA LEU B 219 -41.06 -17.93 -5.66
C LEU B 219 -39.70 -18.21 -5.03
N LEU B 220 -39.18 -19.40 -5.29
CA LEU B 220 -37.87 -19.81 -4.77
C LEU B 220 -36.97 -20.15 -5.94
N ILE B 221 -35.84 -19.44 -6.05
CA ILE B 221 -34.83 -19.70 -7.06
C ILE B 221 -33.58 -20.14 -6.34
N LEU B 222 -33.18 -21.40 -6.53
CA LEU B 222 -32.09 -22.01 -5.80
C LEU B 222 -31.01 -22.49 -6.76
N ASP B 223 -29.76 -22.23 -6.41
CA ASP B 223 -28.60 -22.62 -7.21
C ASP B 223 -27.83 -23.70 -6.47
N GLU B 224 -28.12 -24.96 -6.80
CA GLU B 224 -27.46 -26.13 -6.23
C GLU B 224 -27.56 -26.14 -4.71
N PRO B 225 -28.76 -26.29 -4.15
CA PRO B 225 -28.87 -26.29 -2.69
C PRO B 225 -28.33 -27.57 -2.06
N THR B 226 -28.37 -28.68 -2.77
CA THR B 226 -27.95 -30.00 -2.26
C THR B 226 -26.83 -30.51 -3.15
N VAL B 227 -25.60 -30.11 -2.85
CA VAL B 227 -24.43 -30.51 -3.62
C VAL B 227 -23.51 -31.41 -2.81
N GLY B 228 -23.34 -31.14 -1.53
CA GLY B 228 -22.53 -31.98 -0.67
C GLY B 228 -23.28 -32.38 0.58
N VAL B 229 -24.58 -32.52 0.46
CA VAL B 229 -25.46 -32.85 1.58
C VAL B 229 -25.61 -34.35 1.69
N ASP B 230 -25.80 -34.83 2.90
CA ASP B 230 -26.00 -36.25 3.14
C ASP B 230 -27.26 -36.72 2.40
N PRO B 231 -27.26 -37.94 1.84
CA PRO B 231 -28.44 -38.40 1.10
C PRO B 231 -29.73 -38.40 1.91
N LEU B 232 -29.66 -38.71 3.21
CA LEU B 232 -30.86 -38.65 4.04
C LEU B 232 -31.38 -37.23 4.15
N LEU B 233 -30.48 -36.27 4.42
CA LEU B 233 -30.88 -34.87 4.51
C LEU B 233 -31.37 -34.35 3.16
N ARG B 234 -30.75 -34.81 2.06
CA ARG B 234 -31.20 -34.41 0.74
C ARG B 234 -32.61 -34.94 0.45
N GLN B 235 -32.89 -36.17 0.85
CA GLN B 235 -34.23 -36.73 0.69
C GLN B 235 -35.25 -35.94 1.52
N SER B 236 -34.88 -35.59 2.76
CA SER B 236 -35.77 -34.80 3.59
C SER B 236 -36.04 -33.42 2.99
N ILE B 237 -34.99 -32.80 2.43
CA ILE B 237 -35.13 -31.49 1.81
C ILE B 237 -36.08 -31.57 0.61
N TRP B 238 -35.92 -32.59 -0.22
CA TRP B 238 -36.79 -32.75 -1.38
C TRP B 238 -38.23 -33.00 -0.95
N ASN B 239 -38.43 -33.80 0.09
CA ASN B 239 -39.78 -34.03 0.60
C ASN B 239 -40.40 -32.74 1.11
N HIS B 240 -39.62 -31.92 1.81
CA HIS B 240 -40.13 -30.64 2.29
C HIS B 240 -40.51 -29.73 1.13
N LEU B 241 -39.67 -29.67 0.09
CA LEU B 241 -39.99 -28.84 -1.07
C LEU B 241 -41.27 -29.32 -1.74
N VAL B 242 -41.41 -30.63 -1.91
CA VAL B 242 -42.62 -31.17 -2.52
C VAL B 242 -43.84 -30.83 -1.67
N GLN B 243 -43.71 -30.89 -0.35
CA GLN B 243 -44.84 -30.62 0.53
C GLN B 243 -45.27 -29.16 0.42
N ILE B 244 -44.32 -28.23 0.53
CA ILE B 244 -44.68 -26.82 0.47
C ILE B 244 -45.14 -26.40 -0.92
N THR B 245 -44.69 -27.09 -1.97
CA THR B 245 -45.16 -26.74 -3.31
C THR B 245 -46.61 -27.19 -3.53
N LYS B 246 -46.93 -28.41 -3.13
CA LYS B 246 -48.27 -28.94 -3.34
C LYS B 246 -49.30 -28.24 -2.46
N ASP B 247 -50.52 -28.13 -2.98
CA ASP B 247 -51.64 -27.52 -2.26
C ASP B 247 -51.31 -26.11 -1.81
N GLY B 248 -50.69 -25.34 -2.69
CA GLY B 248 -50.28 -23.99 -2.34
C GLY B 248 -50.01 -23.17 -3.58
N ASN B 249 -49.55 -21.94 -3.35
CA ASN B 249 -49.23 -20.98 -4.40
C ASN B 249 -47.74 -20.67 -4.41
N LYS B 250 -46.91 -21.69 -4.24
CA LYS B 250 -45.47 -21.53 -4.20
C LYS B 250 -44.84 -22.25 -5.39
N THR B 251 -43.87 -21.59 -6.02
CA THR B 251 -43.16 -22.12 -7.18
C THR B 251 -41.68 -22.19 -6.86
N VAL B 252 -41.06 -23.31 -7.24
CA VAL B 252 -39.64 -23.55 -6.97
C VAL B 252 -38.94 -23.80 -8.30
N ILE B 253 -37.85 -23.08 -8.52
CA ILE B 253 -36.96 -23.31 -9.67
C ILE B 253 -35.61 -23.71 -9.09
N ILE B 254 -35.21 -24.96 -9.34
CA ILE B 254 -34.04 -25.56 -8.71
C ILE B 254 -33.14 -26.14 -9.79
N THR B 255 -31.84 -25.89 -9.68
CA THR B 255 -30.84 -26.49 -10.55
C THR B 255 -29.98 -27.43 -9.72
N THR B 256 -29.81 -28.66 -10.22
CA THR B 256 -29.10 -29.68 -9.47
C THR B 256 -28.21 -30.49 -10.41
N HIS B 257 -27.24 -31.19 -9.83
CA HIS B 257 -26.35 -32.07 -10.57
C HIS B 257 -26.75 -33.54 -10.48
N TYR B 258 -27.60 -33.91 -9.52
CA TYR B 258 -28.11 -35.26 -9.41
C TYR B 258 -29.35 -35.37 -10.29
N ILE B 259 -29.18 -35.91 -11.49
CA ILE B 259 -30.27 -35.96 -12.46
C ILE B 259 -31.40 -36.85 -11.96
N GLU B 260 -31.06 -38.00 -11.36
CA GLU B 260 -32.09 -38.90 -10.88
C GLU B 260 -32.88 -38.31 -9.72
N GLU B 261 -32.24 -37.49 -8.89
CA GLU B 261 -32.94 -36.89 -7.75
C GLU B 261 -34.07 -35.97 -8.20
N ALA B 262 -33.95 -35.38 -9.39
CA ALA B 262 -35.01 -34.51 -9.90
C ALA B 262 -36.10 -35.32 -10.57
N ARG B 263 -36.60 -36.34 -9.88
CA ARG B 263 -37.74 -37.11 -10.36
C ARG B 263 -39.06 -36.68 -9.73
N GLN B 264 -39.02 -36.08 -8.55
CA GLN B 264 -40.19 -35.49 -7.93
C GLN B 264 -40.55 -34.15 -8.56
N ALA B 265 -39.71 -33.61 -9.44
CA ALA B 265 -40.01 -32.38 -10.13
C ALA B 265 -41.16 -32.60 -11.11
N HIS B 266 -41.79 -31.49 -11.51
CA HIS B 266 -43.00 -31.56 -12.32
C HIS B 266 -42.77 -31.25 -13.79
N THR B 267 -41.78 -30.44 -14.13
CA THR B 267 -41.52 -30.09 -15.53
C THR B 267 -40.01 -29.90 -15.70
N ILE B 268 -39.33 -30.96 -16.12
CA ILE B 268 -37.88 -30.92 -16.30
C ILE B 268 -37.54 -30.23 -17.60
N GLY B 269 -36.65 -29.24 -17.54
CA GLY B 269 -36.14 -28.60 -18.74
C GLY B 269 -34.67 -28.89 -18.96
N LEU B 270 -34.36 -29.64 -20.01
CA LEU B 270 -32.99 -30.08 -20.27
C LEU B 270 -32.27 -29.03 -21.13
N MET B 271 -31.16 -28.51 -20.60
CA MET B 271 -30.43 -27.42 -21.20
C MET B 271 -29.18 -27.95 -21.91
N ARG B 272 -28.95 -27.47 -23.13
CA ARG B 272 -27.77 -27.86 -23.89
C ARG B 272 -27.52 -26.85 -25.00
N SER B 273 -26.27 -26.40 -25.11
CA SER B 273 -25.83 -25.48 -26.18
C SER B 273 -26.64 -24.19 -26.20
N GLY B 274 -26.96 -23.68 -25.00
CA GLY B 274 -27.69 -22.42 -24.91
C GLY B 274 -29.16 -22.50 -25.24
N LYS B 275 -29.72 -23.71 -25.37
CA LYS B 275 -31.12 -23.90 -25.69
C LYS B 275 -31.68 -25.01 -24.81
N LEU B 276 -32.99 -25.21 -24.90
CA LEU B 276 -33.66 -26.28 -24.18
C LEU B 276 -34.02 -27.39 -25.16
N LEU B 277 -33.43 -28.58 -24.96
CA LEU B 277 -33.76 -29.71 -25.82
C LEU B 277 -35.19 -30.18 -25.58
N ALA B 278 -35.62 -30.20 -24.32
CA ALA B 278 -36.97 -30.61 -23.98
C ALA B 278 -37.38 -29.92 -22.69
N GLU B 279 -38.69 -29.76 -22.51
CA GLU B 279 -39.25 -29.17 -21.30
C GLU B 279 -40.63 -29.80 -21.10
N GLU B 280 -40.69 -30.83 -20.26
CA GLU B 280 -41.93 -31.57 -20.12
C GLU B 280 -41.82 -32.45 -18.87
N SER B 281 -42.91 -33.13 -18.54
CA SER B 281 -42.98 -33.89 -17.30
C SER B 281 -41.96 -35.01 -17.31
N PRO B 282 -41.36 -35.35 -16.16
CA PRO B 282 -40.32 -36.40 -16.16
C PRO B 282 -40.87 -37.78 -16.43
N HIS B 283 -41.97 -38.16 -15.77
CA HIS B 283 -42.53 -39.50 -15.96
C HIS B 283 -42.97 -39.71 -17.40
N VAL B 284 -43.64 -38.71 -17.98
CA VAL B 284 -44.07 -38.84 -19.36
C VAL B 284 -42.87 -38.86 -20.29
N LEU B 285 -41.84 -38.06 -19.98
CA LEU B 285 -40.63 -38.06 -20.79
C LEU B 285 -39.98 -39.44 -20.80
N LEU B 286 -39.94 -40.11 -19.65
CA LEU B 286 -39.45 -41.48 -19.61
C LEU B 286 -40.39 -42.43 -20.36
N SER B 287 -41.68 -42.16 -20.33
CA SER B 287 -42.65 -43.01 -21.02
C SER B 287 -42.44 -42.97 -22.53
N MET B 288 -42.17 -41.79 -23.10
CA MET B 288 -42.03 -41.69 -24.55
C MET B 288 -40.88 -42.54 -25.06
N TYR B 289 -39.73 -42.48 -24.39
CA TYR B 289 -38.54 -43.20 -24.84
C TYR B 289 -38.34 -44.53 -24.14
N GLY B 290 -39.26 -44.91 -23.24
CA GLY B 290 -39.17 -46.20 -22.57
C GLY B 290 -37.90 -46.40 -21.77
N CYS B 291 -37.44 -45.36 -21.07
CA CYS B 291 -36.22 -45.42 -20.30
C CYS B 291 -36.54 -45.57 -18.82
N GLN B 292 -35.64 -46.24 -18.10
CA GLN B 292 -35.75 -46.43 -16.66
C GLN B 292 -35.01 -45.36 -15.86
N SER B 293 -34.34 -44.42 -16.53
CA SER B 293 -33.60 -43.37 -15.85
C SER B 293 -33.51 -42.15 -16.74
N LEU B 294 -33.47 -40.98 -16.11
CA LEU B 294 -33.37 -39.72 -16.85
C LEU B 294 -31.97 -39.48 -17.41
N GLU B 295 -30.96 -40.18 -16.91
CA GLU B 295 -29.60 -39.97 -17.38
C GLU B 295 -29.46 -40.29 -18.87
N GLU B 296 -30.02 -41.41 -19.30
CA GLU B 296 -29.91 -41.84 -20.68
C GLU B 296 -30.84 -41.09 -21.62
N VAL B 297 -31.82 -40.35 -21.08
CA VAL B 297 -32.61 -39.47 -21.93
C VAL B 297 -31.78 -38.29 -22.41
N PHE B 298 -30.93 -37.75 -21.52
CA PHE B 298 -30.05 -36.64 -21.89
C PHE B 298 -29.08 -37.03 -22.99
N LEU B 299 -28.78 -38.32 -23.15
CA LEU B 299 -27.87 -38.80 -24.18
C LEU B 299 -28.56 -38.69 -25.54
N LYS B 300 -28.69 -37.46 -26.01
CA LYS B 300 -29.31 -37.15 -27.29
C LYS B 300 -28.20 -36.81 -28.28
N LEU B 301 -27.88 -37.77 -29.15
CA LEU B 301 -26.92 -37.53 -30.21
C LEU B 301 -27.48 -36.66 -31.33
N SER B 302 -28.79 -36.41 -31.33
CA SER B 302 -29.44 -35.57 -32.32
C SER B 302 -29.20 -36.05 -33.74
N SER B 390 -38.53 3.18 4.32
CA SER B 390 -37.15 2.93 3.93
C SER B 390 -36.15 3.31 5.01
N TRP B 391 -36.57 4.03 6.04
CA TRP B 391 -35.65 4.39 7.13
C TRP B 391 -35.28 3.17 7.96
N GLY B 392 -36.23 2.25 8.18
CA GLY B 392 -35.91 1.03 8.90
C GLY B 392 -34.96 0.11 8.15
N LYS B 393 -34.86 0.27 6.83
CA LYS B 393 -33.89 -0.47 6.04
C LYS B 393 -32.52 0.17 6.05
N ILE B 394 -32.39 1.37 6.62
CA ILE B 394 -31.11 2.08 6.69
C ILE B 394 -30.48 1.82 8.05
N LYS B 395 -31.32 1.64 9.08
CA LYS B 395 -30.78 1.25 10.39
C LYS B 395 -30.08 -0.10 10.32
N ALA B 396 -30.65 -1.03 9.57
CA ALA B 396 -30.04 -2.36 9.46
C ALA B 396 -28.68 -2.28 8.76
N LEU B 397 -28.58 -1.47 7.71
CA LEU B 397 -27.30 -1.31 7.03
C LEU B 397 -26.30 -0.54 7.88
N LEU B 398 -26.77 0.47 8.63
CA LEU B 398 -25.87 1.23 9.48
C LEU B 398 -25.36 0.39 10.64
N GLN B 399 -26.24 -0.39 11.26
CA GLN B 399 -25.81 -1.25 12.38
C GLN B 399 -24.81 -2.30 11.93
N LYS B 400 -25.04 -2.89 10.75
CA LYS B 400 -24.14 -3.91 10.24
C LYS B 400 -22.75 -3.35 9.98
N ASN B 401 -22.67 -2.14 9.42
CA ASN B 401 -21.37 -1.56 9.08
C ASN B 401 -20.53 -1.28 10.32
N PHE B 402 -21.16 -0.83 11.41
CA PHE B 402 -20.42 -0.54 12.63
C PHE B 402 -19.95 -1.81 13.31
N LEU B 403 -20.73 -2.90 13.23
CA LEU B 403 -20.34 -4.14 13.89
C LEU B 403 -19.22 -4.85 13.13
N ARG B 404 -19.15 -4.68 11.82
CA ARG B 404 -18.10 -5.33 11.05
C ARG B 404 -16.73 -4.74 11.38
N MET B 405 -16.65 -3.43 11.62
CA MET B 405 -15.38 -2.83 11.98
C MET B 405 -15.00 -3.14 13.42
N TRP B 406 -15.98 -3.20 14.32
CA TRP B 406 -15.69 -3.45 15.73
C TRP B 406 -15.16 -4.86 15.95
N ARG B 407 -15.64 -5.84 15.20
CA ARG B 407 -15.24 -7.22 15.37
C ARG B 407 -13.98 -7.58 14.59
N ASN B 408 -13.38 -6.63 13.88
CA ASN B 408 -12.11 -6.82 13.19
C ASN B 408 -11.08 -5.94 13.89
N VAL B 409 -10.25 -6.57 14.74
CA VAL B 409 -9.27 -5.82 15.52
C VAL B 409 -8.18 -5.25 14.61
N GLY B 410 -7.76 -6.02 13.60
CA GLY B 410 -6.73 -5.53 12.70
C GLY B 410 -7.18 -4.31 11.92
N VAL B 411 -8.46 -4.26 11.54
CA VAL B 411 -9.00 -3.09 10.85
C VAL B 411 -9.02 -1.89 11.80
N MET B 412 -9.40 -2.11 13.06
CA MET B 412 -9.45 -1.02 14.02
C MET B 412 -8.06 -0.46 14.30
N LEU B 413 -7.02 -1.29 14.22
CA LEU B 413 -5.66 -0.83 14.46
C LEU B 413 -5.11 -0.04 13.28
N PHE B 414 -5.50 -0.39 12.06
CA PHE B 414 -4.92 0.24 10.88
C PHE B 414 -5.46 1.65 10.63
N ILE B 415 -6.73 1.89 10.94
CA ILE B 415 -7.35 3.18 10.62
C ILE B 415 -7.50 4.08 11.84
N PHE B 416 -7.15 3.61 13.01
CA PHE B 416 -7.28 4.44 14.21
C PHE B 416 -5.99 4.53 15.01
N ALA B 417 -5.21 3.46 15.09
CA ALA B 417 -3.96 3.48 15.85
C ALA B 417 -2.76 3.85 15.00
N LEU B 418 -2.78 3.49 13.72
CA LEU B 418 -1.70 3.90 12.82
C LEU B 418 -1.59 5.42 12.67
N PRO B 419 -2.67 6.18 12.47
CA PRO B 419 -2.50 7.64 12.39
C PRO B 419 -1.94 8.26 13.66
N VAL B 420 -2.29 7.72 14.84
CA VAL B 420 -1.79 8.28 16.08
C VAL B 420 -0.28 8.06 16.20
N MET B 421 0.20 6.89 15.80
CA MET B 421 1.63 6.60 15.88
C MET B 421 2.43 7.54 14.99
N GLN B 422 1.92 7.82 13.78
CA GLN B 422 2.62 8.74 12.88
C GLN B 422 2.71 10.14 13.48
N VAL B 423 1.60 10.62 14.06
CA VAL B 423 1.60 11.96 14.65
C VAL B 423 2.56 12.03 15.83
N ILE B 424 2.57 11.01 16.68
CA ILE B 424 3.46 11.00 17.84
C ILE B 424 4.91 10.99 17.38
N LEU B 425 5.24 10.14 16.41
CA LEU B 425 6.61 10.03 15.96
C LEU B 425 7.07 11.24 15.16
N PHE B 426 6.15 11.83 14.37
CA PHE B 426 6.52 13.00 13.57
C PHE B 426 6.84 14.20 14.46
N CYS B 427 6.06 14.40 15.52
CA CYS B 427 6.28 15.55 16.40
C CYS B 427 7.49 15.38 17.30
N LEU B 428 8.08 14.19 17.37
CA LEU B 428 9.23 13.94 18.23
C LEU B 428 10.55 13.89 17.48
N ALA B 429 10.53 13.73 16.17
CA ALA B 429 11.75 13.53 15.40
C ALA B 429 11.99 14.57 14.32
N ILE B 430 10.95 15.02 13.62
CA ILE B 430 11.10 15.87 12.44
C ILE B 430 10.94 17.32 12.85
N GLY B 431 11.90 18.15 12.44
CA GLY B 431 11.81 19.59 12.60
C GLY B 431 12.56 20.16 13.78
N ARG B 432 13.00 19.34 14.73
CA ARG B 432 13.67 19.85 15.91
C ARG B 432 15.11 20.24 15.58
N ASP B 433 15.65 21.17 16.38
CA ASP B 433 17.00 21.67 16.18
C ASP B 433 18.03 20.67 16.73
N PRO B 434 19.09 20.39 15.99
CA PRO B 434 20.15 19.51 16.54
C PRO B 434 20.79 20.12 17.78
N THR B 435 21.15 19.26 18.72
CA THR B 435 21.67 19.72 20.01
C THR B 435 23.02 19.10 20.36
N GLY B 436 23.26 17.87 19.92
CA GLY B 436 24.48 17.19 20.26
C GLY B 436 25.63 17.43 19.29
N LEU B 437 26.16 18.65 19.29
CA LEU B 437 27.22 19.04 18.37
C LEU B 437 28.48 19.37 19.15
N LYS B 438 29.60 18.76 18.74
CA LYS B 438 30.88 18.92 19.41
C LYS B 438 31.81 19.78 18.57
N LEU B 439 32.52 20.70 19.23
CA LEU B 439 33.47 21.58 18.58
C LEU B 439 34.85 21.42 19.21
N ALA B 440 35.87 21.44 18.37
CA ALA B 440 37.26 21.38 18.85
C ALA B 440 37.77 22.80 19.05
N ILE B 441 38.27 23.08 20.26
CA ILE B 441 38.69 24.42 20.63
C ILE B 441 40.17 24.40 20.99
N VAL B 442 40.93 25.30 20.38
CA VAL B 442 42.36 25.46 20.66
C VAL B 442 42.55 26.86 21.20
N ASN B 443 42.55 27.01 22.52
CA ASN B 443 42.77 28.28 23.18
C ASN B 443 44.23 28.33 23.64
N HIS B 444 45.05 29.09 22.93
CA HIS B 444 46.46 29.19 23.23
C HIS B 444 46.79 30.28 24.25
N GLU B 445 45.77 30.95 24.78
CA GLU B 445 45.95 31.89 25.88
C GLU B 445 45.98 31.21 27.23
N LYS B 446 45.70 29.90 27.29
CA LYS B 446 45.62 29.17 28.55
C LYS B 446 46.33 27.84 28.40
N ASN B 447 46.75 27.29 29.54
CA ASN B 447 47.43 26.01 29.54
C ASN B 447 46.47 24.87 29.21
N TYR B 448 47.01 23.84 28.55
CA TYR B 448 46.24 22.66 28.18
C TYR B 448 46.43 21.57 29.22
N THR B 449 45.32 21.02 29.70
CA THR B 449 45.36 19.96 30.70
C THR B 449 44.67 18.67 30.27
N ASN B 450 43.52 18.76 29.61
CA ASN B 450 42.74 17.58 29.26
C ASN B 450 41.82 17.92 28.11
N GLN B 451 41.26 16.88 27.48
CA GLN B 451 40.32 17.08 26.39
C GLN B 451 38.95 17.55 26.86
N SER B 452 38.71 17.57 28.17
CA SER B 452 37.42 17.99 28.70
C SER B 452 37.54 19.12 29.71
N TYR B 453 38.75 19.60 29.98
CA TYR B 453 38.95 20.69 30.93
C TYR B 453 39.93 21.70 30.36
N GLN B 454 39.69 22.98 30.63
CA GLN B 454 40.55 24.06 30.15
C GLN B 454 40.90 25.09 31.22
N GLU B 455 40.13 25.17 32.32
CA GLU B 455 40.32 26.18 33.35
C GLU B 455 40.14 27.57 32.72
N CYS B 456 38.89 27.85 32.35
CA CYS B 456 38.51 29.12 31.73
C CYS B 456 38.10 30.09 32.83
N SER B 457 39.08 30.79 33.39
CA SER B 457 38.85 31.72 34.49
C SER B 457 39.24 33.13 34.05
N PHE B 458 38.36 34.09 34.30
CA PHE B 458 38.61 35.49 33.98
C PHE B 458 37.77 36.36 34.89
N ASP B 459 38.17 37.62 35.03
CA ASP B 459 37.43 38.57 35.86
C ASP B 459 36.28 39.16 35.06
N TYR B 460 35.06 38.99 35.58
CA TYR B 460 33.85 39.41 34.87
C TYR B 460 33.65 40.92 34.87
N GLY B 461 34.35 41.66 35.73
CA GLY B 461 34.13 43.08 35.84
C GLY B 461 34.60 43.90 34.65
N CYS B 462 35.92 44.01 34.50
CA CYS B 462 36.51 44.89 33.49
C CYS B 462 37.99 44.50 33.32
N LYS B 463 38.74 45.40 32.70
CA LYS B 463 40.18 45.34 32.43
C LYS B 463 40.51 44.40 31.27
N PHE B 464 39.55 43.65 30.74
CA PHE B 464 39.74 42.82 29.55
C PHE B 464 40.95 41.90 29.70
N SER B 465 40.83 40.98 30.66
CA SER B 465 41.94 40.10 30.99
C SER B 465 42.22 39.10 29.87
N TYR B 466 41.22 38.28 29.53
CA TYR B 466 41.44 37.19 28.58
C TYR B 466 40.63 37.33 27.31
N LEU B 467 39.33 37.62 27.41
CA LEU B 467 38.49 37.95 26.25
C LEU B 467 38.30 36.78 25.31
N SER B 468 38.97 35.66 25.58
CA SER B 468 38.79 34.43 24.82
C SER B 468 37.97 33.39 25.56
N CYS B 469 38.19 33.27 26.87
CA CYS B 469 37.26 32.52 27.71
C CYS B 469 36.00 33.33 27.97
N ARG B 470 36.10 34.66 27.93
CA ARG B 470 34.92 35.51 28.02
C ARG B 470 33.99 35.31 26.83
N TYR B 471 34.56 35.19 25.62
CA TYR B 471 33.74 34.94 24.44
C TYR B 471 33.07 33.58 24.51
N LEU B 472 33.79 32.56 24.98
CA LEU B 472 33.23 31.22 25.06
C LEU B 472 32.14 31.12 26.14
N ASN B 473 32.08 32.07 27.06
CA ASN B 473 31.02 32.08 28.07
C ASN B 473 29.67 32.45 27.46
N ASN B 474 29.66 33.10 26.31
CA ASN B 474 28.42 33.49 25.64
C ASN B 474 27.94 32.45 24.64
N LEU B 475 28.70 31.37 24.43
CA LEU B 475 28.26 30.31 23.53
C LEU B 475 27.07 29.56 24.13
N ARG B 476 26.10 29.23 23.27
CA ARG B 476 24.89 28.58 23.73
C ARG B 476 25.19 27.14 24.11
N ASN B 477 24.88 26.77 25.36
CA ASN B 477 25.21 25.44 25.86
C ASN B 477 24.30 24.36 25.32
N SER B 478 23.08 24.71 24.90
CA SER B 478 22.11 23.69 24.50
C SER B 478 22.57 22.94 23.26
N THR B 479 23.14 23.64 22.28
CA THR B 479 23.43 23.05 20.99
C THR B 479 24.90 22.69 20.77
N ILE B 480 25.81 23.21 21.58
CA ILE B 480 27.24 23.06 21.35
C ILE B 480 27.90 22.48 22.59
N LEU B 481 28.66 21.39 22.41
CA LEU B 481 29.54 20.85 23.43
C LEU B 481 30.98 21.24 23.12
N LYS B 482 31.77 21.43 24.17
CA LYS B 482 33.12 21.97 24.04
C LYS B 482 34.15 20.90 24.39
N GLU B 483 35.07 20.68 23.46
CA GLU B 483 36.22 19.80 23.66
C GLU B 483 37.48 20.58 23.34
N TYR B 484 38.59 20.21 23.97
CA TYR B 484 39.81 20.98 23.90
C TYR B 484 40.96 20.14 23.35
N TYR B 485 41.75 20.75 22.47
CA TYR B 485 42.87 20.13 21.79
C TYR B 485 44.11 21.00 21.93
N PRO B 486 45.30 20.41 21.86
CA PRO B 486 46.52 21.19 22.11
C PRO B 486 47.03 21.92 20.88
N ASP B 487 46.74 21.41 19.69
CA ASP B 487 47.26 21.98 18.46
C ASP B 487 46.14 22.18 17.46
N PRO B 488 46.24 23.23 16.63
CA PRO B 488 45.27 23.39 15.54
C PRO B 488 45.29 22.23 14.56
N GLU B 489 46.45 21.62 14.33
CA GLU B 489 46.53 20.47 13.44
C GLU B 489 45.75 19.27 13.99
N SER B 490 45.85 19.03 15.30
CA SER B 490 45.14 17.92 15.90
C SER B 490 43.65 18.18 15.99
N ALA B 491 43.26 19.44 16.18
CA ALA B 491 41.84 19.78 16.19
C ALA B 491 41.21 19.59 14.82
N VAL B 492 41.93 19.97 13.75
CA VAL B 492 41.41 19.78 12.40
C VAL B 492 41.35 18.30 12.06
N ASP B 493 42.30 17.51 12.56
CA ASP B 493 42.27 16.06 12.35
C ASP B 493 41.02 15.44 12.96
N ALA B 494 40.55 15.97 14.09
CA ALA B 494 39.32 15.48 14.69
C ALA B 494 38.13 15.72 13.77
N VAL B 495 38.08 16.89 13.14
CA VAL B 495 36.99 17.20 12.22
C VAL B 495 37.04 16.29 11.00
N LYS B 496 38.24 15.93 10.53
CA LYS B 496 38.36 15.01 9.41
C LYS B 496 37.87 13.62 9.78
N GLN B 497 37.74 13.31 11.06
CA GLN B 497 37.05 12.12 11.53
C GLN B 497 35.65 12.52 12.00
N GLY B 498 34.92 11.59 12.59
CA GLY B 498 33.60 11.90 13.08
C GLY B 498 33.60 12.36 14.52
N HIS B 499 34.66 13.05 14.94
CA HIS B 499 34.83 13.42 16.33
C HIS B 499 34.43 14.85 16.64
N ALA B 500 34.33 15.72 15.64
CA ALA B 500 33.92 17.10 15.86
C ALA B 500 33.31 17.65 14.59
N TRP B 501 32.41 18.62 14.76
CA TRP B 501 31.78 19.29 13.64
C TRP B 501 32.53 20.56 13.22
N GLY B 502 33.53 20.98 13.97
CA GLY B 502 34.26 22.19 13.63
C GLY B 502 35.40 22.40 14.60
N ALA B 503 36.26 23.35 14.23
CA ALA B 503 37.45 23.67 15.01
C ALA B 503 37.53 25.18 15.21
N LEU B 504 37.92 25.58 16.43
CA LEU B 504 38.09 26.99 16.79
C LEU B 504 39.49 27.18 17.32
N TYR B 505 40.20 28.20 16.81
CA TYR B 505 41.58 28.46 17.16
C TYR B 505 41.72 29.89 17.68
N PHE B 506 42.27 30.02 18.89
CA PHE B 506 42.60 31.31 19.48
C PHE B 506 44.10 31.40 19.63
N THR B 507 44.70 32.44 19.04
CA THR B 507 46.12 32.68 19.21
C THR B 507 46.39 33.26 20.59
N GLU B 508 47.63 33.10 21.07
CA GLU B 508 48.01 33.62 22.38
C GLU B 508 48.03 35.15 22.43
N ASN B 509 48.00 35.81 21.28
CA ASN B 509 47.96 37.27 21.20
C ASN B 509 46.56 37.80 20.96
N PHE B 510 45.53 36.98 21.16
CA PHE B 510 44.17 37.35 20.81
C PHE B 510 43.69 38.55 21.62
N THR B 511 43.97 38.55 22.94
CA THR B 511 43.43 39.61 23.79
C THR B 511 44.03 40.96 23.46
N ASP B 512 45.36 41.05 23.38
CA ASP B 512 46.00 42.33 23.12
C ASP B 512 45.66 42.84 21.73
N ALA B 513 45.64 41.96 20.73
CA ALA B 513 45.30 42.38 19.37
C ALA B 513 43.85 42.84 19.28
N LEU B 514 42.93 42.14 19.95
CA LEU B 514 41.53 42.53 19.92
C LEU B 514 41.31 43.86 20.62
N VAL B 515 41.97 44.08 21.76
CA VAL B 515 41.83 45.34 22.47
C VAL B 515 42.34 46.50 21.63
N ALA B 516 43.48 46.32 20.97
CA ALA B 516 44.02 47.34 20.10
C ALA B 516 43.19 47.52 18.83
N ARG B 517 42.52 46.47 18.37
CA ARG B 517 41.74 46.57 17.15
C ARG B 517 40.56 47.52 17.31
N MET B 518 39.85 47.45 18.44
CA MET B 518 38.75 48.37 18.69
C MET B 518 39.21 49.76 19.11
N ALA B 519 40.44 49.90 19.59
CA ALA B 519 40.96 51.20 19.99
C ALA B 519 41.56 51.98 18.85
N LEU B 520 41.89 51.34 17.73
CA LEU B 520 42.44 52.02 16.57
C LEU B 520 41.38 52.37 15.54
N GLY B 521 40.38 51.52 15.36
CA GLY B 521 39.34 51.79 14.40
C GLY B 521 39.73 51.44 12.98
N LYS B 522 39.70 52.43 12.10
CA LYS B 522 40.06 52.24 10.70
C LYS B 522 41.55 52.42 10.45
N ASP B 523 42.33 52.72 11.47
CA ASP B 523 43.78 52.89 11.35
C ASP B 523 44.54 51.62 11.73
N ALA B 524 43.85 50.51 11.94
CA ALA B 524 44.50 49.28 12.36
C ALA B 524 45.39 48.74 11.24
N ASP B 525 46.62 48.36 11.61
CA ASP B 525 47.53 47.77 10.64
C ASP B 525 47.12 46.33 10.35
N PRO B 526 47.56 45.78 9.22
CA PRO B 526 47.17 44.40 8.87
C PRO B 526 47.63 43.36 9.89
N GLU B 527 48.63 43.66 10.70
CA GLU B 527 49.10 42.70 11.69
C GLU B 527 48.07 42.49 12.79
N THR B 528 47.53 43.57 13.35
CA THR B 528 46.53 43.44 14.41
C THR B 528 45.20 42.92 13.89
N LEU B 529 44.89 43.15 12.62
CA LEU B 529 43.68 42.58 12.03
C LEU B 529 43.78 41.08 11.80
N ASP B 530 44.99 40.52 11.88
CA ASP B 530 45.23 39.10 11.65
C ASP B 530 45.19 38.32 12.96
N GLN B 531 45.80 38.86 14.00
CA GLN B 531 45.92 38.11 15.26
C GLN B 531 44.72 38.30 16.15
N SER B 532 43.82 39.20 15.79
CA SER B 532 42.63 39.48 16.60
C SER B 532 41.38 38.81 16.06
N GLU B 533 41.54 37.70 15.35
CA GLU B 533 40.42 37.01 14.73
C GLU B 533 40.40 35.56 15.18
N VAL B 534 39.21 34.96 15.13
CA VAL B 534 39.00 33.57 15.48
C VAL B 534 38.85 32.77 14.19
N ARG B 535 39.79 31.86 13.94
CA ARG B 535 39.76 31.03 12.75
C ARG B 535 38.82 29.84 12.98
N VAL B 536 37.86 29.67 12.08
CA VAL B 536 36.83 28.64 12.21
C VAL B 536 36.88 27.75 10.98
N TRP B 537 37.07 26.45 11.18
CA TRP B 537 36.92 25.44 10.15
C TRP B 537 35.71 24.60 10.47
N LEU B 538 34.81 24.45 9.50
CA LEU B 538 33.52 23.82 9.74
C LEU B 538 33.27 22.68 8.76
N ASP B 539 32.45 21.72 9.20
CA ASP B 539 31.98 20.64 8.35
C ASP B 539 30.63 21.05 7.79
N MET B 540 30.60 21.40 6.50
CA MET B 540 29.41 21.94 5.87
C MET B 540 28.72 20.91 4.96
N SER B 541 29.01 19.63 5.15
CA SER B 541 28.34 18.60 4.37
C SER B 541 26.87 18.44 4.75
N ASN B 542 26.48 18.87 5.95
CA ASN B 542 25.10 18.85 6.40
C ASN B 542 24.57 20.27 6.37
N GLN B 543 23.46 20.47 5.65
CA GLN B 543 22.94 21.82 5.46
C GLN B 543 22.35 22.39 6.75
N GLN B 544 21.53 21.61 7.45
CA GLN B 544 20.86 22.12 8.63
C GLN B 544 21.82 22.31 9.79
N ILE B 545 22.79 21.40 9.94
CA ILE B 545 23.75 21.52 11.03
C ILE B 545 24.70 22.69 10.78
N GLY B 546 25.10 22.88 9.53
CA GLY B 546 25.99 24.00 9.22
C GLY B 546 25.34 25.35 9.46
N ILE B 547 24.05 25.46 9.20
CA ILE B 547 23.33 26.71 9.46
C ILE B 547 23.26 26.99 10.96
N ILE B 548 23.00 25.96 11.76
CA ILE B 548 22.92 26.13 13.21
C ILE B 548 24.27 26.55 13.78
N LEU B 549 25.35 25.92 13.33
CA LEU B 549 26.67 26.23 13.86
C LEU B 549 27.10 27.66 13.53
N GLN B 550 26.88 28.09 12.28
CA GLN B 550 27.25 29.44 11.89
C GLN B 550 26.42 30.49 12.63
N ARG B 551 25.12 30.25 12.76
CA ARG B 551 24.25 31.21 13.44
C ARG B 551 24.60 31.35 14.92
N ASP B 552 24.85 30.21 15.59
CA ASP B 552 25.16 30.27 17.01
C ASP B 552 26.48 30.97 17.27
N LEU B 553 27.49 30.72 16.44
CA LEU B 553 28.78 31.38 16.61
C LEU B 553 28.68 32.88 16.40
N GLN B 554 27.89 33.30 15.40
CA GLN B 554 27.76 34.73 15.11
C GLN B 554 26.94 35.45 16.16
N LEU B 555 25.83 34.85 16.61
CA LEU B 555 25.01 35.48 17.64
C LEU B 555 25.74 35.51 18.98
N SER B 556 26.66 34.58 19.22
CA SER B 556 27.43 34.62 20.45
C SER B 556 28.38 35.80 20.51
N TYR B 557 28.94 36.20 19.36
CA TYR B 557 29.81 37.37 19.34
C TYR B 557 29.03 38.66 19.52
N GLN B 558 27.79 38.71 19.02
CA GLN B 558 26.97 39.90 19.20
C GLN B 558 26.69 40.17 20.67
N ASP B 559 26.39 39.10 21.43
CA ASP B 559 26.24 39.24 22.86
C ASP B 559 27.56 39.61 23.53
N PHE B 560 28.66 39.04 23.03
CA PHE B 560 29.98 39.38 23.56
C PHE B 560 30.32 40.84 23.29
N ALA B 561 30.04 41.32 22.07
CA ALA B 561 30.35 42.70 21.73
C ALA B 561 29.48 43.68 22.52
N LYS B 562 28.21 43.35 22.72
CA LYS B 562 27.32 44.20 23.50
C LYS B 562 27.54 44.08 24.99
N ASP B 563 28.31 43.10 25.45
CA ASP B 563 28.65 42.97 26.86
C ASP B 563 29.93 43.70 27.22
N LEU B 564 30.84 43.87 26.27
CA LEU B 564 32.06 44.62 26.53
C LEU B 564 31.75 46.06 26.89
N LEU B 565 30.81 46.68 26.19
CA LEU B 565 30.37 48.03 26.49
C LEU B 565 28.99 47.99 27.15
N GLY B 566 28.58 49.15 27.66
CA GLY B 566 27.29 49.26 28.32
C GLY B 566 27.41 49.77 29.75
N ALA B 567 28.41 49.26 30.47
CA ALA B 567 28.71 49.79 31.79
C ALA B 567 29.59 51.03 31.73
N CYS B 568 30.21 51.31 30.58
CA CYS B 568 31.05 52.47 30.40
C CYS B 568 30.29 53.64 29.76
N GLU B 569 28.97 53.70 29.97
CA GLU B 569 28.12 54.72 29.37
C GLU B 569 28.18 54.70 27.85
N GLN B 570 28.41 53.53 27.27
CA GLN B 570 28.42 53.35 25.83
C GLN B 570 27.21 52.51 25.43
N ASN B 571 26.39 53.04 24.54
CA ASN B 571 25.17 52.33 24.14
C ASN B 571 25.53 51.10 23.33
N PRO B 572 24.96 49.93 23.66
CA PRO B 572 25.21 48.73 22.86
C PRO B 572 24.85 48.88 21.38
N ASP B 573 24.12 49.95 21.04
CA ASP B 573 23.74 50.19 19.64
C ASP B 573 24.96 50.43 18.76
N LEU B 574 26.12 50.74 19.33
CA LEU B 574 27.33 50.92 18.54
C LEU B 574 27.79 49.61 17.91
N ALA B 575 27.34 48.47 18.42
CA ALA B 575 27.75 47.15 17.94
C ALA B 575 26.68 46.51 17.08
N GLU B 576 25.95 47.29 16.29
CA GLU B 576 24.90 46.78 15.43
C GLU B 576 25.17 47.18 13.99
N ILE B 577 24.96 46.24 13.07
CA ILE B 577 25.05 46.48 11.63
C ILE B 577 23.91 47.42 11.24
N PRO B 578 24.10 48.33 10.28
CA PRO B 578 23.00 49.21 9.87
C PRO B 578 21.75 48.46 9.43
N ILE B 579 21.88 47.26 8.89
CA ILE B 579 20.70 46.44 8.59
C ILE B 579 20.13 45.94 9.91
N SER B 580 19.02 46.52 10.35
CA SER B 580 18.41 46.19 11.63
C SER B 580 17.04 45.55 11.39
N PHE B 581 16.83 44.38 11.98
CA PHE B 581 15.58 43.65 11.81
C PHE B 581 14.63 44.00 12.95
N LYS B 582 13.47 44.54 12.61
CA LYS B 582 12.48 44.95 13.59
C LYS B 582 11.68 43.74 14.06
N GLU B 583 10.59 43.98 14.77
CA GLU B 583 9.73 42.89 15.23
C GLU B 583 9.05 42.24 14.04
N PRO B 584 9.07 40.91 13.93
CA PRO B 584 8.45 40.24 12.78
C PRO B 584 6.96 40.52 12.73
N ILE B 585 6.45 40.68 11.51
CA ILE B 585 5.01 40.89 11.31
C ILE B 585 4.24 39.62 11.61
N TYR B 586 4.75 38.48 11.15
CA TYR B 586 4.19 37.18 11.47
C TYR B 586 5.31 36.27 11.96
N GLY B 587 4.95 35.33 12.82
CA GLY B 587 5.94 34.42 13.35
C GLY B 587 6.83 35.05 14.40
N SER B 588 7.91 34.34 14.72
CA SER B 588 8.86 34.81 15.72
C SER B 588 10.29 34.76 15.19
N ASN B 589 11.25 35.08 16.04
CA ASN B 589 12.65 35.06 15.64
C ASN B 589 13.24 33.66 15.54
N LYS B 590 12.52 32.64 16.02
CA LYS B 590 12.99 31.25 15.98
C LYS B 590 11.89 30.39 15.37
N PRO B 591 11.73 30.42 14.04
CA PRO B 591 10.73 29.57 13.40
C PRO B 591 11.12 28.10 13.48
N SER B 592 10.09 27.25 13.47
CA SER B 592 10.27 25.81 13.58
C SER B 592 9.87 25.13 12.27
N PHE B 593 10.66 24.14 11.86
CA PHE B 593 10.31 23.37 10.67
C PHE B 593 9.17 22.40 10.94
N THR B 594 8.95 22.01 12.20
CA THR B 594 7.80 21.16 12.50
C THR B 594 6.48 21.87 12.23
N ASP B 595 6.44 23.19 12.43
CA ASP B 595 5.22 23.95 12.17
C ASP B 595 4.92 24.07 10.68
N PHE B 596 5.94 24.03 9.82
CA PHE B 596 5.71 24.11 8.38
C PHE B 596 5.16 22.79 7.84
N VAL B 597 5.70 21.66 8.31
CA VAL B 597 5.31 20.36 7.77
C VAL B 597 4.03 19.83 8.39
N ALA B 598 3.68 20.29 9.60
CA ALA B 598 2.49 19.77 10.28
C ALA B 598 1.20 19.92 9.48
N PRO B 599 0.91 21.06 8.83
CA PRO B 599 -0.35 21.12 8.05
C PRO B 599 -0.46 20.06 6.96
N GLY B 600 0.65 19.72 6.30
CA GLY B 600 0.59 18.72 5.24
C GLY B 600 0.45 17.30 5.75
N VAL B 601 0.92 17.04 6.97
CA VAL B 601 0.79 15.70 7.54
C VAL B 601 -0.66 15.40 7.90
N ILE B 602 -1.37 16.40 8.43
CA ILE B 602 -2.76 16.21 8.82
C ILE B 602 -3.62 15.89 7.61
N LEU B 603 -3.43 16.62 6.51
CA LEU B 603 -4.30 16.45 5.35
C LEU B 603 -4.01 15.14 4.63
N THR B 604 -2.75 14.73 4.56
CA THR B 604 -2.41 13.50 3.85
C THR B 604 -2.90 12.26 4.59
N ILE B 605 -2.94 12.31 5.92
CA ILE B 605 -3.41 11.16 6.68
C ILE B 605 -4.91 10.94 6.46
N VAL B 606 -5.69 12.02 6.55
CA VAL B 606 -7.14 11.90 6.43
C VAL B 606 -7.53 11.57 4.99
N PHE B 607 -6.87 12.20 4.01
CA PHE B 607 -7.24 11.98 2.62
C PHE B 607 -6.96 10.55 2.18
N PHE B 608 -5.75 10.05 2.43
CA PHE B 608 -5.33 8.78 1.87
C PHE B 608 -5.85 7.58 2.64
N LEU B 609 -6.27 7.76 3.89
CA LEU B 609 -6.91 6.66 4.61
C LEU B 609 -8.39 6.53 4.28
N ALA B 610 -8.99 7.54 3.66
CA ALA B 610 -10.35 7.40 3.16
C ALA B 610 -10.38 6.73 1.79
N VAL B 611 -9.29 6.84 1.03
CA VAL B 611 -9.19 6.13 -0.24
C VAL B 611 -9.04 4.63 0.00
N ALA B 612 -8.20 4.24 0.95
CA ALA B 612 -7.95 2.83 1.20
C ALA B 612 -9.19 2.12 1.75
N LEU B 613 -9.92 2.78 2.67
CA LEU B 613 -11.07 2.12 3.27
C LEU B 613 -12.24 2.02 2.29
N THR B 614 -12.51 3.09 1.55
CA THR B 614 -13.62 3.07 0.59
C THR B 614 -13.36 2.10 -0.56
N SER B 615 -12.13 2.11 -1.09
CA SER B 615 -11.82 1.25 -2.22
C SER B 615 -11.90 -0.22 -1.84
N SER B 616 -11.37 -0.59 -0.67
CA SER B 616 -11.33 -1.99 -0.28
C SER B 616 -12.71 -2.51 0.10
N ALA B 617 -13.49 -1.73 0.85
CA ALA B 617 -14.79 -2.18 1.30
C ALA B 617 -15.74 -2.44 0.14
N LEU B 618 -15.74 -1.55 -0.85
CA LEU B 618 -16.65 -1.72 -1.98
C LEU B 618 -16.19 -2.81 -2.94
N ILE B 619 -14.89 -2.98 -3.12
CA ILE B 619 -14.39 -4.01 -4.04
C ILE B 619 -14.63 -5.40 -3.46
N ILE B 620 -14.32 -5.59 -2.19
CA ILE B 620 -14.47 -6.91 -1.57
C ILE B 620 -15.93 -7.32 -1.52
N GLU B 621 -16.81 -6.40 -1.12
CA GLU B 621 -18.22 -6.72 -0.97
C GLU B 621 -18.89 -7.02 -2.31
N ARG B 622 -18.47 -6.33 -3.37
CA ARG B 622 -19.04 -6.58 -4.70
C ARG B 622 -18.53 -7.88 -5.30
N MET B 623 -17.32 -8.31 -4.95
CA MET B 623 -16.69 -9.45 -5.60
C MET B 623 -17.18 -10.80 -5.10
N GLU B 624 -17.87 -10.85 -3.96
CA GLU B 624 -18.41 -12.10 -3.44
C GLU B 624 -19.94 -12.07 -3.37
N GLY B 625 -20.57 -11.26 -4.22
CA GLY B 625 -22.02 -11.28 -4.34
C GLY B 625 -22.78 -10.79 -3.13
N LEU B 626 -22.15 -9.99 -2.27
CA LEU B 626 -22.86 -9.45 -1.12
C LEU B 626 -23.78 -8.29 -1.49
N LEU B 627 -23.37 -7.45 -2.45
CA LEU B 627 -24.27 -6.41 -2.93
C LEU B 627 -25.41 -6.99 -3.77
N ASP B 628 -25.13 -8.01 -4.58
CA ASP B 628 -26.16 -8.60 -5.42
C ASP B 628 -27.22 -9.31 -4.59
N ARG B 629 -26.81 -9.96 -3.50
CA ARG B 629 -27.77 -10.65 -2.64
C ARG B 629 -28.71 -9.66 -1.97
N SER B 630 -28.19 -8.51 -1.55
CA SER B 630 -29.03 -7.50 -0.90
C SER B 630 -29.91 -6.76 -1.90
N TRP B 631 -29.49 -6.64 -3.16
CA TRP B 631 -30.33 -6.01 -4.16
C TRP B 631 -31.57 -6.84 -4.45
N VAL B 632 -31.42 -8.16 -4.53
CA VAL B 632 -32.57 -9.03 -4.71
C VAL B 632 -33.49 -8.98 -3.50
N ALA B 633 -32.93 -8.77 -2.31
CA ALA B 633 -33.73 -8.64 -1.10
C ALA B 633 -34.61 -7.40 -1.13
N GLY B 634 -34.26 -6.39 -1.91
CA GLY B 634 -35.08 -5.19 -2.02
C GLY B 634 -34.45 -3.96 -1.43
N VAL B 635 -33.12 -3.89 -1.46
CA VAL B 635 -32.39 -2.72 -0.98
C VAL B 635 -31.94 -1.91 -2.18
N THR B 636 -32.36 -0.65 -2.22
CA THR B 636 -32.08 0.19 -3.38
C THR B 636 -30.61 0.60 -3.40
N PRO B 637 -30.06 0.85 -4.60
CA PRO B 637 -28.66 1.33 -4.68
C PRO B 637 -28.44 2.65 -3.98
N GLY B 638 -29.46 3.50 -3.87
CA GLY B 638 -29.30 4.76 -3.16
C GLY B 638 -29.21 4.59 -1.65
N GLU B 639 -29.80 3.52 -1.12
CA GLU B 639 -29.69 3.26 0.32
C GLU B 639 -28.33 2.69 0.69
N ILE B 640 -27.76 1.85 -0.17
CA ILE B 640 -26.43 1.30 0.09
C ILE B 640 -25.38 2.40 0.07
N LEU B 641 -25.47 3.30 -0.92
CA LEU B 641 -24.52 4.40 -1.02
C LEU B 641 -24.67 5.38 0.14
N PHE B 642 -25.90 5.64 0.57
CA PHE B 642 -26.13 6.57 1.67
C PHE B 642 -25.51 6.06 2.97
N SER B 643 -25.65 4.76 3.24
CA SER B 643 -25.09 4.19 4.45
C SER B 643 -23.57 4.13 4.44
N HIS B 644 -22.96 4.08 3.25
CA HIS B 644 -21.50 4.08 3.17
C HIS B 644 -20.93 5.46 3.46
N VAL B 645 -21.62 6.52 3.01
CA VAL B 645 -21.14 7.88 3.25
C VAL B 645 -21.25 8.23 4.73
N VAL B 646 -22.33 7.82 5.38
CA VAL B 646 -22.52 8.13 6.80
C VAL B 646 -21.48 7.41 7.65
N THR B 647 -21.24 6.13 7.36
CA THR B 647 -20.25 5.38 8.13
C THR B 647 -18.85 5.95 7.97
N GLN B 648 -18.49 6.32 6.73
CA GLN B 648 -17.18 6.91 6.49
C GLN B 648 -17.06 8.29 7.11
N PHE B 649 -18.14 9.06 7.13
CA PHE B 649 -18.10 10.39 7.75
C PHE B 649 -17.82 10.29 9.24
N VAL B 650 -18.41 9.31 9.93
CA VAL B 650 -18.15 9.13 11.35
C VAL B 650 -16.72 8.66 11.59
N VAL B 651 -16.21 7.81 10.70
CA VAL B 651 -14.85 7.30 10.85
C VAL B 651 -13.83 8.43 10.70
N MET B 652 -14.02 9.29 9.69
CA MET B 652 -13.08 10.39 9.48
C MET B 652 -13.22 11.49 10.52
N CYS B 653 -14.39 11.60 11.17
CA CYS B 653 -14.53 12.54 12.28
C CYS B 653 -13.72 12.10 13.48
N GLY B 654 -13.67 10.78 13.74
CA GLY B 654 -12.85 10.28 14.82
C GLY B 654 -11.37 10.45 14.56
N GLN B 655 -10.94 10.24 13.32
CA GLN B 655 -9.53 10.45 12.97
C GLN B 655 -9.15 11.91 13.10
N THR B 656 -10.03 12.82 12.68
CA THR B 656 -9.74 14.25 12.78
C THR B 656 -9.58 14.68 14.23
N ALA B 657 -10.46 14.20 15.11
CA ALA B 657 -10.38 14.56 16.52
C ALA B 657 -9.10 14.02 17.15
N LEU B 658 -8.74 12.77 16.83
CA LEU B 658 -7.55 12.17 17.41
C LEU B 658 -6.28 12.88 16.94
N VAL B 659 -6.20 13.21 15.66
CA VAL B 659 -5.00 13.83 15.12
C VAL B 659 -4.83 15.25 15.66
N LEU B 660 -5.92 16.01 15.72
CA LEU B 660 -5.83 17.39 16.18
C LEU B 660 -5.55 17.49 17.67
N ILE B 661 -6.04 16.52 18.46
CA ILE B 661 -5.82 16.55 19.89
C ILE B 661 -4.34 16.35 20.22
N PHE B 662 -3.69 15.40 19.54
CA PHE B 662 -2.29 15.11 19.84
C PHE B 662 -1.37 16.20 19.30
N MET B 663 -1.65 16.71 18.09
CA MET B 663 -0.78 17.71 17.50
C MET B 663 -0.80 19.02 18.28
N ILE B 664 -1.98 19.46 18.72
CA ILE B 664 -2.15 20.78 19.29
C ILE B 664 -2.03 20.73 20.82
N LEU B 665 -2.88 19.93 21.45
CA LEU B 665 -2.96 19.94 22.91
C LEU B 665 -1.74 19.28 23.54
N VAL B 666 -1.25 18.19 22.97
CA VAL B 666 -0.19 17.41 23.58
C VAL B 666 1.19 17.93 23.20
N PHE B 667 1.44 18.09 21.90
CA PHE B 667 2.76 18.48 21.41
C PHE B 667 2.90 19.97 21.16
N GLY B 668 1.88 20.76 21.43
CA GLY B 668 2.02 22.21 21.39
C GLY B 668 2.29 22.80 20.02
N VAL B 669 1.58 22.34 19.00
CA VAL B 669 1.64 22.99 17.69
C VAL B 669 0.69 24.17 17.70
N GLN B 670 1.18 25.34 17.31
CA GLN B 670 0.41 26.57 17.41
C GLN B 670 -0.73 26.58 16.40
N CYS B 671 -1.85 27.18 16.82
CA CYS B 671 -3.02 27.38 15.96
C CYS B 671 -3.52 28.80 16.23
N LYS B 672 -3.03 29.76 15.45
CA LYS B 672 -3.40 31.16 15.66
C LYS B 672 -4.80 31.47 15.16
N GLY B 673 -5.29 30.74 14.16
CA GLY B 673 -6.57 31.01 13.56
C GLY B 673 -7.71 30.34 14.28
N ASP B 674 -8.86 30.33 13.61
CA ASP B 674 -10.07 29.73 14.17
C ASP B 674 -10.03 28.21 14.00
N ILE B 675 -10.23 27.49 15.10
CA ILE B 675 -10.23 26.02 15.03
C ILE B 675 -11.50 25.50 14.37
N GLY B 676 -12.54 26.32 14.25
CA GLY B 676 -13.75 25.87 13.59
C GLY B 676 -13.56 25.60 12.12
N TRP B 677 -12.84 26.48 11.43
CA TRP B 677 -12.59 26.30 10.00
C TRP B 677 -11.45 25.32 9.72
N VAL B 678 -10.62 25.02 10.72
CA VAL B 678 -9.61 23.99 10.55
C VAL B 678 -10.25 22.62 10.47
N ILE B 679 -11.29 22.38 11.28
CA ILE B 679 -11.99 21.10 11.26
C ILE B 679 -12.75 20.92 9.96
N VAL B 680 -13.40 21.99 9.47
CA VAL B 680 -14.20 21.88 8.25
C VAL B 680 -13.32 21.54 7.06
N LEU B 681 -12.16 22.17 6.94
CA LEU B 681 -11.27 21.88 5.83
C LEU B 681 -10.73 20.45 5.90
N THR B 682 -10.44 19.96 7.11
CA THR B 682 -9.96 18.59 7.26
C THR B 682 -11.03 17.58 6.87
N ILE B 683 -12.28 17.85 7.23
CA ILE B 683 -13.37 16.93 6.89
C ILE B 683 -13.62 16.93 5.40
N LEU B 684 -13.57 18.11 4.77
CA LEU B 684 -13.80 18.19 3.33
C LEU B 684 -12.72 17.44 2.56
N GLN B 685 -11.47 17.53 3.01
CA GLN B 685 -10.39 16.78 2.36
C GLN B 685 -10.56 15.27 2.57
N GLY B 686 -11.13 14.87 3.70
CA GLY B 686 -11.45 13.46 3.88
C GLY B 686 -12.54 12.98 2.94
N LEU B 687 -13.55 13.81 2.70
CA LEU B 687 -14.59 13.45 1.75
C LEU B 687 -14.06 13.44 0.32
N CYS B 688 -13.06 14.28 0.03
CA CYS B 688 -12.45 14.26 -1.30
C CYS B 688 -11.78 12.91 -1.57
N GLY B 689 -11.09 12.35 -0.57
CA GLY B 689 -10.49 11.04 -0.73
C GLY B 689 -11.51 9.93 -0.88
N MET B 690 -12.63 10.04 -0.19
CA MET B 690 -13.69 9.04 -0.32
C MET B 690 -14.24 9.00 -1.74
N CYS B 691 -14.41 10.17 -2.36
CA CYS B 691 -14.87 10.21 -3.74
C CYS B 691 -13.84 9.63 -4.70
N PHE B 692 -12.55 9.81 -4.40
CA PHE B 692 -11.50 9.17 -5.19
C PHE B 692 -11.52 7.66 -5.01
N GLY B 693 -11.96 7.18 -3.85
CA GLY B 693 -12.13 5.75 -3.65
C GLY B 693 -13.30 5.18 -4.42
N PHE B 694 -14.30 6.00 -4.76
CA PHE B 694 -15.36 5.56 -5.64
C PHE B 694 -14.84 5.34 -7.06
N VAL B 695 -13.92 6.20 -7.51
CA VAL B 695 -13.37 6.06 -8.85
C VAL B 695 -12.55 4.79 -8.97
N ILE B 696 -11.71 4.51 -7.97
CA ILE B 696 -10.87 3.31 -8.02
C ILE B 696 -11.72 2.05 -8.00
N SER B 697 -12.73 1.99 -7.15
CA SER B 697 -13.57 0.81 -7.07
C SER B 697 -14.47 0.64 -8.29
N ALA B 698 -14.70 1.71 -9.06
CA ALA B 698 -15.52 1.62 -10.26
C ALA B 698 -14.75 1.12 -11.47
N ILE B 699 -13.42 1.12 -11.42
CA ILE B 699 -12.60 0.69 -12.55
C ILE B 699 -11.75 -0.52 -12.23
N CYS B 700 -11.62 -0.92 -10.97
CA CYS B 700 -10.79 -2.02 -10.56
C CYS B 700 -11.65 -3.18 -10.09
N GLU B 701 -11.29 -4.44 -10.34
CA GLU B 701 -12.13 -5.54 -9.79
C GLU B 701 -11.31 -6.37 -8.82
N LEU B 702 -9.99 -6.23 -8.78
CA LEU B 702 -9.24 -6.95 -7.77
C LEU B 702 -8.67 -5.98 -6.75
N GLU B 703 -8.45 -6.48 -5.54
CA GLU B 703 -7.93 -5.64 -4.46
C GLU B 703 -6.45 -5.33 -4.65
N ARG B 704 -5.70 -6.21 -5.32
CA ARG B 704 -4.29 -5.96 -5.56
C ARG B 704 -4.08 -4.89 -6.62
N ASN B 705 -5.02 -4.77 -7.56
CA ASN B 705 -4.93 -3.72 -8.57
C ASN B 705 -5.30 -2.36 -8.01
N ALA B 706 -6.14 -2.31 -6.97
CA ALA B 706 -6.57 -1.04 -6.40
C ALA B 706 -5.45 -0.38 -5.60
N ILE B 707 -4.68 -1.18 -4.85
CA ILE B 707 -3.63 -0.60 -4.02
C ILE B 707 -2.51 -0.03 -4.89
N GLN B 708 -2.26 -0.64 -6.06
CA GLN B 708 -1.24 -0.10 -6.96
C GLN B 708 -1.65 1.26 -7.51
N LEU B 709 -2.94 1.42 -7.83
CA LEU B 709 -3.43 2.72 -8.29
C LEU B 709 -3.34 3.77 -7.18
N ALA B 710 -3.68 3.39 -5.95
CA ALA B 710 -3.61 4.33 -4.84
C ALA B 710 -2.17 4.73 -4.54
N LEU B 711 -1.26 3.76 -4.49
CA LEU B 711 0.15 4.08 -4.25
C LEU B 711 0.79 4.77 -5.44
N GLY B 712 0.29 4.50 -6.64
CA GLY B 712 0.82 5.16 -7.83
C GLY B 712 0.50 6.63 -7.92
N SER B 713 -0.46 7.11 -7.13
CA SER B 713 -0.79 8.52 -7.04
C SER B 713 -0.46 9.14 -5.70
N PHE B 714 -0.29 8.32 -4.65
CA PHE B 714 0.08 8.83 -3.34
C PHE B 714 1.50 9.37 -3.34
N TYR B 715 2.40 8.73 -4.10
CA TYR B 715 3.78 9.20 -4.15
C TYR B 715 3.93 10.49 -4.96
N PRO B 716 3.49 10.56 -6.22
CA PRO B 716 3.72 11.79 -7.00
C PRO B 716 3.08 13.02 -6.42
N THR B 717 1.90 12.90 -5.80
CA THR B 717 1.23 14.08 -5.27
C THR B 717 1.90 14.58 -4.00
N LEU B 718 2.53 13.69 -3.23
CA LEU B 718 3.23 14.12 -2.02
C LEU B 718 4.41 15.02 -2.35
N LEU B 719 5.15 14.70 -3.40
CA LEU B 719 6.33 15.48 -3.75
C LEU B 719 6.00 16.78 -4.47
N LEU B 720 4.76 16.96 -4.92
CA LEU B 720 4.37 18.14 -5.67
C LEU B 720 3.37 19.03 -4.96
N SER B 721 2.96 18.69 -3.74
CA SER B 721 1.95 19.45 -3.02
C SER B 721 2.54 20.40 -1.99
N GLY B 722 3.87 20.50 -1.91
CA GLY B 722 4.50 21.41 -0.97
C GLY B 722 4.30 21.05 0.49
N VAL B 723 4.40 19.77 0.84
CA VAL B 723 4.22 19.34 2.22
C VAL B 723 5.53 19.36 2.98
N ILE B 724 6.60 18.81 2.39
CA ILE B 724 7.88 18.71 3.08
C ILE B 724 8.86 19.81 2.67
N TRP B 725 8.61 20.52 1.59
CA TRP B 725 9.46 21.62 1.16
C TRP B 725 8.59 22.75 0.65
N PRO B 726 9.02 24.01 0.80
CA PRO B 726 8.26 25.13 0.26
C PRO B 726 8.04 25.00 -1.23
N ILE B 727 6.83 25.40 -1.68
CA ILE B 727 6.48 25.33 -3.09
C ILE B 727 7.26 26.32 -3.94
N GLU B 728 7.91 27.31 -3.31
CA GLU B 728 8.64 28.33 -4.05
C GLU B 728 9.96 27.84 -4.63
N GLY B 729 10.44 26.67 -4.20
CA GLY B 729 11.66 26.12 -4.75
C GLY B 729 11.51 25.38 -6.05
N MET B 730 10.28 25.17 -6.52
CA MET B 730 10.03 24.46 -7.75
C MET B 730 10.25 25.37 -8.96
N PRO B 731 10.54 24.79 -10.12
CA PRO B 731 10.58 25.60 -11.36
C PRO B 731 9.20 26.17 -11.67
N THR B 732 9.21 27.28 -12.41
CA THR B 732 7.96 28.02 -12.65
C THR B 732 6.94 27.17 -13.38
N VAL B 733 7.36 26.43 -14.39
CA VAL B 733 6.43 25.60 -15.16
C VAL B 733 5.85 24.50 -14.27
N LEU B 734 6.69 23.86 -13.47
CA LEU B 734 6.20 22.81 -12.57
C LEU B 734 5.36 23.38 -11.43
N ARG B 735 5.66 24.62 -11.01
CA ARG B 735 4.89 25.24 -9.94
C ARG B 735 3.45 25.49 -10.36
N TYR B 736 3.24 25.92 -11.61
CA TYR B 736 1.89 26.18 -12.08
C TYR B 736 1.07 24.91 -12.17
N VAL B 737 1.68 23.81 -12.63
CA VAL B 737 0.96 22.55 -12.75
C VAL B 737 0.53 22.04 -11.37
N SER B 738 1.41 22.20 -10.37
CA SER B 738 1.15 21.65 -9.05
C SER B 738 -0.06 22.30 -8.38
N THR B 739 -0.38 23.54 -8.75
CA THR B 739 -1.50 24.24 -8.11
C THR B 739 -2.85 23.61 -8.42
N PHE B 740 -2.93 22.72 -9.40
CA PHE B 740 -4.17 22.07 -9.78
C PHE B 740 -4.30 20.67 -9.18
N LEU B 741 -3.39 20.29 -8.30
CA LEU B 741 -3.46 19.01 -7.62
C LEU B 741 -4.44 19.08 -6.44
N PRO B 742 -5.01 17.93 -6.05
CA PRO B 742 -6.07 17.97 -5.02
C PRO B 742 -5.66 18.56 -3.69
N LEU B 743 -4.39 18.40 -3.29
CA LEU B 743 -3.97 18.78 -1.94
C LEU B 743 -3.09 20.02 -1.88
N THR B 744 -2.70 20.59 -3.02
CA THR B 744 -1.74 21.69 -3.00
C THR B 744 -2.36 22.95 -2.42
N LEU B 745 -3.54 23.34 -2.88
CA LEU B 745 -4.17 24.57 -2.43
C LEU B 745 -4.75 24.46 -1.02
N ALA B 746 -5.12 23.25 -0.59
CA ALA B 746 -5.65 23.06 0.76
C ALA B 746 -4.54 23.07 1.81
N THR B 747 -3.36 22.56 1.47
CA THR B 747 -2.22 22.62 2.39
C THR B 747 -1.80 24.06 2.62
N THR B 748 -1.82 24.88 1.56
CA THR B 748 -1.52 26.29 1.72
C THR B 748 -2.58 27.01 2.54
N SER B 749 -3.85 26.64 2.35
CA SER B 749 -4.93 27.27 3.11
C SER B 749 -4.84 26.95 4.59
N LEU B 750 -4.51 25.69 4.92
CA LEU B 750 -4.40 25.30 6.33
C LEU B 750 -3.18 25.92 6.97
N ARG B 751 -2.09 26.07 6.23
CA ARG B 751 -0.87 26.64 6.78
C ARG B 751 -1.08 28.10 7.18
N ALA B 752 -1.82 28.85 6.37
CA ALA B 752 -2.06 30.26 6.68
C ALA B 752 -2.90 30.42 7.94
N MET B 753 -3.87 29.53 8.15
CA MET B 753 -4.72 29.62 9.33
C MET B 753 -3.95 29.27 10.61
N LEU B 754 -3.01 28.33 10.53
CA LEU B 754 -2.29 27.92 11.73
C LEU B 754 -1.12 28.83 12.04
N THR B 755 -0.37 29.24 11.02
CA THR B 755 0.87 30.00 11.23
C THR B 755 0.65 31.51 11.25
N ARG B 756 -0.30 32.01 10.45
CA ARG B 756 -0.58 33.45 10.41
C ARG B 756 -1.90 33.84 11.06
N GLY B 757 -2.81 32.89 11.28
CA GLY B 757 -4.08 33.21 11.88
C GLY B 757 -5.06 33.91 10.96
N TRP B 758 -4.93 33.71 9.65
CA TRP B 758 -5.81 34.37 8.71
C TRP B 758 -7.22 33.80 8.77
N SER B 759 -8.19 34.61 8.38
CA SER B 759 -9.60 34.25 8.42
C SER B 759 -10.04 33.71 7.07
N ILE B 760 -11.31 33.29 7.01
CA ILE B 760 -11.87 32.71 5.79
C ILE B 760 -11.99 33.73 4.67
N ALA B 761 -12.03 35.03 4.99
CA ALA B 761 -12.21 36.06 3.98
C ALA B 761 -10.96 36.30 3.14
N GLU B 762 -9.80 35.83 3.58
CA GLU B 762 -8.58 36.04 2.81
C GLU B 762 -8.59 35.15 1.57
N PRO B 763 -8.19 35.67 0.41
CA PRO B 763 -8.16 34.82 -0.80
C PRO B 763 -7.26 33.61 -0.68
N ALA B 764 -6.14 33.71 0.04
CA ALA B 764 -5.24 32.58 0.19
C ALA B 764 -5.82 31.48 1.07
N VAL B 765 -6.93 31.73 1.76
CA VAL B 765 -7.55 30.75 2.65
C VAL B 765 -8.72 30.05 1.96
N TYR B 766 -9.62 30.80 1.34
CA TYR B 766 -10.78 30.18 0.71
C TYR B 766 -10.48 29.62 -0.67
N TYR B 767 -9.30 29.88 -1.23
CA TYR B 767 -8.92 29.23 -2.48
C TYR B 767 -8.74 27.73 -2.28
N GLY B 768 -8.22 27.31 -1.13
CA GLY B 768 -8.13 25.90 -0.82
C GLY B 768 -9.45 25.27 -0.46
N PHE B 769 -10.42 26.05 -0.01
CA PHE B 769 -11.76 25.53 0.24
C PHE B 769 -12.48 25.22 -1.06
N LEU B 770 -12.33 26.08 -2.06
CA LEU B 770 -13.02 25.88 -3.34
C LEU B 770 -12.37 24.77 -4.16
N ALA B 771 -11.05 24.61 -4.07
CA ALA B 771 -10.38 23.56 -4.82
C ALA B 771 -10.79 22.17 -4.35
N THR B 772 -11.12 22.03 -3.06
CA THR B 772 -11.61 20.75 -2.56
C THR B 772 -13.01 20.44 -3.05
N ILE B 773 -13.86 21.46 -3.13
CA ILE B 773 -15.24 21.26 -3.59
C ILE B 773 -15.26 20.90 -5.07
N ILE B 774 -14.43 21.56 -5.87
CA ILE B 774 -14.39 21.27 -7.30
C ILE B 774 -13.90 19.84 -7.54
N TRP B 775 -12.88 19.40 -6.79
CA TRP B 775 -12.36 18.06 -6.97
C TRP B 775 -13.36 16.99 -6.54
N ILE B 776 -14.20 17.29 -5.56
CA ILE B 776 -15.25 16.37 -5.16
C ILE B 776 -16.23 16.16 -6.30
N VAL B 777 -16.63 17.25 -6.96
CA VAL B 777 -17.55 17.15 -8.10
C VAL B 777 -16.89 16.41 -9.25
N ALA B 778 -15.61 16.71 -9.53
CA ALA B 778 -14.92 16.05 -10.62
C ALA B 778 -14.76 14.55 -10.36
N PHE B 779 -14.45 14.18 -9.12
CA PHE B 779 -14.31 12.75 -8.80
C PHE B 779 -15.64 12.02 -8.93
N LEU B 780 -16.74 12.65 -8.53
CA LEU B 780 -18.05 12.03 -8.68
C LEU B 780 -18.46 11.92 -10.15
N THR B 781 -18.15 12.94 -10.94
CA THR B 781 -18.49 12.91 -12.36
C THR B 781 -17.72 11.82 -13.10
N ILE B 782 -16.45 11.64 -12.76
CA ILE B 782 -15.65 10.60 -13.41
C ILE B 782 -16.21 9.22 -13.10
N SER B 783 -16.59 8.99 -11.84
CA SER B 783 -17.15 7.71 -11.45
C SER B 783 -18.48 7.42 -12.15
N MET B 784 -19.32 8.43 -12.33
CA MET B 784 -20.58 8.24 -13.03
C MET B 784 -20.36 8.09 -14.54
N LEU B 785 -19.41 8.84 -15.10
CA LEU B 785 -19.17 8.80 -16.53
C LEU B 785 -18.65 7.44 -16.99
N VAL B 786 -18.09 6.65 -16.09
CA VAL B 786 -17.62 5.30 -16.46
C VAL B 786 -18.80 4.44 -16.89
N LEU B 787 -19.96 4.64 -16.28
CA LEU B 787 -21.14 3.83 -16.55
C LEU B 787 -22.17 4.54 -17.43
N ARG B 788 -21.91 5.78 -17.85
CA ARG B 788 -22.92 6.55 -18.58
C ARG B 788 -23.24 5.91 -19.92
N PHE B 789 -22.23 5.64 -20.73
CA PHE B 789 -22.41 4.99 -22.02
C PHE B 789 -21.94 3.55 -22.02
N LYS B 790 -21.62 3.00 -20.85
CA LYS B 790 -21.17 1.61 -20.74
C LYS B 790 -22.26 0.73 -20.13
C1 AV0 C . -2.03 -13.27 -12.22
O1 AV0 C . -0.75 -13.07 -11.77
C2 AV0 C . -2.03 -13.58 -13.71
O2 AV0 C . -1.40 -12.60 -14.44
C3 AV0 C . -3.47 -13.64 -14.16
O3 AV0 C . -3.46 -13.79 -15.54
C4 AV0 C . -4.12 -14.79 -13.40
O4 AV0 C . -5.49 -14.93 -13.57
C5 AV0 C . -3.94 -14.44 -11.93
O5 AV0 C . -2.59 -14.39 -11.59
C6 AV0 C . -4.64 -15.50 -11.07
O6 AV0 C . -5.09 -14.87 -9.89
CAA AV0 C . 10.14 -12.22 -8.40
CAB AV0 C . 1.16 -3.13 -2.97
OAI AV0 C . -6.17 -19.60 -13.67
OAJ AV0 C . -4.32 -3.38 -18.01
OAL AV0 C . -1.45 -6.08 -15.36
OAN AV0 C . -4.60 -9.11 -11.93
OAP AV0 C . -3.03 -10.37 -14.81
OAQ AV0 C . -8.87 -17.59 -13.46
OAR AV0 C . -5.25 -5.64 -18.83
OAS AV0 C . -9.53 -15.00 -14.33
OAT AV0 C . -7.55 -6.96 -17.79
OAU AV0 C . -7.36 -13.33 -14.86
OAV AV0 C . -7.20 -7.97 -15.21
CAW AV0 C . 9.41 -12.80 -9.61
CAX AV0 C . 1.85 -3.48 -4.27
CAY AV0 C . 8.04 -13.28 -9.17
CAZ AV0 C . 1.51 -4.91 -4.65
CBA AV0 C . 7.27 -13.79 -10.36
CBB AV0 C . 2.61 -5.46 -5.54
CBC AV0 C . 6.85 -12.60 -11.21
CBD AV0 C . 2.01 -6.48 -6.51
CBE AV0 C . 5.90 -11.72 -10.41
CBF AV0 C . 2.98 -6.73 -7.67
CBG AV0 C . 4.55 -11.68 -11.09
CBH AV0 C . 3.02 -8.23 -7.98
CBI AV0 C . 3.84 -12.99 -10.82
CBJ AV0 C . 1.60 -8.79 -8.09
CBK AV0 C . 2.46 -12.73 -10.27
CBL AV0 C . 1.44 -9.42 -9.48
CBM AV0 C . -6.50 -18.78 -14.75
CBN AV0 C . -3.69 -4.06 -16.97
CBP AV0 C . -1.95 -6.20 -14.06
CBQ AV0 C . 1.67 -11.97 -11.34
CBR AV0 C . 0.82 -10.81 -9.32
CBS AV0 C . -0.67 -12.37 -10.58
CBT AV0 C . -0.03 -10.13 -11.56
OBV AV0 C . -1.41 -10.17 -11.76
OBX AV0 C . -1.89 -8.17 -12.73
OBY AV0 C . -5.82 -16.58 -15.10
OBZ AV0 C . -4.88 -5.23 -15.30
OCB AV0 C . -4.52 -7.46 -14.96
CCC AV0 C . -6.64 -17.33 -14.28
CCD AV0 C . -4.45 -5.33 -16.61
CCF AV0 C . -2.43 -7.64 -13.89
CCH AV0 C . -4.30 -9.12 -13.29
CCJ AV0 C . -1.79 -9.54 -12.95
CCL AV0 C . -3.14 -10.09 -13.45
CCM AV0 C . 0.43 -11.33 -10.69
CCN AV0 C . -8.09 -16.90 -14.41
CCO AV0 C . -5.67 -5.52 -17.50
CCQ AV0 C . -3.92 -7.72 -13.73
CCR AV0 C . -5.87 -15.21 -14.87
CCS AV0 C . -5.43 -6.42 -14.82
CCT AV0 C . -8.20 -15.42 -14.13
CCU AV0 C . -6.35 -6.80 -17.09
CCV AV0 C . -7.30 -14.70 -15.10
CCW AV0 C . -6.69 -6.73 -15.61
C10 A1D7S D . -0.28 -1.58 12.72
C13 A1D7S D . -1.82 -3.70 12.05
C15 A1D7S D . -2.61 -5.14 10.10
C17 A1D7S D . -2.80 -7.59 10.73
C21 A1D7S D . -2.96 -11.30 10.28
C22 A1D7S D . -2.32 -12.01 11.48
C24 A1D7S D . -0.02 -11.95 12.06
C26 A1D7S D . 0.54 -10.07 13.68
C28 A1D7S D . 2.89 -9.78 14.60
C01 A1D7S D . -3.10 0.08 21.24
C02 A1D7S D . -1.58 0.35 21.10
C03 A1D7S D . -0.83 -0.81 20.37
C04 A1D7S D . -1.04 -0.79 18.84
C05 A1D7S D . 0.29 -0.63 18.04
C06 A1D7S D . 0.26 0.63 17.13
C07 A1D7S D . 0.58 0.28 15.64
C08 A1D7S D . -0.65 -0.30 14.90
C09 A1D7S D . -0.51 -0.18 13.36
C11 A1D7S D . -0.65 -1.57 11.21
C12 A1D7S D . -1.39 -2.87 10.80
C14 A1D7S D . -2.39 -5.08 11.63
C16 A1D7S D . -3.16 -6.52 9.66
C18 A1D7S D . -3.28 -8.99 10.28
C25 A1D7S D . -0.14 -10.43 12.34
C27 A1D7S D . 1.94 -10.70 13.82
C29 A1D7S D . 3.85 -9.27 13.84
C30 A1D7S D . 4.59 -9.08 12.49
C31 A1D7S D . 5.90 -8.27 12.65
C32 A1D7S D . 6.96 -9.08 12.81
C33 A1D7S D . 8.48 -9.31 13.01
C34 A1D7S D . 9.29 -8.04 12.67
C35 A1D7S D . 10.17 -7.73 13.61
C36 A1D7S D . 10.51 -6.54 12.67
C37 A1D7S D . 10.83 -5.25 13.45
C38 A1D7S D . 10.72 -4.17 12.68
C39 A1D7S D . 10.44 -3.48 11.33
C40 A1D7S D . 11.34 -4.07 10.25
C41 A1D7S D . 11.35 -3.56 9.04
C42 A1D7S D . 10.42 -2.39 8.70
C43 A1D7S D . 11.11 -1.40 7.76
C44 A1D7S D . -2.63 -12.14 9.05
C50 A1D7S D . -3.77 -16.66 9.04
C51 A1D7S D . -2.57 -16.73 10.00
N52 A1D7S D . -3.05 -16.65 11.39
O19 A1D7S D . -4.42 -9.13 10.03
O20 A1D7S D . -2.37 -10.06 10.17
O23 A1D7S D . -1.00 -12.29 11.08
O45 A1D7S D . -3.11 -13.44 9.32
O47 A1D7S D . -5.40 -14.20 8.37
O48 A1D7S D . -3.92 -13.50 6.87
O49 A1D7S D . -3.44 -15.76 8.00
P46 A1D7S D . -3.97 -14.20 8.13
C1 AV0 E . -10.38 -9.10 7.39
O1 AV0 E . -10.81 -8.27 6.38
C2 AV0 E . -9.66 -10.32 6.83
O2 AV0 E . -10.44 -10.98 5.88
C3 AV0 E . -9.42 -11.23 8.02
O3 AV0 E . -8.85 -12.42 7.58
C4 AV0 E . -8.49 -10.48 8.94
O4 AV0 E . -8.22 -11.23 10.09
C5 AV0 E . -9.20 -9.19 9.33
O5 AV0 E . -9.44 -8.42 8.20
C6 AV0 E . -8.31 -8.39 10.29
O6 AV0 E . -8.73 -8.69 11.60
CAA AV0 E . -16.63 3.24 5.62
CAB AV0 E . -4.67 -0.70 1.94
OAI AV0 E . -4.52 -10.37 13.30
OAJ AV0 E . -18.54 -16.33 5.71
OAL AV0 E . -13.81 -11.86 2.15
OAN AV0 E . -14.86 -12.76 8.01
OAP AV0 E . -13.78 -10.18 7.97
OAQ AV0 E . -6.55 -12.18 14.12
OAR AV0 E . -14.58 -15.87 3.09
OAS AV0 E . -6.95 -14.50 12.55
OAT AV0 E . -14.37 -18.39 5.34
OAU AV0 E . -7.94 -13.88 9.95
OAV AV0 E . -13.88 -16.28 7.36
CAW AV0 E . -16.79 1.85 5.05
CAX AV0 E . -4.98 -1.31 3.31
CAY AV0 E . -17.66 1.02 5.98
CAZ AV0 E . -6.22 -2.18 3.22
CBA AV0 E . -17.32 -0.44 5.77
CBB AV0 E . -7.45 -1.33 3.51
CBC AV0 E . -17.07 -1.10 7.11
CBD AV0 E . -7.70 -1.29 5.00
CBE AV0 E . -16.83 -2.58 6.90
CBF AV0 E . -9.13 -1.79 5.28
CBG AV0 E . -15.36 -2.79 6.60
CBH AV0 E . -9.14 -3.33 5.13
CBI AV0 E . -14.97 -4.19 7.08
CBJ AV0 E . -10.55 -3.79 4.77
CBK AV0 E . -14.35 -4.97 5.93
CBL AV0 E . -10.82 -5.13 5.46
CBM AV0 E . -5.72 -9.82 12.87
CBN AV0 E . -17.65 -16.99 4.86
CBP AV0 E . -14.29 -12.73 3.14
CBQ AV0 E . -13.94 -6.35 6.45
CBR AV0 E . -12.09 -5.72 4.87
CBS AV0 E . -11.62 -7.22 6.83
CBT AV0 E . -12.97 -8.06 4.91
OBV AV0 E . -13.94 -8.82 5.57
OBX AV0 E . -14.24 -10.79 4.49
OBY AV0 E . -6.07 -10.96 10.81
OBZ AV0 E . -16.47 -14.92 5.23
OCB AV0 E . -14.31 -14.22 5.58
CCC AV0 E . -6.51 -10.90 12.11
CCD AV0 E . -16.62 -15.97 4.32
CCF AV0 E . -13.89 -12.13 4.49
CCH AV0 E . -14.13 -12.26 6.92
CCJ AV0 E . -13.69 -10.18 5.61
CCL AV0 E . -14.36 -10.76 6.85
CCM AV0 E . -12.64 -6.82 5.76
CCN AV0 E . -6.26 -12.24 12.75
CCO AV0 E . -15.30 -16.69 3.96
CCQ AV0 E . -14.62 -12.85 5.62
CCR AV0 E . -6.92 -11.74 10.04
CCS AV0 E . -15.38 -14.95 6.12
CCT AV0 E . -7.20 -13.20 12.07
CCU AV0 E . -14.41 -17.01 5.16
CCV AV0 E . -6.92 -13.17 10.59
CCW AV0 E . -14.92 -16.36 6.42
C10 A1D7S F . 1.74 3.67 -12.11
C13 A1D7S F . 0.34 1.40 -12.65
C15 A1D7S F . -1.25 -0.31 -11.59
C17 A1D7S F . -2.94 -1.28 -13.23
C21 A1D7S F . -6.43 -2.25 -14.17
C22 A1D7S F . -7.22 -1.33 -15.10
C24 A1D7S F . -7.57 0.98 -15.45
C26 A1D7S F . -6.78 3.16 -16.51
C28 A1D7S F . -6.08 5.25 -15.20
C01 A1D7S F . 6.34 4.93 -19.98
C02 A1D7S F . 6.00 6.11 -19.03
C03 A1D7S F . 4.47 6.26 -18.80
C04 A1D7S F . 3.99 5.62 -17.47
C05 A1D7S F . 3.72 6.65 -16.34
C06 A1D7S F . 4.63 6.42 -15.10
C07 A1D7S F . 3.82 6.07 -13.83
C08 A1D7S F . 3.57 4.55 -13.67
C09 A1D7S F . 3.22 4.16 -12.22
C11 A1D7S F . 1.53 2.80 -10.85
C12 A1D7S F . 0.55 1.62 -11.12
C14 A1D7S F . -0.80 0.37 -12.91
C16 A1D7S F . -2.24 -1.47 -11.86
C18 A1D7S F . -4.23 -2.11 -13.32
C25 A1D7S F . -6.49 2.10 -15.43
C27 A1D7S F . -7.24 4.51 -15.89
C29 A1D7S F . -6.39 5.57 -13.95
C30 A1D7S F . -6.05 6.22 -12.59
C31 A1D7S F . -7.10 7.24 -12.12
C32 A1D7S F . -7.47 8.05 -13.12
C33 A1D7S F . -8.31 9.22 -13.68
C34 A1D7S F . -9.17 9.89 -12.56
C35 A1D7S F . -8.88 11.13 -12.11
C36 A1D7S F . -7.65 11.36 -13.03
C37 A1D7S F . -6.43 11.86 -12.25
C38 A1D7S F . -6.63 11.78 -10.93
C39 A1D7S F . -6.19 11.97 -9.46
C40 A1D7S F . -4.69 12.25 -9.35
C41 A1D7S F . -4.16 12.24 -8.14
C42 A1D7S F . -5.07 11.94 -6.93
C43 A1D7S F . -4.26 11.60 -5.67
C44 A1D7S F . -7.43 -2.82 -13.18
C50 A1D7S F . -11.00 -5.22 -14.97
C51 A1D7S F . -11.31 -3.85 -15.59
N52 A1D7S F . -10.73 -3.76 -16.92
O19 A1D7S F . -4.14 -3.27 -13.21
O20 A1D7S F . -5.48 -1.49 -13.49
O23 A1D7S F . -7.19 -0.04 -14.53
O45 A1D7S F . -8.35 -3.56 -13.96
O47 A1D7S F . -8.32 -6.15 -13.91
O48 A1D7S F . -8.65 -5.15 -11.95
O49 A1D7S F . -10.58 -5.03 -13.64
P46 A1D7S F . -8.96 -4.97 -13.35
C10 A1D7T G . 10.31 8.65 -0.93
C13 A1D7T G . 9.14 6.43 -1.35
C15 A1D7T G . 8.65 4.49 -2.86
C17 A1D7T G . 8.34 2.30 -1.55
C20 A1D7T G . 3.21 11.92 4.83
C21 A1D7T G . 3.90 12.68 5.95
C22 A1D7T G . 3.29 10.35 5.03
C24 A1D7T G . 6.89 0.69 -0.19
C26 A1D7T G . 2.80 9.59 7.42
C28 A1D7T G . 5.62 -0.20 -0.23
O01 A1D7T G . 6.81 10.57 2.29
O02 A1D7T G . 6.98 9.82 5.07
O03 A1D7T G . 6.20 13.03 6.56
N04 A1D7T G . 5.94 12.06 4.42
C05 A1D7T G . 9.18 10.67 1.02
C06 A1D7T G . 9.00 11.50 2.35
C07 A1D7T G . 10.66 10.68 0.62
C08 A1D7T G . 7.55 11.71 2.63
C09 A1D7T G . 11.13 9.23 0.31
C11 A1D7T G . 10.49 7.09 -1.03
C12 A1D7T G . 7.36 11.97 4.14
C14 A1D7T G . 9.30 4.91 -1.52
C16 A1D7T G . 8.62 2.94 -2.99
C18 A1D7T G . 7.95 10.80 4.91
C19 A1D7T G . 7.19 1.28 -1.63
C23 A1D7T G . 5.44 12.62 5.71
C25 A1D7T G . 3.91 9.97 6.39
C27 A1D7T G . 1.36 10.01 6.92
C29 A1D7T G . 0.51 8.69 6.69
C30 A1D7T G . -2.23 5.93 3.69
C31 A1D7T G . -2.35 4.42 3.53
C32 A1D7T G . -2.57 6.28 5.18
C33 A1D7T G . -2.64 4.09 2.07
C34 A1D7T G . -1.84 7.59 5.62
C35 A1D7T G . -1.73 4.93 1.20
C36 A1D7T G . 5.14 -0.29 -1.70
C37 A1D7T G . 0.47 8.39 5.19
C38 A1D7T G . -0.66 7.86 4.67
C39 A1D7T G . -2.34 4.98 -0.21
C40 A1D7T G . -3.30 6.21 -0.31
#